data_6K5M
# 
_entry.id   6K5M 
# 
_audit_conform.dict_name       mmcif_pdbx.dic 
_audit_conform.dict_version    5.398 
_audit_conform.dict_location   http://mmcif.pdb.org/dictionaries/ascii/mmcif_pdbx.dic 
# 
loop_
_database_2.database_id 
_database_2.database_code 
_database_2.pdbx_database_accession 
_database_2.pdbx_DOI 
PDB   6K5M         pdb_00006k5m 10.2210/pdb6k5m/pdb 
WWPDB D_1300012324 ?            ?                   
# 
loop_
_pdbx_audit_revision_history.ordinal 
_pdbx_audit_revision_history.data_content_type 
_pdbx_audit_revision_history.major_revision 
_pdbx_audit_revision_history.minor_revision 
_pdbx_audit_revision_history.revision_date 
1 'Structure model' 1 0 2020-06-03 
2 'Structure model' 1 1 2020-07-15 
3 'Structure model' 1 2 2021-09-22 
4 'Structure model' 1 3 2024-11-13 
# 
_pdbx_audit_revision_details.ordinal             1 
_pdbx_audit_revision_details.revision_ordinal    1 
_pdbx_audit_revision_details.data_content_type   'Structure model' 
_pdbx_audit_revision_details.provider            repository 
_pdbx_audit_revision_details.type                'Initial release' 
_pdbx_audit_revision_details.description         ? 
_pdbx_audit_revision_details.details             ? 
# 
loop_
_pdbx_audit_revision_group.ordinal 
_pdbx_audit_revision_group.revision_ordinal 
_pdbx_audit_revision_group.data_content_type 
_pdbx_audit_revision_group.group 
1 2 'Structure model' 'Database references' 
2 3 'Structure model' 'Database references' 
3 4 'Structure model' 'Data collection'     
4 4 'Structure model' 'Structure summary'   
# 
loop_
_pdbx_audit_revision_category.ordinal 
_pdbx_audit_revision_category.revision_ordinal 
_pdbx_audit_revision_category.data_content_type 
_pdbx_audit_revision_category.category 
1 2 'Structure model' citation                  
2 2 'Structure model' citation_author           
3 3 'Structure model' citation                  
4 3 'Structure model' citation_author           
5 3 'Structure model' database_2                
6 4 'Structure model' chem_comp_atom            
7 4 'Structure model' chem_comp_bond            
8 4 'Structure model' pdbx_entry_details        
9 4 'Structure model' pdbx_modification_feature 
# 
loop_
_pdbx_audit_revision_item.ordinal 
_pdbx_audit_revision_item.revision_ordinal 
_pdbx_audit_revision_item.data_content_type 
_pdbx_audit_revision_item.item 
1  2 'Structure model' '_citation.journal_abbrev'            
2  2 'Structure model' '_citation.journal_id_CSD'            
3  2 'Structure model' '_citation.journal_id_ISSN'           
4  2 'Structure model' '_citation.journal_volume'            
5  2 'Structure model' '_citation.page_first'                
6  2 'Structure model' '_citation.page_last'                 
7  2 'Structure model' '_citation.pdbx_database_id_DOI'      
8  2 'Structure model' '_citation.pdbx_database_id_PubMed'   
9  2 'Structure model' '_citation.title'                     
10 2 'Structure model' '_citation.year'                      
11 3 'Structure model' '_citation.country'                   
12 3 'Structure model' '_citation.journal_abbrev'            
13 3 'Structure model' '_citation.journal_id_ASTM'           
14 3 'Structure model' '_citation.journal_id_CSD'            
15 3 'Structure model' '_citation.journal_id_ISSN'           
16 3 'Structure model' '_citation.journal_volume'            
17 3 'Structure model' '_citation.page_first'                
18 3 'Structure model' '_citation.page_last'                 
19 3 'Structure model' '_citation.pdbx_database_id_DOI'      
20 3 'Structure model' '_citation.pdbx_database_id_PubMed'   
21 3 'Structure model' '_citation.title'                     
22 3 'Structure model' '_citation.year'                      
23 3 'Structure model' '_database_2.pdbx_DOI'                
24 3 'Structure model' '_database_2.pdbx_database_accession' 
# 
_pdbx_database_status.status_code                     REL 
_pdbx_database_status.status_code_sf                  REL 
_pdbx_database_status.status_code_mr                  ? 
_pdbx_database_status.entry_id                        6K5M 
_pdbx_database_status.recvd_initial_deposition_date   2019-05-29 
_pdbx_database_status.SG_entry                        N 
_pdbx_database_status.deposit_site                    PDBJ 
_pdbx_database_status.process_site                    PDBJ 
_pdbx_database_status.status_code_cs                  ? 
_pdbx_database_status.methods_development_category    ? 
_pdbx_database_status.pdb_format_compatible           Y 
_pdbx_database_status.status_code_nmr_data            ? 
# 
loop_
_audit_author.name 
_audit_author.pdbx_ordinal 
_audit_author.identifier_ORCID 
'Zhou, Y.Z.' 1 0000-0002-8542-6048 
'Liao, L.J.' 2 ?                   
'Liu, X.K.'  3 ?                   
'Guo, Y.'    4 ?                   
'Zhao, Y.C.' 5 ?                   
'Zeng, Z.X.' 6 ?                   
# 
_citation.abstract                  ? 
_citation.abstract_id_CAS           ? 
_citation.book_id_ISBN              ? 
_citation.book_publisher            ? 
_citation.book_publisher_city       ? 
_citation.book_title                ? 
_citation.coordinate_linkage        ? 
_citation.country                   GE 
_citation.database_id_Medline       ? 
_citation.details                   ? 
_citation.id                        primary 
_citation.journal_abbrev            Angew.Chem.Int.Ed.Engl. 
_citation.journal_id_ASTM           ACIEAY 
_citation.journal_id_CSD            0179 
_citation.journal_id_ISSN           1521-3773 
_citation.journal_full              ? 
_citation.journal_issue             ? 
_citation.journal_volume            60 
_citation.language                  ? 
_citation.page_first                12020 
_citation.page_last                 12026 
_citation.title                     
;Structural and Molecular Dynamics Analysis of Plant Serotonin N-Acetyltransferase Reveal an Acid/Base-Assisted Catalysis in Melatonin Biosynthesis.
;
_citation.year                      2021 
_citation.database_id_CSD           ? 
_citation.pdbx_database_id_DOI      10.1002/anie.202100992 
_citation.pdbx_database_id_PubMed   33682300 
_citation.unpublished_flag          ? 
# 
loop_
_citation_author.citation_id 
_citation_author.name 
_citation_author.ordinal 
_citation_author.identifier_ORCID 
primary 'Liao, L.'  1  ?                   
primary 'Zhou, Y.'  2  ?                   
primary 'Xu, Y.'    3  ?                   
primary 'Zhang, Y.' 4  ?                   
primary 'Liu, X.'   5  ?                   
primary 'Liu, B.'   6  ?                   
primary 'Chen, X.'  7  ?                   
primary 'Guo, Y.'   8  ?                   
primary 'Zeng, Z.'  9  ?                   
primary 'Zhao, Y.'  10 0000-0002-8962-5212 
# 
loop_
_entity.id 
_entity.type 
_entity.src_method 
_entity.pdbx_description 
_entity.formula_weight 
_entity.pdbx_number_of_molecules 
_entity.pdbx_ec 
_entity.pdbx_mutation 
_entity.pdbx_fragment 
_entity.details 
1 polymer man 'Serotonin N-acetyltransferase 1, chloroplastic' 19514.594 1  2.3.1.87,2.3.1.- ? ? ? 
2 water   nat water                                            18.015    81 ?                ? ? ? 
# 
_entity_name_com.entity_id   1 
_entity_name_com.name        'OsSNAT1,Nuclear shuttle protein-interacting protein homolog,Probable acetyltransferase NSI' 
# 
_entity_poly.entity_id                      1 
_entity_poly.type                           'polypeptide(L)' 
_entity_poly.nstd_linkage                   no 
_entity_poly.nstd_monomer                   yes 
_entity_poly.pdbx_seq_one_letter_code       
;LPEELVLLERTLADGSTEQIIFSSAGDVNVYDLQALCDKVGWPRRPLTKIAASLRNSYLVATLHSVT(MSE)PSKAEGEE
RKQLIG(MSE)ARATSDHAFNATIWDVLVDPSYQGQGLGKAL(MSE)EKVIRTLLQRDISNITLFADNKVVDFYKNLGFE
ADPQGIKG(MSE)FWYPRFLEHHHHHH
;
_entity_poly.pdbx_seq_one_letter_code_can   
;LPEELVLLERTLADGSTEQIIFSSAGDVNVYDLQALCDKVGWPRRPLTKIAASLRNSYLVATLHSVTMPSKAEGEERKQL
IGMARATSDHAFNATIWDVLVDPSYQGQGLGKALMEKVIRTLLQRDISNITLFADNKVVDFYKNLGFEADPQGIKGMFWY
PRFLEHHHHHH
;
_entity_poly.pdbx_strand_id                 A 
_entity_poly.pdbx_target_identifier         ? 
# 
_pdbx_entity_nonpoly.entity_id   2 
_pdbx_entity_nonpoly.name        water 
_pdbx_entity_nonpoly.comp_id     HOH 
# 
loop_
_entity_poly_seq.entity_id 
_entity_poly_seq.num 
_entity_poly_seq.mon_id 
_entity_poly_seq.hetero 
1 1   LEU n 
1 2   PRO n 
1 3   GLU n 
1 4   GLU n 
1 5   LEU n 
1 6   VAL n 
1 7   LEU n 
1 8   LEU n 
1 9   GLU n 
1 10  ARG n 
1 11  THR n 
1 12  LEU n 
1 13  ALA n 
1 14  ASP n 
1 15  GLY n 
1 16  SER n 
1 17  THR n 
1 18  GLU n 
1 19  GLN n 
1 20  ILE n 
1 21  ILE n 
1 22  PHE n 
1 23  SER n 
1 24  SER n 
1 25  ALA n 
1 26  GLY n 
1 27  ASP n 
1 28  VAL n 
1 29  ASN n 
1 30  VAL n 
1 31  TYR n 
1 32  ASP n 
1 33  LEU n 
1 34  GLN n 
1 35  ALA n 
1 36  LEU n 
1 37  CYS n 
1 38  ASP n 
1 39  LYS n 
1 40  VAL n 
1 41  GLY n 
1 42  TRP n 
1 43  PRO n 
1 44  ARG n 
1 45  ARG n 
1 46  PRO n 
1 47  LEU n 
1 48  THR n 
1 49  LYS n 
1 50  ILE n 
1 51  ALA n 
1 52  ALA n 
1 53  SER n 
1 54  LEU n 
1 55  ARG n 
1 56  ASN n 
1 57  SER n 
1 58  TYR n 
1 59  LEU n 
1 60  VAL n 
1 61  ALA n 
1 62  THR n 
1 63  LEU n 
1 64  HIS n 
1 65  SER n 
1 66  VAL n 
1 67  THR n 
1 68  MSE n 
1 69  PRO n 
1 70  SER n 
1 71  LYS n 
1 72  ALA n 
1 73  GLU n 
1 74  GLY n 
1 75  GLU n 
1 76  GLU n 
1 77  ARG n 
1 78  LYS n 
1 79  GLN n 
1 80  LEU n 
1 81  ILE n 
1 82  GLY n 
1 83  MSE n 
1 84  ALA n 
1 85  ARG n 
1 86  ALA n 
1 87  THR n 
1 88  SER n 
1 89  ASP n 
1 90  HIS n 
1 91  ALA n 
1 92  PHE n 
1 93  ASN n 
1 94  ALA n 
1 95  THR n 
1 96  ILE n 
1 97  TRP n 
1 98  ASP n 
1 99  VAL n 
1 100 LEU n 
1 101 VAL n 
1 102 ASP n 
1 103 PRO n 
1 104 SER n 
1 105 TYR n 
1 106 GLN n 
1 107 GLY n 
1 108 GLN n 
1 109 GLY n 
1 110 LEU n 
1 111 GLY n 
1 112 LYS n 
1 113 ALA n 
1 114 LEU n 
1 115 MSE n 
1 116 GLU n 
1 117 LYS n 
1 118 VAL n 
1 119 ILE n 
1 120 ARG n 
1 121 THR n 
1 122 LEU n 
1 123 LEU n 
1 124 GLN n 
1 125 ARG n 
1 126 ASP n 
1 127 ILE n 
1 128 SER n 
1 129 ASN n 
1 130 ILE n 
1 131 THR n 
1 132 LEU n 
1 133 PHE n 
1 134 ALA n 
1 135 ASP n 
1 136 ASN n 
1 137 LYS n 
1 138 VAL n 
1 139 VAL n 
1 140 ASP n 
1 141 PHE n 
1 142 TYR n 
1 143 LYS n 
1 144 ASN n 
1 145 LEU n 
1 146 GLY n 
1 147 PHE n 
1 148 GLU n 
1 149 ALA n 
1 150 ASP n 
1 151 PRO n 
1 152 GLN n 
1 153 GLY n 
1 154 ILE n 
1 155 LYS n 
1 156 GLY n 
1 157 MSE n 
1 158 PHE n 
1 159 TRP n 
1 160 TYR n 
1 161 PRO n 
1 162 ARG n 
1 163 PHE n 
1 164 LEU n 
1 165 GLU n 
1 166 HIS n 
1 167 HIS n 
1 168 HIS n 
1 169 HIS n 
1 170 HIS n 
1 171 HIS n 
# 
_entity_src_gen.entity_id                          1 
_entity_src_gen.pdbx_src_id                        1 
_entity_src_gen.pdbx_alt_source_flag               sample 
_entity_src_gen.pdbx_seq_type                      'Biological sequence' 
_entity_src_gen.pdbx_beg_seq_num                   1 
_entity_src_gen.pdbx_end_seq_num                   171 
_entity_src_gen.gene_src_common_name               Rice 
_entity_src_gen.gene_src_genus                     ? 
_entity_src_gen.pdbx_gene_src_gene                 
'SNAT1, GNAT5, NSI, SNAT, Os05g0481000, LOC_Os05g40260, OsJ_018182, OsJ_18949, OSJNBa0095J22.4' 
_entity_src_gen.gene_src_species                   ? 
_entity_src_gen.gene_src_strain                    ? 
_entity_src_gen.gene_src_tissue                    ? 
_entity_src_gen.gene_src_tissue_fraction           ? 
_entity_src_gen.gene_src_details                   ? 
_entity_src_gen.pdbx_gene_src_fragment             ? 
_entity_src_gen.pdbx_gene_src_scientific_name      'Oryza sativa subsp. japonica' 
_entity_src_gen.pdbx_gene_src_ncbi_taxonomy_id     39947 
_entity_src_gen.pdbx_gene_src_variant              ? 
_entity_src_gen.pdbx_gene_src_cell_line            ? 
_entity_src_gen.pdbx_gene_src_atcc                 ? 
_entity_src_gen.pdbx_gene_src_organ                ? 
_entity_src_gen.pdbx_gene_src_organelle            ? 
_entity_src_gen.pdbx_gene_src_cell                 ? 
_entity_src_gen.pdbx_gene_src_cellular_location    ? 
_entity_src_gen.host_org_common_name               ? 
_entity_src_gen.pdbx_host_org_scientific_name      'Escherichia coli BL21(DE3)' 
_entity_src_gen.pdbx_host_org_ncbi_taxonomy_id     469008 
_entity_src_gen.host_org_genus                     ? 
_entity_src_gen.pdbx_host_org_gene                 ? 
_entity_src_gen.pdbx_host_org_organ                ? 
_entity_src_gen.host_org_species                   ? 
_entity_src_gen.pdbx_host_org_tissue               ? 
_entity_src_gen.pdbx_host_org_tissue_fraction      ? 
_entity_src_gen.pdbx_host_org_strain               'BL21(DE3)' 
_entity_src_gen.pdbx_host_org_variant              ? 
_entity_src_gen.pdbx_host_org_cell_line            ? 
_entity_src_gen.pdbx_host_org_atcc                 ? 
_entity_src_gen.pdbx_host_org_culture_collection   ? 
_entity_src_gen.pdbx_host_org_cell                 ? 
_entity_src_gen.pdbx_host_org_organelle            ? 
_entity_src_gen.pdbx_host_org_cellular_location    ? 
_entity_src_gen.pdbx_host_org_vector_type          ? 
_entity_src_gen.pdbx_host_org_vector               ? 
_entity_src_gen.host_org_details                   ? 
_entity_src_gen.expression_system_id               ? 
_entity_src_gen.plasmid_name                       ? 
_entity_src_gen.plasmid_details                    ? 
_entity_src_gen.pdbx_description                   ? 
# 
loop_
_chem_comp.id 
_chem_comp.type 
_chem_comp.mon_nstd_flag 
_chem_comp.name 
_chem_comp.pdbx_synonyms 
_chem_comp.formula 
_chem_comp.formula_weight 
ALA 'L-peptide linking' y ALANINE          ? 'C3 H7 N O2'     89.093  
ARG 'L-peptide linking' y ARGININE         ? 'C6 H15 N4 O2 1' 175.209 
ASN 'L-peptide linking' y ASPARAGINE       ? 'C4 H8 N2 O3'    132.118 
ASP 'L-peptide linking' y 'ASPARTIC ACID'  ? 'C4 H7 N O4'     133.103 
CYS 'L-peptide linking' y CYSTEINE         ? 'C3 H7 N O2 S'   121.158 
GLN 'L-peptide linking' y GLUTAMINE        ? 'C5 H10 N2 O3'   146.144 
GLU 'L-peptide linking' y 'GLUTAMIC ACID'  ? 'C5 H9 N O4'     147.129 
GLY 'peptide linking'   y GLYCINE          ? 'C2 H5 N O2'     75.067  
HIS 'L-peptide linking' y HISTIDINE        ? 'C6 H10 N3 O2 1' 156.162 
HOH non-polymer         . WATER            ? 'H2 O'           18.015  
ILE 'L-peptide linking' y ISOLEUCINE       ? 'C6 H13 N O2'    131.173 
LEU 'L-peptide linking' y LEUCINE          ? 'C6 H13 N O2'    131.173 
LYS 'L-peptide linking' y LYSINE           ? 'C6 H15 N2 O2 1' 147.195 
MSE 'L-peptide linking' n SELENOMETHIONINE ? 'C5 H11 N O2 Se' 196.106 
PHE 'L-peptide linking' y PHENYLALANINE    ? 'C9 H11 N O2'    165.189 
PRO 'L-peptide linking' y PROLINE          ? 'C5 H9 N O2'     115.130 
SER 'L-peptide linking' y SERINE           ? 'C3 H7 N O3'     105.093 
THR 'L-peptide linking' y THREONINE        ? 'C4 H9 N O3'     119.119 
TRP 'L-peptide linking' y TRYPTOPHAN       ? 'C11 H12 N2 O2'  204.225 
TYR 'L-peptide linking' y TYROSINE         ? 'C9 H11 N O3'    181.189 
VAL 'L-peptide linking' y VALINE           ? 'C5 H11 N O2'    117.146 
# 
loop_
_pdbx_poly_seq_scheme.asym_id 
_pdbx_poly_seq_scheme.entity_id 
_pdbx_poly_seq_scheme.seq_id 
_pdbx_poly_seq_scheme.mon_id 
_pdbx_poly_seq_scheme.ndb_seq_num 
_pdbx_poly_seq_scheme.pdb_seq_num 
_pdbx_poly_seq_scheme.auth_seq_num 
_pdbx_poly_seq_scheme.pdb_mon_id 
_pdbx_poly_seq_scheme.auth_mon_id 
_pdbx_poly_seq_scheme.pdb_strand_id 
_pdbx_poly_seq_scheme.pdb_ins_code 
_pdbx_poly_seq_scheme.hetero 
A 1 1   LEU 1   92  92  LEU LEU A . n 
A 1 2   PRO 2   93  93  PRO PRO A . n 
A 1 3   GLU 3   94  94  GLU GLU A . n 
A 1 4   GLU 4   95  95  GLU GLU A . n 
A 1 5   LEU 5   96  96  LEU LEU A . n 
A 1 6   VAL 6   97  97  VAL VAL A . n 
A 1 7   LEU 7   98  98  LEU LEU A . n 
A 1 8   LEU 8   99  99  LEU LEU A . n 
A 1 9   GLU 9   100 100 GLU GLU A . n 
A 1 10  ARG 10  101 101 ARG ARG A . n 
A 1 11  THR 11  102 ?   ?   ?   A . n 
A 1 12  LEU 12  103 ?   ?   ?   A . n 
A 1 13  ALA 13  104 ?   ?   ?   A . n 
A 1 14  ASP 14  105 ?   ?   ?   A . n 
A 1 15  GLY 15  106 ?   ?   ?   A . n 
A 1 16  SER 16  107 ?   ?   ?   A . n 
A 1 17  THR 17  108 ?   ?   ?   A . n 
A 1 18  GLU 18  109 109 GLU GLU A . n 
A 1 19  GLN 19  110 110 GLN GLN A . n 
A 1 20  ILE 20  111 111 ILE ILE A . n 
A 1 21  ILE 21  112 112 ILE ILE A . n 
A 1 22  PHE 22  113 113 PHE PHE A . n 
A 1 23  SER 23  114 114 SER SER A . n 
A 1 24  SER 24  115 115 SER SER A . n 
A 1 25  ALA 25  116 116 ALA ALA A . n 
A 1 26  GLY 26  117 117 GLY GLY A . n 
A 1 27  ASP 27  118 118 ASP ASP A . n 
A 1 28  VAL 28  119 119 VAL VAL A . n 
A 1 29  ASN 29  120 120 ASN ASN A . n 
A 1 30  VAL 30  121 121 VAL VAL A . n 
A 1 31  TYR 31  122 122 TYR TYR A . n 
A 1 32  ASP 32  123 123 ASP ASP A . n 
A 1 33  LEU 33  124 124 LEU LEU A . n 
A 1 34  GLN 34  125 125 GLN GLN A . n 
A 1 35  ALA 35  126 126 ALA ALA A . n 
A 1 36  LEU 36  127 127 LEU LEU A . n 
A 1 37  CYS 37  128 128 CYS CYS A . n 
A 1 38  ASP 38  129 129 ASP ASP A . n 
A 1 39  LYS 39  130 130 LYS LYS A . n 
A 1 40  VAL 40  131 131 VAL VAL A . n 
A 1 41  GLY 41  132 132 GLY GLY A . n 
A 1 42  TRP 42  133 133 TRP TRP A . n 
A 1 43  PRO 43  134 134 PRO PRO A . n 
A 1 44  ARG 44  135 135 ARG ARG A . n 
A 1 45  ARG 45  136 136 ARG ARG A . n 
A 1 46  PRO 46  137 137 PRO PRO A . n 
A 1 47  LEU 47  138 138 LEU LEU A . n 
A 1 48  THR 48  139 139 THR THR A . n 
A 1 49  LYS 49  140 140 LYS LYS A . n 
A 1 50  ILE 50  141 141 ILE ILE A . n 
A 1 51  ALA 51  142 142 ALA ALA A . n 
A 1 52  ALA 52  143 143 ALA ALA A . n 
A 1 53  SER 53  144 144 SER SER A . n 
A 1 54  LEU 54  145 145 LEU LEU A . n 
A 1 55  ARG 55  146 146 ARG ARG A . n 
A 1 56  ASN 56  147 147 ASN ASN A . n 
A 1 57  SER 57  148 148 SER SER A . n 
A 1 58  TYR 58  149 149 TYR TYR A . n 
A 1 59  LEU 59  150 150 LEU LEU A . n 
A 1 60  VAL 60  151 151 VAL VAL A . n 
A 1 61  ALA 61  152 152 ALA ALA A . n 
A 1 62  THR 62  153 153 THR THR A . n 
A 1 63  LEU 63  154 154 LEU LEU A . n 
A 1 64  HIS 64  155 155 HIS HIS A . n 
A 1 65  SER 65  156 156 SER SER A . n 
A 1 66  VAL 66  157 157 VAL VAL A . n 
A 1 67  THR 67  158 158 THR THR A . n 
A 1 68  MSE 68  159 ?   ?   ?   A . n 
A 1 69  PRO 69  160 ?   ?   ?   A . n 
A 1 70  SER 70  161 ?   ?   ?   A . n 
A 1 71  LYS 71  162 ?   ?   ?   A . n 
A 1 72  ALA 72  163 ?   ?   ?   A . n 
A 1 73  GLU 73  164 ?   ?   ?   A . n 
A 1 74  GLY 74  165 ?   ?   ?   A . n 
A 1 75  GLU 75  166 ?   ?   ?   A . n 
A 1 76  GLU 76  167 ?   ?   ?   A . n 
A 1 77  ARG 77  168 168 ARG ARG A . n 
A 1 78  LYS 78  169 169 LYS LYS A . n 
A 1 79  GLN 79  170 170 GLN GLN A . n 
A 1 80  LEU 80  171 171 LEU LEU A . n 
A 1 81  ILE 81  172 172 ILE ILE A . n 
A 1 82  GLY 82  173 173 GLY GLY A . n 
A 1 83  MSE 83  174 174 MSE MSE A . n 
A 1 84  ALA 84  175 175 ALA ALA A . n 
A 1 85  ARG 85  176 176 ARG ARG A . n 
A 1 86  ALA 86  177 177 ALA ALA A . n 
A 1 87  THR 87  178 178 THR THR A . n 
A 1 88  SER 88  179 179 SER SER A . n 
A 1 89  ASP 89  180 180 ASP ASP A . n 
A 1 90  HIS 90  181 181 HIS HIS A . n 
A 1 91  ALA 91  182 182 ALA ALA A . n 
A 1 92  PHE 92  183 183 PHE PHE A . n 
A 1 93  ASN 93  184 184 ASN ASN A . n 
A 1 94  ALA 94  185 185 ALA ALA A . n 
A 1 95  THR 95  186 186 THR THR A . n 
A 1 96  ILE 96  187 187 ILE ILE A . n 
A 1 97  TRP 97  188 188 TRP TRP A . n 
A 1 98  ASP 98  189 189 ASP ASP A . n 
A 1 99  VAL 99  190 190 VAL VAL A . n 
A 1 100 LEU 100 191 191 LEU LEU A . n 
A 1 101 VAL 101 192 192 VAL VAL A . n 
A 1 102 ASP 102 193 193 ASP ASP A . n 
A 1 103 PRO 103 194 194 PRO PRO A . n 
A 1 104 SER 104 195 195 SER SER A . n 
A 1 105 TYR 105 196 196 TYR TYR A . n 
A 1 106 GLN 106 197 197 GLN GLN A . n 
A 1 107 GLY 107 198 198 GLY GLY A . n 
A 1 108 GLN 108 199 199 GLN GLN A . n 
A 1 109 GLY 109 200 200 GLY GLY A . n 
A 1 110 LEU 110 201 201 LEU LEU A . n 
A 1 111 GLY 111 202 202 GLY GLY A . n 
A 1 112 LYS 112 203 203 LYS LYS A . n 
A 1 113 ALA 113 204 204 ALA ALA A . n 
A 1 114 LEU 114 205 205 LEU LEU A . n 
A 1 115 MSE 115 206 206 MSE MSE A . n 
A 1 116 GLU 116 207 207 GLU GLU A . n 
A 1 117 LYS 117 208 208 LYS LYS A . n 
A 1 118 VAL 118 209 209 VAL VAL A . n 
A 1 119 ILE 119 210 210 ILE ILE A . n 
A 1 120 ARG 120 211 211 ARG ARG A . n 
A 1 121 THR 121 212 212 THR THR A . n 
A 1 122 LEU 122 213 213 LEU LEU A . n 
A 1 123 LEU 123 214 214 LEU LEU A . n 
A 1 124 GLN 124 215 215 GLN GLN A . n 
A 1 125 ARG 125 216 216 ARG ARG A . n 
A 1 126 ASP 126 217 217 ASP ASP A . n 
A 1 127 ILE 127 218 218 ILE ILE A . n 
A 1 128 SER 128 219 219 SER SER A . n 
A 1 129 ASN 129 220 220 ASN ASN A . n 
A 1 130 ILE 130 221 221 ILE ILE A . n 
A 1 131 THR 131 222 222 THR THR A . n 
A 1 132 LEU 132 223 223 LEU LEU A . n 
A 1 133 PHE 133 224 224 PHE PHE A . n 
A 1 134 ALA 134 225 225 ALA ALA A . n 
A 1 135 ASP 135 226 226 ASP ASP A . n 
A 1 136 ASN 136 227 227 ASN ASN A . n 
A 1 137 LYS 137 228 228 LYS LYS A . n 
A 1 138 VAL 138 229 229 VAL VAL A . n 
A 1 139 VAL 139 230 230 VAL VAL A . n 
A 1 140 ASP 140 231 231 ASP ASP A . n 
A 1 141 PHE 141 232 232 PHE PHE A . n 
A 1 142 TYR 142 233 233 TYR TYR A . n 
A 1 143 LYS 143 234 234 LYS LYS A . n 
A 1 144 ASN 144 235 235 ASN ASN A . n 
A 1 145 LEU 145 236 236 LEU LEU A . n 
A 1 146 GLY 146 237 237 GLY GLY A . n 
A 1 147 PHE 147 238 238 PHE PHE A . n 
A 1 148 GLU 148 239 239 GLU GLU A . n 
A 1 149 ALA 149 240 240 ALA ALA A . n 
A 1 150 ASP 150 241 241 ASP ASP A . n 
A 1 151 PRO 151 242 242 PRO PRO A . n 
A 1 152 GLN 152 243 243 GLN GLN A . n 
A 1 153 GLY 153 244 244 GLY GLY A . n 
A 1 154 ILE 154 245 245 ILE ILE A . n 
A 1 155 LYS 155 246 246 LYS LYS A . n 
A 1 156 GLY 156 247 247 GLY GLY A . n 
A 1 157 MSE 157 248 248 MSE MSE A . n 
A 1 158 PHE 158 249 249 PHE PHE A . n 
A 1 159 TRP 159 250 250 TRP TRP A . n 
A 1 160 TYR 160 251 251 TYR TYR A . n 
A 1 161 PRO 161 252 252 PRO PRO A . n 
A 1 162 ARG 162 253 253 ARG ARG A . n 
A 1 163 PHE 163 254 254 PHE PHE A . n 
A 1 164 LEU 164 255 255 LEU LEU A . n 
A 1 165 GLU 165 256 256 GLU GLU A . n 
A 1 166 HIS 166 257 257 HIS HIS A . n 
A 1 167 HIS 167 258 258 HIS HIS A . n 
A 1 168 HIS 168 259 259 HIS HIS A . n 
A 1 169 HIS 169 260 260 HIS HIS A . n 
A 1 170 HIS 170 261 261 HIS HIS A . n 
A 1 171 HIS 171 262 262 HIS HIS A . n 
# 
_pdbx_entity_instance_feature.ordinal        1 
_pdbx_entity_instance_feature.comp_id        MSE 
_pdbx_entity_instance_feature.asym_id        ? 
_pdbx_entity_instance_feature.seq_num        ? 
_pdbx_entity_instance_feature.auth_comp_id   MSE 
_pdbx_entity_instance_feature.auth_asym_id   ? 
_pdbx_entity_instance_feature.auth_seq_num   ? 
_pdbx_entity_instance_feature.feature_type   'SUBJECT OF INVESTIGATION' 
_pdbx_entity_instance_feature.details        ? 
# 
loop_
_pdbx_nonpoly_scheme.asym_id 
_pdbx_nonpoly_scheme.entity_id 
_pdbx_nonpoly_scheme.mon_id 
_pdbx_nonpoly_scheme.ndb_seq_num 
_pdbx_nonpoly_scheme.pdb_seq_num 
_pdbx_nonpoly_scheme.auth_seq_num 
_pdbx_nonpoly_scheme.pdb_mon_id 
_pdbx_nonpoly_scheme.auth_mon_id 
_pdbx_nonpoly_scheme.pdb_strand_id 
_pdbx_nonpoly_scheme.pdb_ins_code 
B 2 HOH 1  301 60 HOH HOH A . 
B 2 HOH 2  302 62 HOH HOH A . 
B 2 HOH 3  303 73 HOH HOH A . 
B 2 HOH 4  304 37 HOH HOH A . 
B 2 HOH 5  305 83 HOH HOH A . 
B 2 HOH 6  306 41 HOH HOH A . 
B 2 HOH 7  307 79 HOH HOH A . 
B 2 HOH 8  308 27 HOH HOH A . 
B 2 HOH 9  309 69 HOH HOH A . 
B 2 HOH 10 310 31 HOH HOH A . 
B 2 HOH 11 311 48 HOH HOH A . 
B 2 HOH 12 312 6  HOH HOH A . 
B 2 HOH 13 313 40 HOH HOH A . 
B 2 HOH 14 314 57 HOH HOH A . 
B 2 HOH 15 315 61 HOH HOH A . 
B 2 HOH 16 316 7  HOH HOH A . 
B 2 HOH 17 317 10 HOH HOH A . 
B 2 HOH 18 318 4  HOH HOH A . 
B 2 HOH 19 319 14 HOH HOH A . 
B 2 HOH 20 320 34 HOH HOH A . 
B 2 HOH 21 321 21 HOH HOH A . 
B 2 HOH 22 322 30 HOH HOH A . 
B 2 HOH 23 323 15 HOH HOH A . 
B 2 HOH 24 324 51 HOH HOH A . 
B 2 HOH 25 325 55 HOH HOH A . 
B 2 HOH 26 326 17 HOH HOH A . 
B 2 HOH 27 327 26 HOH HOH A . 
B 2 HOH 28 328 18 HOH HOH A . 
B 2 HOH 29 329 11 HOH HOH A . 
B 2 HOH 30 330 5  HOH HOH A . 
B 2 HOH 31 331 36 HOH HOH A . 
B 2 HOH 32 332 13 HOH HOH A . 
B 2 HOH 33 333 54 HOH HOH A . 
B 2 HOH 34 334 19 HOH HOH A . 
B 2 HOH 35 335 49 HOH HOH A . 
B 2 HOH 36 336 42 HOH HOH A . 
B 2 HOH 37 337 56 HOH HOH A . 
B 2 HOH 38 338 77 HOH HOH A . 
B 2 HOH 39 339 9  HOH HOH A . 
B 2 HOH 40 340 29 HOH HOH A . 
B 2 HOH 41 341 28 HOH HOH A . 
B 2 HOH 42 342 39 HOH HOH A . 
B 2 HOH 43 343 1  HOH HOH A . 
B 2 HOH 44 344 59 HOH HOH A . 
B 2 HOH 45 345 38 HOH HOH A . 
B 2 HOH 46 346 33 HOH HOH A . 
B 2 HOH 47 347 71 HOH HOH A . 
B 2 HOH 48 348 50 HOH HOH A . 
B 2 HOH 49 349 43 HOH HOH A . 
B 2 HOH 50 350 24 HOH HOH A . 
B 2 HOH 51 351 2  HOH HOH A . 
B 2 HOH 52 352 22 HOH HOH A . 
B 2 HOH 53 353 16 HOH HOH A . 
B 2 HOH 54 354 8  HOH HOH A . 
B 2 HOH 55 355 68 HOH HOH A . 
B 2 HOH 56 356 32 HOH HOH A . 
B 2 HOH 57 357 44 HOH HOH A . 
B 2 HOH 58 358 46 HOH HOH A . 
B 2 HOH 59 359 23 HOH HOH A . 
B 2 HOH 60 360 80 HOH HOH A . 
B 2 HOH 61 361 47 HOH HOH A . 
B 2 HOH 62 362 76 HOH HOH A . 
B 2 HOH 63 363 20 HOH HOH A . 
B 2 HOH 64 364 12 HOH HOH A . 
B 2 HOH 65 365 64 HOH HOH A . 
B 2 HOH 66 366 3  HOH HOH A . 
B 2 HOH 67 367 74 HOH HOH A . 
B 2 HOH 68 368 70 HOH HOH A . 
B 2 HOH 69 369 52 HOH HOH A . 
B 2 HOH 70 370 72 HOH HOH A . 
B 2 HOH 71 371 65 HOH HOH A . 
B 2 HOH 72 372 35 HOH HOH A . 
B 2 HOH 73 373 58 HOH HOH A . 
B 2 HOH 74 374 81 HOH HOH A . 
B 2 HOH 75 375 53 HOH HOH A . 
B 2 HOH 76 376 66 HOH HOH A . 
B 2 HOH 77 377 45 HOH HOH A . 
B 2 HOH 78 378 25 HOH HOH A . 
B 2 HOH 79 379 67 HOH HOH A . 
B 2 HOH 80 380 63 HOH HOH A . 
B 2 HOH 81 381 82 HOH HOH A . 
# 
loop_
_software.citation_id 
_software.classification 
_software.compiler_name 
_software.compiler_version 
_software.contact_author 
_software.contact_author_email 
_software.date 
_software.description 
_software.dependencies 
_software.hardware 
_software.language 
_software.location 
_software.mods 
_software.name 
_software.os 
_software.os_version 
_software.type 
_software.version 
_software.pdbx_ordinal 
? 'data scaling'    ? ? ? ? ? ? ? ? ? ? ? HKL-3000    ? ? ? .         1 
? refinement        ? ? ? ? ? ? ? ? ? ? ? PHENIX      ? ? ? 1.13_2998 2 
? 'data extraction' ? ? ? ? ? ? ? ? ? ? ? PDB_EXTRACT ? ? ? 3.25      3 
? 'data reduction'  ? ? ? ? ? ? ? ? ? ? ? HKL-3000    ? ? ? .         4 
? phasing           ? ? ? ? ? ? ? ? ? ? ? AutoSol     ? ? ? .         5 
# 
_cell.angle_alpha                  90.000 
_cell.angle_alpha_esd              ? 
_cell.angle_beta                   90.000 
_cell.angle_beta_esd               ? 
_cell.angle_gamma                  90.000 
_cell.angle_gamma_esd              ? 
_cell.entry_id                     6K5M 
_cell.details                      ? 
_cell.formula_units_Z              ? 
_cell.length_a                     66.893 
_cell.length_a_esd                 ? 
_cell.length_b                     66.893 
_cell.length_b_esd                 ? 
_cell.length_c                     82.692 
_cell.length_c_esd                 ? 
_cell.volume                       ? 
_cell.volume_esd                   ? 
_cell.Z_PDB                        8 
_cell.reciprocal_angle_alpha       ? 
_cell.reciprocal_angle_beta        ? 
_cell.reciprocal_angle_gamma       ? 
_cell.reciprocal_angle_alpha_esd   ? 
_cell.reciprocal_angle_beta_esd    ? 
_cell.reciprocal_angle_gamma_esd   ? 
_cell.reciprocal_length_a          ? 
_cell.reciprocal_length_b          ? 
_cell.reciprocal_length_c          ? 
_cell.reciprocal_length_a_esd      ? 
_cell.reciprocal_length_b_esd      ? 
_cell.reciprocal_length_c_esd      ? 
_cell.pdbx_unique_axis             ? 
# 
_symmetry.entry_id                         6K5M 
_symmetry.cell_setting                     ? 
_symmetry.Int_Tables_number                96 
_symmetry.space_group_name_Hall            ? 
_symmetry.space_group_name_H-M             'P 43 21 2' 
_symmetry.pdbx_full_space_group_name_H-M   ? 
# 
_exptl.absorpt_coefficient_mu     ? 
_exptl.absorpt_correction_T_max   ? 
_exptl.absorpt_correction_T_min   ? 
_exptl.absorpt_correction_type    ? 
_exptl.absorpt_process_details    ? 
_exptl.entry_id                   6K5M 
_exptl.crystals_number            1 
_exptl.details                    ? 
_exptl.method                     'X-RAY DIFFRACTION' 
_exptl.method_details             ? 
# 
_exptl_crystal.colour                      ? 
_exptl_crystal.density_diffrn              ? 
_exptl_crystal.density_Matthews            2.37 
_exptl_crystal.density_method              ? 
_exptl_crystal.density_percent_sol         48.10 
_exptl_crystal.description                 ? 
_exptl_crystal.F_000                       ? 
_exptl_crystal.id                          1 
_exptl_crystal.preparation                 ? 
_exptl_crystal.size_max                    ? 
_exptl_crystal.size_mid                    ? 
_exptl_crystal.size_min                    ? 
_exptl_crystal.size_rad                    ? 
_exptl_crystal.colour_lustre               ? 
_exptl_crystal.colour_modifier             ? 
_exptl_crystal.colour_primary              ? 
_exptl_crystal.density_meas                ? 
_exptl_crystal.density_meas_esd            ? 
_exptl_crystal.density_meas_gt             ? 
_exptl_crystal.density_meas_lt             ? 
_exptl_crystal.density_meas_temp           ? 
_exptl_crystal.density_meas_temp_esd       ? 
_exptl_crystal.density_meas_temp_gt        ? 
_exptl_crystal.density_meas_temp_lt        ? 
_exptl_crystal.pdbx_crystal_image_url      ? 
_exptl_crystal.pdbx_crystal_image_format   ? 
_exptl_crystal.pdbx_mosaicity              ? 
_exptl_crystal.pdbx_mosaicity_esd          ? 
# 
_exptl_crystal_grow.apparatus       ? 
_exptl_crystal_grow.atmosphere      ? 
_exptl_crystal_grow.crystal_id      1 
_exptl_crystal_grow.details         ? 
_exptl_crystal_grow.method          'VAPOR DIFFUSION' 
_exptl_crystal_grow.method_ref      ? 
_exptl_crystal_grow.pH              ? 
_exptl_crystal_grow.pressure        ? 
_exptl_crystal_grow.pressure_esd    ? 
_exptl_crystal_grow.seeding         ? 
_exptl_crystal_grow.seeding_ref     ? 
_exptl_crystal_grow.temp            277.15 
_exptl_crystal_grow.temp_details    ? 
_exptl_crystal_grow.temp_esd        ? 
_exptl_crystal_grow.time            ? 
_exptl_crystal_grow.pdbx_details    
;2M MgCl2,
18% PEG8000,
Tris-HCl, PH8.0
;
_exptl_crystal_grow.pdbx_pH_range   ? 
# 
_diffrn.ambient_environment              ? 
_diffrn.ambient_temp                     100 
_diffrn.ambient_temp_details             ? 
_diffrn.ambient_temp_esd                 ? 
_diffrn.crystal_id                       1 
_diffrn.crystal_support                  ? 
_diffrn.crystal_treatment                ? 
_diffrn.details                          ? 
_diffrn.id                               1 
_diffrn.ambient_pressure                 ? 
_diffrn.ambient_pressure_esd             ? 
_diffrn.ambient_pressure_gt              ? 
_diffrn.ambient_pressure_lt              ? 
_diffrn.ambient_temp_gt                  ? 
_diffrn.ambient_temp_lt                  ? 
_diffrn.pdbx_serial_crystal_experiment   N 
# 
_diffrn_detector.details                      ? 
_diffrn_detector.detector                     PIXEL 
_diffrn_detector.diffrn_id                    1 
_diffrn_detector.type                         'DECTRIS PILATUS 6M' 
_diffrn_detector.area_resol_mean              ? 
_diffrn_detector.dtime                        ? 
_diffrn_detector.pdbx_frames_total            ? 
_diffrn_detector.pdbx_collection_time_total   ? 
_diffrn_detector.pdbx_collection_date         2017-12-19 
_diffrn_detector.pdbx_frequency               ? 
# 
_diffrn_radiation.collimation                      ? 
_diffrn_radiation.diffrn_id                        1 
_diffrn_radiation.filter_edge                      ? 
_diffrn_radiation.inhomogeneity                    ? 
_diffrn_radiation.monochromator                    Se 
_diffrn_radiation.polarisn_norm                    ? 
_diffrn_radiation.polarisn_ratio                   ? 
_diffrn_radiation.probe                            ? 
_diffrn_radiation.type                             ? 
_diffrn_radiation.xray_symbol                      ? 
_diffrn_radiation.wavelength_id                    1 
_diffrn_radiation.pdbx_monochromatic_or_laue_m_l   M 
_diffrn_radiation.pdbx_wavelength_list             ? 
_diffrn_radiation.pdbx_wavelength                  ? 
_diffrn_radiation.pdbx_diffrn_protocol             'SINGLE WAVELENGTH' 
_diffrn_radiation.pdbx_analyzer                    ? 
_diffrn_radiation.pdbx_scattering_type             x-ray 
# 
_diffrn_radiation_wavelength.id           1 
_diffrn_radiation_wavelength.wavelength   0.97853 
_diffrn_radiation_wavelength.wt           1.0 
# 
_diffrn_source.current                     ? 
_diffrn_source.details                     ? 
_diffrn_source.diffrn_id                   1 
_diffrn_source.power                       ? 
_diffrn_source.size                        ? 
_diffrn_source.source                      SYNCHROTRON 
_diffrn_source.target                      ? 
_diffrn_source.type                        'SSRF BEAMLINE BL18U1' 
_diffrn_source.voltage                     ? 
_diffrn_source.take-off_angle              ? 
_diffrn_source.pdbx_wavelength_list        0.97853 
_diffrn_source.pdbx_wavelength             ? 
_diffrn_source.pdbx_synchrotron_beamline   BL18U1 
_diffrn_source.pdbx_synchrotron_site       SSRF 
# 
_reflns.B_iso_Wilson_estimate            35.140 
_reflns.entry_id                         6K5M 
_reflns.data_reduction_details           ? 
_reflns.data_reduction_method            ? 
_reflns.d_resolution_high                1.79 
_reflns.d_resolution_low                 50 
_reflns.details                          ? 
_reflns.limit_h_max                      ? 
_reflns.limit_h_min                      ? 
_reflns.limit_k_max                      ? 
_reflns.limit_k_min                      ? 
_reflns.limit_l_max                      ? 
_reflns.limit_l_min                      ? 
_reflns.number_all                       ? 
_reflns.number_obs                       18235 
_reflns.observed_criterion               ? 
_reflns.observed_criterion_F_max         ? 
_reflns.observed_criterion_F_min         ? 
_reflns.observed_criterion_I_max         ? 
_reflns.observed_criterion_I_min         ? 
_reflns.observed_criterion_sigma_F       ? 
_reflns.observed_criterion_sigma_I       ? 
_reflns.percent_possible_obs             100 
_reflns.R_free_details                   ? 
_reflns.Rmerge_F_all                     ? 
_reflns.Rmerge_F_obs                     ? 
_reflns.Friedel_coverage                 ? 
_reflns.number_gt                        ? 
_reflns.threshold_expression             ? 
_reflns.pdbx_redundancy                  24.9 
_reflns.pdbx_Rmerge_I_obs                0.098 
_reflns.pdbx_Rmerge_I_all                ? 
_reflns.pdbx_Rsym_value                  0.098 
_reflns.pdbx_netI_over_av_sigmaI         ? 
_reflns.pdbx_netI_over_sigmaI            67.435 
_reflns.pdbx_res_netI_over_av_sigmaI_2   ? 
_reflns.pdbx_res_netI_over_sigmaI_2      ? 
_reflns.pdbx_chi_squared                 ? 
_reflns.pdbx_scaling_rejects             ? 
_reflns.pdbx_d_res_high_opt              ? 
_reflns.pdbx_d_res_low_opt               ? 
_reflns.pdbx_d_res_opt_method            ? 
_reflns.phase_calculation_details        ? 
_reflns.pdbx_Rrim_I_all                  ? 
_reflns.pdbx_Rpim_I_all                  ? 
_reflns.pdbx_d_opt                       ? 
_reflns.pdbx_number_measured_all         ? 
_reflns.pdbx_diffrn_id                   1 
_reflns.pdbx_ordinal                     1 
_reflns.pdbx_CC_half                     ? 
_reflns.pdbx_R_split                     ? 
# 
_reflns_shell.d_res_high                  1.8 
_reflns_shell.d_res_low                   1.86 
_reflns_shell.meanI_over_sigI_all         ? 
_reflns_shell.meanI_over_sigI_obs         ? 
_reflns_shell.number_measured_all         ? 
_reflns_shell.number_measured_obs         ? 
_reflns_shell.number_possible             ? 
_reflns_shell.number_unique_all           ? 
_reflns_shell.number_unique_obs           1781 
_reflns_shell.percent_possible_all        100 
_reflns_shell.percent_possible_obs        ? 
_reflns_shell.Rmerge_F_all                ? 
_reflns_shell.Rmerge_F_obs                ? 
_reflns_shell.Rmerge_I_all                ? 
_reflns_shell.Rmerge_I_obs                0.857 
_reflns_shell.meanI_over_sigI_gt          ? 
_reflns_shell.meanI_over_uI_all           ? 
_reflns_shell.meanI_over_uI_gt            ? 
_reflns_shell.number_measured_gt          ? 
_reflns_shell.number_unique_gt            ? 
_reflns_shell.percent_possible_gt         ? 
_reflns_shell.Rmerge_F_gt                 ? 
_reflns_shell.Rmerge_I_gt                 ? 
_reflns_shell.pdbx_redundancy             26.3 
_reflns_shell.pdbx_Rsym_value             0.857 
_reflns_shell.pdbx_chi_squared            ? 
_reflns_shell.pdbx_netI_over_sigmaI_all   ? 
_reflns_shell.pdbx_netI_over_sigmaI_obs   ? 
_reflns_shell.pdbx_Rrim_I_all             ? 
_reflns_shell.pdbx_Rpim_I_all             ? 
_reflns_shell.pdbx_rejects                ? 
_reflns_shell.pdbx_ordinal                1 
_reflns_shell.pdbx_diffrn_id              1 
_reflns_shell.pdbx_CC_half                0.903 
_reflns_shell.pdbx_R_split                ? 
# 
_refine.aniso_B[1][1]                            ? 
_refine.aniso_B[1][2]                            ? 
_refine.aniso_B[1][3]                            ? 
_refine.aniso_B[2][2]                            ? 
_refine.aniso_B[2][3]                            ? 
_refine.aniso_B[3][3]                            ? 
_refine.B_iso_max                                91.740 
_refine.B_iso_mean                               40.8758 
_refine.B_iso_min                                20.450 
_refine.correlation_coeff_Fo_to_Fc               ? 
_refine.correlation_coeff_Fo_to_Fc_free          ? 
_refine.details                                  ? 
_refine.diff_density_max                         ? 
_refine.diff_density_max_esd                     ? 
_refine.diff_density_min                         ? 
_refine.diff_density_min_esd                     ? 
_refine.diff_density_rms                         ? 
_refine.diff_density_rms_esd                     ? 
_refine.entry_id                                 6K5M 
_refine.pdbx_refine_id                           'X-RAY DIFFRACTION' 
_refine.ls_abs_structure_details                 ? 
_refine.ls_abs_structure_Flack                   ? 
_refine.ls_abs_structure_Flack_esd               ? 
_refine.ls_abs_structure_Rogers                  ? 
_refine.ls_abs_structure_Rogers_esd              ? 
_refine.ls_d_res_high                            1.7930 
_refine.ls_d_res_low                             41.0580 
_refine.ls_extinction_coef                       ? 
_refine.ls_extinction_coef_esd                   ? 
_refine.ls_extinction_expression                 ? 
_refine.ls_extinction_method                     ? 
_refine.ls_goodness_of_fit_all                   ? 
_refine.ls_goodness_of_fit_all_esd               ? 
_refine.ls_goodness_of_fit_obs                   ? 
_refine.ls_goodness_of_fit_obs_esd               ? 
_refine.ls_hydrogen_treatment                    ? 
_refine.ls_matrix_type                           ? 
_refine.ls_number_constraints                    ? 
_refine.ls_number_parameters                     ? 
_refine.ls_number_reflns_all                     ? 
_refine.ls_number_reflns_obs                     18186 
_refine.ls_number_reflns_R_free                  1819 
_refine.ls_number_reflns_R_work                  ? 
_refine.ls_number_restraints                     ? 
_refine.ls_percent_reflns_obs                    99.8400 
_refine.ls_percent_reflns_R_free                 10.0000 
_refine.ls_R_factor_all                          ? 
_refine.ls_R_factor_obs                          0.2256 
_refine.ls_R_factor_R_free                       0.2342 
_refine.ls_R_factor_R_free_error                 ? 
_refine.ls_R_factor_R_free_error_details         ? 
_refine.ls_R_factor_R_work                       0.2247 
_refine.ls_R_Fsqd_factor_obs                     ? 
_refine.ls_R_I_factor_obs                        ? 
_refine.ls_redundancy_reflns_all                 ? 
_refine.ls_redundancy_reflns_obs                 ? 
_refine.ls_restrained_S_all                      ? 
_refine.ls_restrained_S_obs                      ? 
_refine.ls_shift_over_esd_max                    ? 
_refine.ls_shift_over_esd_mean                   ? 
_refine.ls_structure_factor_coef                 ? 
_refine.ls_weighting_details                     ? 
_refine.ls_weighting_scheme                      ? 
_refine.ls_wR_factor_all                         ? 
_refine.ls_wR_factor_obs                         ? 
_refine.ls_wR_factor_R_free                      ? 
_refine.ls_wR_factor_R_work                      ? 
_refine.occupancy_max                            ? 
_refine.occupancy_min                            ? 
_refine.solvent_model_details                    ? 
_refine.solvent_model_param_bsol                 ? 
_refine.solvent_model_param_ksol                 ? 
_refine.ls_R_factor_gt                           ? 
_refine.ls_goodness_of_fit_gt                    ? 
_refine.ls_goodness_of_fit_ref                   ? 
_refine.ls_shift_over_su_max                     ? 
_refine.ls_shift_over_su_max_lt                  ? 
_refine.ls_shift_over_su_mean                    ? 
_refine.ls_shift_over_su_mean_lt                 ? 
_refine.pdbx_ls_sigma_I                          ? 
_refine.pdbx_ls_sigma_F                          1.360 
_refine.pdbx_ls_sigma_Fsqd                       ? 
_refine.pdbx_data_cutoff_high_absF               ? 
_refine.pdbx_data_cutoff_high_rms_absF           ? 
_refine.pdbx_data_cutoff_low_absF                ? 
_refine.pdbx_isotropic_thermal_model             ? 
_refine.pdbx_ls_cross_valid_method               THROUGHOUT 
_refine.pdbx_method_to_determine_struct          SAD 
_refine.pdbx_starting_model                      ? 
_refine.pdbx_stereochemistry_target_values       ? 
_refine.pdbx_R_Free_selection_details            ? 
_refine.pdbx_stereochem_target_val_spec_case     ? 
_refine.pdbx_overall_ESU_R                       ? 
_refine.pdbx_overall_ESU_R_Free                  ? 
_refine.pdbx_solvent_vdw_probe_radii             1.1100 
_refine.pdbx_solvent_ion_probe_radii             ? 
_refine.pdbx_solvent_shrinkage_radii             0.9000 
_refine.pdbx_real_space_R                        ? 
_refine.pdbx_density_correlation                 ? 
_refine.pdbx_pd_number_of_powder_patterns        ? 
_refine.pdbx_pd_number_of_points                 ? 
_refine.pdbx_pd_meas_number_of_points            ? 
_refine.pdbx_pd_proc_ls_prof_R_factor            ? 
_refine.pdbx_pd_proc_ls_prof_wR_factor           ? 
_refine.pdbx_pd_Marquardt_correlation_coeff      ? 
_refine.pdbx_pd_Fsqrd_R_factor                   ? 
_refine.pdbx_pd_ls_matrix_band_width             ? 
_refine.pdbx_overall_phase_error                 24.1100 
_refine.pdbx_overall_SU_R_free_Cruickshank_DPI   ? 
_refine.pdbx_overall_SU_R_free_Blow_DPI          ? 
_refine.pdbx_overall_SU_R_Blow_DPI               ? 
_refine.pdbx_TLS_residual_ADP_flag               ? 
_refine.pdbx_diffrn_id                           1 
_refine.overall_SU_B                             ? 
_refine.overall_SU_ML                            0.2100 
_refine.overall_SU_R_Cruickshank_DPI             ? 
_refine.overall_SU_R_free                        ? 
_refine.overall_FOM_free_R_set                   ? 
_refine.overall_FOM_work_R_set                   ? 
_refine.pdbx_average_fsc_overall                 ? 
_refine.pdbx_average_fsc_work                    ? 
_refine.pdbx_average_fsc_free                    ? 
# 
_refine_hist.pdbx_refine_id                   'X-RAY DIFFRACTION' 
_refine_hist.cycle_id                         final 
_refine_hist.details                          ? 
_refine_hist.d_res_high                       1.7930 
_refine_hist.d_res_low                        41.0580 
_refine_hist.number_atoms_solvent             81 
_refine_hist.number_atoms_total               1331 
_refine_hist.number_reflns_all                ? 
_refine_hist.number_reflns_obs                ? 
_refine_hist.number_reflns_R_free             ? 
_refine_hist.number_reflns_R_work             ? 
_refine_hist.R_factor_all                     ? 
_refine_hist.R_factor_obs                     ? 
_refine_hist.R_factor_R_free                  ? 
_refine_hist.R_factor_R_work                  ? 
_refine_hist.pdbx_number_residues_total       155 
_refine_hist.pdbx_B_iso_mean_ligand           ? 
_refine_hist.pdbx_B_iso_mean_solvent          44.08 
_refine_hist.pdbx_number_atoms_protein        1250 
_refine_hist.pdbx_number_atoms_nucleic_acid   0 
_refine_hist.pdbx_number_atoms_ligand         0 
_refine_hist.pdbx_number_atoms_lipid          ? 
_refine_hist.pdbx_number_atoms_carb           ? 
_refine_hist.pdbx_pseudo_atom_details         ? 
# 
loop_
_refine_ls_shell.pdbx_refine_id 
_refine_ls_shell.d_res_high 
_refine_ls_shell.d_res_low 
_refine_ls_shell.number_reflns_all 
_refine_ls_shell.number_reflns_obs 
_refine_ls_shell.number_reflns_R_free 
_refine_ls_shell.number_reflns_R_work 
_refine_ls_shell.percent_reflns_obs 
_refine_ls_shell.percent_reflns_R_free 
_refine_ls_shell.R_factor_all 
_refine_ls_shell.R_factor_obs 
_refine_ls_shell.R_factor_R_free 
_refine_ls_shell.R_factor_R_free_error 
_refine_ls_shell.R_factor_R_work 
_refine_ls_shell.redundancy_reflns_all 
_refine_ls_shell.redundancy_reflns_obs 
_refine_ls_shell.wR_factor_all 
_refine_ls_shell.wR_factor_obs 
_refine_ls_shell.wR_factor_R_free 
_refine_ls_shell.wR_factor_R_work 
_refine_ls_shell.pdbx_total_number_of_bins_used 
_refine_ls_shell.pdbx_phase_error 
_refine_ls_shell.pdbx_fsc_work 
_refine_ls_shell.pdbx_fsc_free 
'X-RAY DIFFRACTION' 1.7928 1.8413  1339 . 134 1205 98.0000  . . . 0.3405 0.0000 0.2800 . . . . . . 13 . . . 
'X-RAY DIFFRACTION' 1.8413 1.8955  1371 . 137 1234 100.0000 . . . 0.3107 0.0000 0.2829 . . . . . . 13 . . . 
'X-RAY DIFFRACTION' 1.8955 1.9566  1362 . 136 1226 100.0000 . . . 0.3203 0.0000 0.2671 . . . . . . 13 . . . 
'X-RAY DIFFRACTION' 1.9566 2.0266  1397 . 139 1258 100.0000 . . . 0.2562 0.0000 0.2439 . . . . . . 13 . . . 
'X-RAY DIFFRACTION' 2.0266 2.1077  1357 . 137 1220 100.0000 . . . 0.2692 0.0000 0.2385 . . . . . . 13 . . . 
'X-RAY DIFFRACTION' 2.1077 2.2036  1382 . 138 1244 100.0000 . . . 0.2736 0.0000 0.2419 . . . . . . 13 . . . 
'X-RAY DIFFRACTION' 2.2036 2.3198  1388 . 138 1250 100.0000 . . . 0.2636 0.0000 0.2361 . . . . . . 13 . . . 
'X-RAY DIFFRACTION' 2.3198 2.4651  1384 . 139 1245 100.0000 . . . 0.2663 0.0000 0.2392 . . . . . . 13 . . . 
'X-RAY DIFFRACTION' 2.4651 2.6554  1401 . 140 1261 100.0000 . . . 0.2483 0.0000 0.2461 . . . . . . 13 . . . 
'X-RAY DIFFRACTION' 2.6554 2.9226  1402 . 140 1262 100.0000 . . . 0.2433 0.0000 0.2344 . . . . . . 13 . . . 
'X-RAY DIFFRACTION' 2.9226 3.3453  1423 . 143 1280 100.0000 . . . 0.2681 0.0000 0.2272 . . . . . . 13 . . . 
'X-RAY DIFFRACTION' 3.3453 4.2141  1441 . 143 1298 100.0000 . . . 0.2007 0.0000 0.2104 . . . . . . 13 . . . 
'X-RAY DIFFRACTION' 4.2141 41.0688 1539 . 155 1384 100.0000 . . . 0.2004 0.0000 0.2063 . . . . . . 13 . . . 
# 
_struct.entry_id                     6K5M 
_struct.title                        'The crystal structure of a serotonin N-acetyltransferase from Oryza Sativa (Rice)' 
_struct.pdbx_model_details           ? 
_struct.pdbx_formula_weight          ? 
_struct.pdbx_formula_weight_method   ? 
_struct.pdbx_model_type_details      ? 
_struct.pdbx_CASP_flag               N 
# 
_struct_keywords.entry_id        6K5M 
_struct_keywords.text            'serotonin N-acetyltransferase, TRANSFERASE' 
_struct_keywords.pdbx_keywords   TRANSFERASE 
# 
loop_
_struct_asym.id 
_struct_asym.pdbx_blank_PDB_chainid_flag 
_struct_asym.pdbx_modified 
_struct_asym.entity_id 
_struct_asym.details 
A N N 1 ? 
B N N 2 ? 
# 
_struct_ref.id                         1 
_struct_ref.db_name                    UNP 
_struct_ref.db_code                    SNAT1_ORYSJ 
_struct_ref.pdbx_db_accession          Q5KQI6 
_struct_ref.pdbx_db_isoform            ? 
_struct_ref.entity_id                  1 
_struct_ref.pdbx_seq_one_letter_code   
;LPEELVLLERTLADGSTEQIIFSSAGDVNVYDLQALCDKVGWPRRPLTKIAASLRNSYLVATLHSVTMPSKAEGEERKQL
IGMARATSDHAFNATIWDVLVDPSYQGQGLGKALMEKVIRTLLQRDISNITLFADNKVVDFYKNLGFEADPQGIKGMFWY
PRF
;
_struct_ref.pdbx_align_begin           92 
# 
_struct_ref_seq.align_id                      1 
_struct_ref_seq.ref_id                        1 
_struct_ref_seq.pdbx_PDB_id_code              6K5M 
_struct_ref_seq.pdbx_strand_id                A 
_struct_ref_seq.seq_align_beg                 1 
_struct_ref_seq.pdbx_seq_align_beg_ins_code   ? 
_struct_ref_seq.seq_align_end                 163 
_struct_ref_seq.pdbx_seq_align_end_ins_code   ? 
_struct_ref_seq.pdbx_db_accession             Q5KQI6 
_struct_ref_seq.db_align_beg                  92 
_struct_ref_seq.pdbx_db_align_beg_ins_code    ? 
_struct_ref_seq.db_align_end                  254 
_struct_ref_seq.pdbx_db_align_end_ins_code    ? 
_struct_ref_seq.pdbx_auth_seq_align_beg       92 
_struct_ref_seq.pdbx_auth_seq_align_end       254 
# 
loop_
_struct_ref_seq_dif.align_id 
_struct_ref_seq_dif.pdbx_pdb_id_code 
_struct_ref_seq_dif.mon_id 
_struct_ref_seq_dif.pdbx_pdb_strand_id 
_struct_ref_seq_dif.seq_num 
_struct_ref_seq_dif.pdbx_pdb_ins_code 
_struct_ref_seq_dif.pdbx_seq_db_name 
_struct_ref_seq_dif.pdbx_seq_db_accession_code 
_struct_ref_seq_dif.db_mon_id 
_struct_ref_seq_dif.pdbx_seq_db_seq_num 
_struct_ref_seq_dif.details 
_struct_ref_seq_dif.pdbx_auth_seq_num 
_struct_ref_seq_dif.pdbx_ordinal 
1 6K5M LEU A 164 ? UNP Q5KQI6 ? ? 'expression tag' 255 1 
1 6K5M GLU A 165 ? UNP Q5KQI6 ? ? 'expression tag' 256 2 
1 6K5M HIS A 166 ? UNP Q5KQI6 ? ? 'expression tag' 257 3 
1 6K5M HIS A 167 ? UNP Q5KQI6 ? ? 'expression tag' 258 4 
1 6K5M HIS A 168 ? UNP Q5KQI6 ? ? 'expression tag' 259 5 
1 6K5M HIS A 169 ? UNP Q5KQI6 ? ? 'expression tag' 260 6 
1 6K5M HIS A 170 ? UNP Q5KQI6 ? ? 'expression tag' 261 7 
1 6K5M HIS A 171 ? UNP Q5KQI6 ? ? 'expression tag' 262 8 
# 
_pdbx_struct_assembly.id                   1 
_pdbx_struct_assembly.details              author_defined_assembly 
_pdbx_struct_assembly.method_details       ? 
_pdbx_struct_assembly.oligomeric_details   monomeric 
_pdbx_struct_assembly.oligomeric_count     1 
# 
loop_
_pdbx_struct_assembly_prop.biol_id 
_pdbx_struct_assembly_prop.type 
_pdbx_struct_assembly_prop.value 
_pdbx_struct_assembly_prop.details 
1 'ABSA (A^2)' 0    ? 
1 MORE         0    ? 
1 'SSA (A^2)'  9450 ? 
# 
_pdbx_struct_assembly_gen.assembly_id       1 
_pdbx_struct_assembly_gen.oper_expression   1 
_pdbx_struct_assembly_gen.asym_id_list      A,B 
# 
_pdbx_struct_assembly_auth_evidence.id                     1 
_pdbx_struct_assembly_auth_evidence.assembly_id            1 
_pdbx_struct_assembly_auth_evidence.experimental_support   'gel filtration' 
_pdbx_struct_assembly_auth_evidence.details                ? 
# 
_pdbx_struct_oper_list.id                   1 
_pdbx_struct_oper_list.type                 'identity operation' 
_pdbx_struct_oper_list.name                 1_555 
_pdbx_struct_oper_list.symmetry_operation   x,y,z 
_pdbx_struct_oper_list.matrix[1][1]         1.0000000000 
_pdbx_struct_oper_list.matrix[1][2]         0.0000000000 
_pdbx_struct_oper_list.matrix[1][3]         0.0000000000 
_pdbx_struct_oper_list.vector[1]            0.0000000000 
_pdbx_struct_oper_list.matrix[2][1]         0.0000000000 
_pdbx_struct_oper_list.matrix[2][2]         1.0000000000 
_pdbx_struct_oper_list.matrix[2][3]         0.0000000000 
_pdbx_struct_oper_list.vector[2]            0.0000000000 
_pdbx_struct_oper_list.matrix[3][1]         0.0000000000 
_pdbx_struct_oper_list.matrix[3][2]         0.0000000000 
_pdbx_struct_oper_list.matrix[3][3]         1.0000000000 
_pdbx_struct_oper_list.vector[3]            0.0000000000 
# 
loop_
_struct_conf.conf_type_id 
_struct_conf.id 
_struct_conf.pdbx_PDB_helix_id 
_struct_conf.beg_label_comp_id 
_struct_conf.beg_label_asym_id 
_struct_conf.beg_label_seq_id 
_struct_conf.pdbx_beg_PDB_ins_code 
_struct_conf.end_label_comp_id 
_struct_conf.end_label_asym_id 
_struct_conf.end_label_seq_id 
_struct_conf.pdbx_end_PDB_ins_code 
_struct_conf.beg_auth_comp_id 
_struct_conf.beg_auth_asym_id 
_struct_conf.beg_auth_seq_id 
_struct_conf.end_auth_comp_id 
_struct_conf.end_auth_asym_id 
_struct_conf.end_auth_seq_id 
_struct_conf.pdbx_PDB_helix_class 
_struct_conf.details 
_struct_conf.pdbx_PDB_helix_length 
HELX_P HELX_P1 AA1 ASN A 29  ? VAL A 40  ? ASN A 120 VAL A 131 1 ? 12 
HELX_P HELX_P2 AA2 PRO A 46  ? ASN A 56  ? PRO A 137 ASN A 147 1 ? 11 
HELX_P HELX_P3 AA3 PRO A 103 ? GLN A 106 ? PRO A 194 GLN A 197 5 ? 4  
HELX_P HELX_P4 AA4 GLY A 109 ? ARG A 125 ? GLY A 200 ARG A 216 1 ? 17 
HELX_P HELX_P5 AA5 ASP A 135 ? LYS A 137 ? ASP A 226 LYS A 228 5 ? 3  
HELX_P HELX_P6 AA6 VAL A 138 ? GLY A 146 ? VAL A 229 GLY A 237 1 ? 9  
HELX_P HELX_P7 AA7 ASP A 150 ? ILE A 154 ? ASP A 241 ILE A 245 5 ? 5  
# 
_struct_conf_type.id          HELX_P 
_struct_conf_type.criteria    ? 
_struct_conf_type.reference   ? 
# 
loop_
_struct_conn.id 
_struct_conn.conn_type_id 
_struct_conn.pdbx_leaving_atom_flag 
_struct_conn.pdbx_PDB_id 
_struct_conn.ptnr1_label_asym_id 
_struct_conn.ptnr1_label_comp_id 
_struct_conn.ptnr1_label_seq_id 
_struct_conn.ptnr1_label_atom_id 
_struct_conn.pdbx_ptnr1_label_alt_id 
_struct_conn.pdbx_ptnr1_PDB_ins_code 
_struct_conn.pdbx_ptnr1_standard_comp_id 
_struct_conn.ptnr1_symmetry 
_struct_conn.ptnr2_label_asym_id 
_struct_conn.ptnr2_label_comp_id 
_struct_conn.ptnr2_label_seq_id 
_struct_conn.ptnr2_label_atom_id 
_struct_conn.pdbx_ptnr2_label_alt_id 
_struct_conn.pdbx_ptnr2_PDB_ins_code 
_struct_conn.ptnr1_auth_asym_id 
_struct_conn.ptnr1_auth_comp_id 
_struct_conn.ptnr1_auth_seq_id 
_struct_conn.ptnr2_auth_asym_id 
_struct_conn.ptnr2_auth_comp_id 
_struct_conn.ptnr2_auth_seq_id 
_struct_conn.ptnr2_symmetry 
_struct_conn.pdbx_ptnr3_label_atom_id 
_struct_conn.pdbx_ptnr3_label_seq_id 
_struct_conn.pdbx_ptnr3_label_comp_id 
_struct_conn.pdbx_ptnr3_label_asym_id 
_struct_conn.pdbx_ptnr3_label_alt_id 
_struct_conn.pdbx_ptnr3_PDB_ins_code 
_struct_conn.details 
_struct_conn.pdbx_dist_value 
_struct_conn.pdbx_value_order 
_struct_conn.pdbx_role 
covale1 covale both ? A GLY 82  C ? ? ? 1_555 A MSE 83  N ? ? A GLY 173 A MSE 174 1_555 ? ? ? ? ? ? ? 1.324 ? ? 
covale2 covale both ? A MSE 83  C ? ? ? 1_555 A ALA 84  N ? ? A MSE 174 A ALA 175 1_555 ? ? ? ? ? ? ? 1.322 ? ? 
covale3 covale both ? A LEU 114 C ? ? ? 1_555 A MSE 115 N ? ? A LEU 205 A MSE 206 1_555 ? ? ? ? ? ? ? 1.331 ? ? 
covale4 covale both ? A MSE 115 C ? ? ? 1_555 A GLU 116 N ? ? A MSE 206 A GLU 207 1_555 ? ? ? ? ? ? ? 1.319 ? ? 
covale5 covale both ? A GLY 156 C ? ? ? 1_555 A MSE 157 N ? ? A GLY 247 A MSE 248 1_555 ? ? ? ? ? ? ? 1.334 ? ? 
covale6 covale both ? A MSE 157 C ? ? ? 1_555 A PHE 158 N ? ? A MSE 248 A PHE 249 1_555 ? ? ? ? ? ? ? 1.332 ? ? 
# 
_struct_conn_type.id          covale 
_struct_conn_type.criteria    ? 
_struct_conn_type.reference   ? 
# 
loop_
_pdbx_modification_feature.ordinal 
_pdbx_modification_feature.label_comp_id 
_pdbx_modification_feature.label_asym_id 
_pdbx_modification_feature.label_seq_id 
_pdbx_modification_feature.label_alt_id 
_pdbx_modification_feature.modified_residue_label_comp_id 
_pdbx_modification_feature.modified_residue_label_asym_id 
_pdbx_modification_feature.modified_residue_label_seq_id 
_pdbx_modification_feature.modified_residue_label_alt_id 
_pdbx_modification_feature.auth_comp_id 
_pdbx_modification_feature.auth_asym_id 
_pdbx_modification_feature.auth_seq_id 
_pdbx_modification_feature.PDB_ins_code 
_pdbx_modification_feature.symmetry 
_pdbx_modification_feature.modified_residue_auth_comp_id 
_pdbx_modification_feature.modified_residue_auth_asym_id 
_pdbx_modification_feature.modified_residue_auth_seq_id 
_pdbx_modification_feature.modified_residue_PDB_ins_code 
_pdbx_modification_feature.modified_residue_symmetry 
_pdbx_modification_feature.comp_id_linking_atom 
_pdbx_modification_feature.modified_residue_id_linking_atom 
_pdbx_modification_feature.modified_residue_id 
_pdbx_modification_feature.ref_pcm_id 
_pdbx_modification_feature.ref_comp_id 
_pdbx_modification_feature.type 
_pdbx_modification_feature.category 
1 MSE A 83  ? . . . . MSE A 174 ? 1_555 . . . . . . . MET 1 MSE Selenomethionine 'Named protein modification' 
2 MSE A 115 ? . . . . MSE A 206 ? 1_555 . . . . . . . MET 1 MSE Selenomethionine 'Named protein modification' 
3 MSE A 157 ? . . . . MSE A 248 ? 1_555 . . . . . . . MET 1 MSE Selenomethionine 'Named protein modification' 
# 
_struct_sheet.id               AA1 
_struct_sheet.type             ? 
_struct_sheet.number_strands   6 
_struct_sheet.details          ? 
# 
loop_
_struct_sheet_order.sheet_id 
_struct_sheet_order.range_id_1 
_struct_sheet_order.range_id_2 
_struct_sheet_order.offset 
_struct_sheet_order.sense 
AA1 1 2 ? anti-parallel 
AA1 2 3 ? anti-parallel 
AA1 3 4 ? anti-parallel 
AA1 4 5 ? anti-parallel 
AA1 5 6 ? parallel      
# 
loop_
_struct_sheet_range.sheet_id 
_struct_sheet_range.id 
_struct_sheet_range.beg_label_comp_id 
_struct_sheet_range.beg_label_asym_id 
_struct_sheet_range.beg_label_seq_id 
_struct_sheet_range.pdbx_beg_PDB_ins_code 
_struct_sheet_range.end_label_comp_id 
_struct_sheet_range.end_label_asym_id 
_struct_sheet_range.end_label_seq_id 
_struct_sheet_range.pdbx_end_PDB_ins_code 
_struct_sheet_range.beg_auth_comp_id 
_struct_sheet_range.beg_auth_asym_id 
_struct_sheet_range.beg_auth_seq_id 
_struct_sheet_range.end_auth_comp_id 
_struct_sheet_range.end_auth_asym_id 
_struct_sheet_range.end_auth_seq_id 
AA1 1 GLU A 4   ? LEU A 8   ? GLU A 95  LEU A 99  
AA1 2 GLN A 19  ? SER A 23  ? GLN A 110 SER A 114 
AA1 3 LEU A 59  ? VAL A 66  ? LEU A 150 VAL A 157 
AA1 4 GLN A 79  ? SER A 88  ? GLN A 170 SER A 179 
AA1 5 ASN A 93  ? VAL A 101 ? ASN A 184 VAL A 192 
AA1 6 ASN A 129 ? LEU A 132 ? ASN A 220 LEU A 223 
# 
loop_
_pdbx_struct_sheet_hbond.sheet_id 
_pdbx_struct_sheet_hbond.range_id_1 
_pdbx_struct_sheet_hbond.range_id_2 
_pdbx_struct_sheet_hbond.range_1_label_atom_id 
_pdbx_struct_sheet_hbond.range_1_label_comp_id 
_pdbx_struct_sheet_hbond.range_1_label_asym_id 
_pdbx_struct_sheet_hbond.range_1_label_seq_id 
_pdbx_struct_sheet_hbond.range_1_PDB_ins_code 
_pdbx_struct_sheet_hbond.range_1_auth_atom_id 
_pdbx_struct_sheet_hbond.range_1_auth_comp_id 
_pdbx_struct_sheet_hbond.range_1_auth_asym_id 
_pdbx_struct_sheet_hbond.range_1_auth_seq_id 
_pdbx_struct_sheet_hbond.range_2_label_atom_id 
_pdbx_struct_sheet_hbond.range_2_label_comp_id 
_pdbx_struct_sheet_hbond.range_2_label_asym_id 
_pdbx_struct_sheet_hbond.range_2_label_seq_id 
_pdbx_struct_sheet_hbond.range_2_PDB_ins_code 
_pdbx_struct_sheet_hbond.range_2_auth_atom_id 
_pdbx_struct_sheet_hbond.range_2_auth_comp_id 
_pdbx_struct_sheet_hbond.range_2_auth_asym_id 
_pdbx_struct_sheet_hbond.range_2_auth_seq_id 
AA1 1 2 N LEU A 7  ? N LEU A 98  O ILE A 20  ? O ILE A 111 
AA1 2 3 N SER A 23 ? N SER A 114 O THR A 62  ? O THR A 153 
AA1 3 4 N ALA A 61 ? N ALA A 152 O ALA A 84  ? O ALA A 175 
AA1 4 5 N MSE A 83 ? N MSE A 174 O LEU A 100 ? O LEU A 191 
AA1 5 6 N ILE A 96 ? N ILE A 187 O THR A 131 ? O THR A 222 
# 
_pdbx_entry_details.entry_id                   6K5M 
_pdbx_entry_details.compound_details           ? 
_pdbx_entry_details.source_details             ? 
_pdbx_entry_details.nonpolymer_details         ? 
_pdbx_entry_details.sequence_details           ? 
_pdbx_entry_details.has_ligand_of_interest     ? 
_pdbx_entry_details.has_protein_modification   Y 
# 
loop_
_pdbx_validate_close_contact.id 
_pdbx_validate_close_contact.PDB_model_num 
_pdbx_validate_close_contact.auth_atom_id_1 
_pdbx_validate_close_contact.auth_asym_id_1 
_pdbx_validate_close_contact.auth_comp_id_1 
_pdbx_validate_close_contact.auth_seq_id_1 
_pdbx_validate_close_contact.PDB_ins_code_1 
_pdbx_validate_close_contact.label_alt_id_1 
_pdbx_validate_close_contact.auth_atom_id_2 
_pdbx_validate_close_contact.auth_asym_id_2 
_pdbx_validate_close_contact.auth_comp_id_2 
_pdbx_validate_close_contact.auth_seq_id_2 
_pdbx_validate_close_contact.PDB_ins_code_2 
_pdbx_validate_close_contact.label_alt_id_2 
_pdbx_validate_close_contact.dist 
1 1 O   A HOH 374 ? ? O   A HOH 381 ? ? 1.96 
2 1 NH2 A ARG 101 ? ? OE1 A GLN 199 ? ? 2.17 
3 1 NH2 A ARG 136 ? ? O   A HOH 301 ? ? 2.19 
# 
_pdbx_validate_rmsd_angle.id                         1 
_pdbx_validate_rmsd_angle.PDB_model_num              1 
_pdbx_validate_rmsd_angle.auth_atom_id_1             CG 
_pdbx_validate_rmsd_angle.auth_asym_id_1             A 
_pdbx_validate_rmsd_angle.auth_comp_id_1             MSE 
_pdbx_validate_rmsd_angle.auth_seq_id_1              174 
_pdbx_validate_rmsd_angle.PDB_ins_code_1             ? 
_pdbx_validate_rmsd_angle.label_alt_id_1             ? 
_pdbx_validate_rmsd_angle.auth_atom_id_2             SE 
_pdbx_validate_rmsd_angle.auth_asym_id_2             A 
_pdbx_validate_rmsd_angle.auth_comp_id_2             MSE 
_pdbx_validate_rmsd_angle.auth_seq_id_2              174 
_pdbx_validate_rmsd_angle.PDB_ins_code_2             ? 
_pdbx_validate_rmsd_angle.label_alt_id_2             ? 
_pdbx_validate_rmsd_angle.auth_atom_id_3             CE 
_pdbx_validate_rmsd_angle.auth_asym_id_3             A 
_pdbx_validate_rmsd_angle.auth_comp_id_3             MSE 
_pdbx_validate_rmsd_angle.auth_seq_id_3              174 
_pdbx_validate_rmsd_angle.PDB_ins_code_3             ? 
_pdbx_validate_rmsd_angle.label_alt_id_3             ? 
_pdbx_validate_rmsd_angle.angle_value                119.96 
_pdbx_validate_rmsd_angle.angle_target_value         98.90 
_pdbx_validate_rmsd_angle.angle_deviation            21.06 
_pdbx_validate_rmsd_angle.angle_standard_deviation   2.20 
_pdbx_validate_rmsd_angle.linker_flag                N 
# 
_pdbx_validate_torsion.id              1 
_pdbx_validate_torsion.PDB_model_num   1 
_pdbx_validate_torsion.auth_comp_id    ALA 
_pdbx_validate_torsion.auth_asym_id    A 
_pdbx_validate_torsion.auth_seq_id     182 
_pdbx_validate_torsion.PDB_ins_code    ? 
_pdbx_validate_torsion.label_alt_id    ? 
_pdbx_validate_torsion.phi             -135.06 
_pdbx_validate_torsion.psi             -57.19 
# 
loop_
_pdbx_struct_mod_residue.id 
_pdbx_struct_mod_residue.label_asym_id 
_pdbx_struct_mod_residue.label_comp_id 
_pdbx_struct_mod_residue.label_seq_id 
_pdbx_struct_mod_residue.auth_asym_id 
_pdbx_struct_mod_residue.auth_comp_id 
_pdbx_struct_mod_residue.auth_seq_id 
_pdbx_struct_mod_residue.PDB_ins_code 
_pdbx_struct_mod_residue.parent_comp_id 
_pdbx_struct_mod_residue.details 
1 A MSE 83  A MSE 174 ? MET 'modified residue' 
2 A MSE 115 A MSE 206 ? MET 'modified residue' 
3 A MSE 157 A MSE 248 ? MET 'modified residue' 
# 
loop_
_pdbx_struct_special_symmetry.id 
_pdbx_struct_special_symmetry.PDB_model_num 
_pdbx_struct_special_symmetry.auth_asym_id 
_pdbx_struct_special_symmetry.auth_comp_id 
_pdbx_struct_special_symmetry.auth_seq_id 
_pdbx_struct_special_symmetry.PDB_ins_code 
_pdbx_struct_special_symmetry.label_asym_id 
_pdbx_struct_special_symmetry.label_comp_id 
_pdbx_struct_special_symmetry.label_seq_id 
1 1 A HOH 318 ? B HOH . 
2 1 A HOH 370 ? B HOH . 
# 
loop_
_pdbx_unobs_or_zero_occ_residues.id 
_pdbx_unobs_or_zero_occ_residues.PDB_model_num 
_pdbx_unobs_or_zero_occ_residues.polymer_flag 
_pdbx_unobs_or_zero_occ_residues.occupancy_flag 
_pdbx_unobs_or_zero_occ_residues.auth_asym_id 
_pdbx_unobs_or_zero_occ_residues.auth_comp_id 
_pdbx_unobs_or_zero_occ_residues.auth_seq_id 
_pdbx_unobs_or_zero_occ_residues.PDB_ins_code 
_pdbx_unobs_or_zero_occ_residues.label_asym_id 
_pdbx_unobs_or_zero_occ_residues.label_comp_id 
_pdbx_unobs_or_zero_occ_residues.label_seq_id 
1  1 Y 1 A THR 102 ? A THR 11 
2  1 Y 1 A LEU 103 ? A LEU 12 
3  1 Y 1 A ALA 104 ? A ALA 13 
4  1 Y 1 A ASP 105 ? A ASP 14 
5  1 Y 1 A GLY 106 ? A GLY 15 
6  1 Y 1 A SER 107 ? A SER 16 
7  1 Y 1 A THR 108 ? A THR 17 
8  1 Y 1 A MSE 159 ? A MSE 68 
9  1 Y 1 A PRO 160 ? A PRO 69 
10 1 Y 1 A SER 161 ? A SER 70 
11 1 Y 1 A LYS 162 ? A LYS 71 
12 1 Y 1 A ALA 163 ? A ALA 72 
13 1 Y 1 A GLU 164 ? A GLU 73 
14 1 Y 1 A GLY 165 ? A GLY 74 
15 1 Y 1 A GLU 166 ? A GLU 75 
16 1 Y 1 A GLU 167 ? A GLU 76 
# 
loop_
_chem_comp_atom.comp_id 
_chem_comp_atom.atom_id 
_chem_comp_atom.type_symbol 
_chem_comp_atom.pdbx_aromatic_flag 
_chem_comp_atom.pdbx_stereo_config 
_chem_comp_atom.pdbx_ordinal 
ALA N    N  N N 1   
ALA CA   C  N S 2   
ALA C    C  N N 3   
ALA O    O  N N 4   
ALA CB   C  N N 5   
ALA OXT  O  N N 6   
ALA H    H  N N 7   
ALA H2   H  N N 8   
ALA HA   H  N N 9   
ALA HB1  H  N N 10  
ALA HB2  H  N N 11  
ALA HB3  H  N N 12  
ALA HXT  H  N N 13  
ARG N    N  N N 14  
ARG CA   C  N S 15  
ARG C    C  N N 16  
ARG O    O  N N 17  
ARG CB   C  N N 18  
ARG CG   C  N N 19  
ARG CD   C  N N 20  
ARG NE   N  N N 21  
ARG CZ   C  N N 22  
ARG NH1  N  N N 23  
ARG NH2  N  N N 24  
ARG OXT  O  N N 25  
ARG H    H  N N 26  
ARG H2   H  N N 27  
ARG HA   H  N N 28  
ARG HB2  H  N N 29  
ARG HB3  H  N N 30  
ARG HG2  H  N N 31  
ARG HG3  H  N N 32  
ARG HD2  H  N N 33  
ARG HD3  H  N N 34  
ARG HE   H  N N 35  
ARG HH11 H  N N 36  
ARG HH12 H  N N 37  
ARG HH21 H  N N 38  
ARG HH22 H  N N 39  
ARG HXT  H  N N 40  
ASN N    N  N N 41  
ASN CA   C  N S 42  
ASN C    C  N N 43  
ASN O    O  N N 44  
ASN CB   C  N N 45  
ASN CG   C  N N 46  
ASN OD1  O  N N 47  
ASN ND2  N  N N 48  
ASN OXT  O  N N 49  
ASN H    H  N N 50  
ASN H2   H  N N 51  
ASN HA   H  N N 52  
ASN HB2  H  N N 53  
ASN HB3  H  N N 54  
ASN HD21 H  N N 55  
ASN HD22 H  N N 56  
ASN HXT  H  N N 57  
ASP N    N  N N 58  
ASP CA   C  N S 59  
ASP C    C  N N 60  
ASP O    O  N N 61  
ASP CB   C  N N 62  
ASP CG   C  N N 63  
ASP OD1  O  N N 64  
ASP OD2  O  N N 65  
ASP OXT  O  N N 66  
ASP H    H  N N 67  
ASP H2   H  N N 68  
ASP HA   H  N N 69  
ASP HB2  H  N N 70  
ASP HB3  H  N N 71  
ASP HD2  H  N N 72  
ASP HXT  H  N N 73  
CYS N    N  N N 74  
CYS CA   C  N R 75  
CYS C    C  N N 76  
CYS O    O  N N 77  
CYS CB   C  N N 78  
CYS SG   S  N N 79  
CYS OXT  O  N N 80  
CYS H    H  N N 81  
CYS H2   H  N N 82  
CYS HA   H  N N 83  
CYS HB2  H  N N 84  
CYS HB3  H  N N 85  
CYS HG   H  N N 86  
CYS HXT  H  N N 87  
GLN N    N  N N 88  
GLN CA   C  N S 89  
GLN C    C  N N 90  
GLN O    O  N N 91  
GLN CB   C  N N 92  
GLN CG   C  N N 93  
GLN CD   C  N N 94  
GLN OE1  O  N N 95  
GLN NE2  N  N N 96  
GLN OXT  O  N N 97  
GLN H    H  N N 98  
GLN H2   H  N N 99  
GLN HA   H  N N 100 
GLN HB2  H  N N 101 
GLN HB3  H  N N 102 
GLN HG2  H  N N 103 
GLN HG3  H  N N 104 
GLN HE21 H  N N 105 
GLN HE22 H  N N 106 
GLN HXT  H  N N 107 
GLU N    N  N N 108 
GLU CA   C  N S 109 
GLU C    C  N N 110 
GLU O    O  N N 111 
GLU CB   C  N N 112 
GLU CG   C  N N 113 
GLU CD   C  N N 114 
GLU OE1  O  N N 115 
GLU OE2  O  N N 116 
GLU OXT  O  N N 117 
GLU H    H  N N 118 
GLU H2   H  N N 119 
GLU HA   H  N N 120 
GLU HB2  H  N N 121 
GLU HB3  H  N N 122 
GLU HG2  H  N N 123 
GLU HG3  H  N N 124 
GLU HE2  H  N N 125 
GLU HXT  H  N N 126 
GLY N    N  N N 127 
GLY CA   C  N N 128 
GLY C    C  N N 129 
GLY O    O  N N 130 
GLY OXT  O  N N 131 
GLY H    H  N N 132 
GLY H2   H  N N 133 
GLY HA2  H  N N 134 
GLY HA3  H  N N 135 
GLY HXT  H  N N 136 
HIS N    N  N N 137 
HIS CA   C  N S 138 
HIS C    C  N N 139 
HIS O    O  N N 140 
HIS CB   C  N N 141 
HIS CG   C  Y N 142 
HIS ND1  N  Y N 143 
HIS CD2  C  Y N 144 
HIS CE1  C  Y N 145 
HIS NE2  N  Y N 146 
HIS OXT  O  N N 147 
HIS H    H  N N 148 
HIS H2   H  N N 149 
HIS HA   H  N N 150 
HIS HB2  H  N N 151 
HIS HB3  H  N N 152 
HIS HD1  H  N N 153 
HIS HD2  H  N N 154 
HIS HE1  H  N N 155 
HIS HE2  H  N N 156 
HIS HXT  H  N N 157 
HOH O    O  N N 158 
HOH H1   H  N N 159 
HOH H2   H  N N 160 
ILE N    N  N N 161 
ILE CA   C  N S 162 
ILE C    C  N N 163 
ILE O    O  N N 164 
ILE CB   C  N S 165 
ILE CG1  C  N N 166 
ILE CG2  C  N N 167 
ILE CD1  C  N N 168 
ILE OXT  O  N N 169 
ILE H    H  N N 170 
ILE H2   H  N N 171 
ILE HA   H  N N 172 
ILE HB   H  N N 173 
ILE HG12 H  N N 174 
ILE HG13 H  N N 175 
ILE HG21 H  N N 176 
ILE HG22 H  N N 177 
ILE HG23 H  N N 178 
ILE HD11 H  N N 179 
ILE HD12 H  N N 180 
ILE HD13 H  N N 181 
ILE HXT  H  N N 182 
LEU N    N  N N 183 
LEU CA   C  N S 184 
LEU C    C  N N 185 
LEU O    O  N N 186 
LEU CB   C  N N 187 
LEU CG   C  N N 188 
LEU CD1  C  N N 189 
LEU CD2  C  N N 190 
LEU OXT  O  N N 191 
LEU H    H  N N 192 
LEU H2   H  N N 193 
LEU HA   H  N N 194 
LEU HB2  H  N N 195 
LEU HB3  H  N N 196 
LEU HG   H  N N 197 
LEU HD11 H  N N 198 
LEU HD12 H  N N 199 
LEU HD13 H  N N 200 
LEU HD21 H  N N 201 
LEU HD22 H  N N 202 
LEU HD23 H  N N 203 
LEU HXT  H  N N 204 
LYS N    N  N N 205 
LYS CA   C  N S 206 
LYS C    C  N N 207 
LYS O    O  N N 208 
LYS CB   C  N N 209 
LYS CG   C  N N 210 
LYS CD   C  N N 211 
LYS CE   C  N N 212 
LYS NZ   N  N N 213 
LYS OXT  O  N N 214 
LYS H    H  N N 215 
LYS H2   H  N N 216 
LYS HA   H  N N 217 
LYS HB2  H  N N 218 
LYS HB3  H  N N 219 
LYS HG2  H  N N 220 
LYS HG3  H  N N 221 
LYS HD2  H  N N 222 
LYS HD3  H  N N 223 
LYS HE2  H  N N 224 
LYS HE3  H  N N 225 
LYS HZ1  H  N N 226 
LYS HZ2  H  N N 227 
LYS HZ3  H  N N 228 
LYS HXT  H  N N 229 
MSE N    N  N N 230 
MSE CA   C  N S 231 
MSE C    C  N N 232 
MSE O    O  N N 233 
MSE OXT  O  N N 234 
MSE CB   C  N N 235 
MSE CG   C  N N 236 
MSE SE   SE N N 237 
MSE CE   C  N N 238 
MSE H    H  N N 239 
MSE H2   H  N N 240 
MSE HA   H  N N 241 
MSE HXT  H  N N 242 
MSE HB2  H  N N 243 
MSE HB3  H  N N 244 
MSE HG2  H  N N 245 
MSE HG3  H  N N 246 
MSE HE1  H  N N 247 
MSE HE2  H  N N 248 
MSE HE3  H  N N 249 
PHE N    N  N N 250 
PHE CA   C  N S 251 
PHE C    C  N N 252 
PHE O    O  N N 253 
PHE CB   C  N N 254 
PHE CG   C  Y N 255 
PHE CD1  C  Y N 256 
PHE CD2  C  Y N 257 
PHE CE1  C  Y N 258 
PHE CE2  C  Y N 259 
PHE CZ   C  Y N 260 
PHE OXT  O  N N 261 
PHE H    H  N N 262 
PHE H2   H  N N 263 
PHE HA   H  N N 264 
PHE HB2  H  N N 265 
PHE HB3  H  N N 266 
PHE HD1  H  N N 267 
PHE HD2  H  N N 268 
PHE HE1  H  N N 269 
PHE HE2  H  N N 270 
PHE HZ   H  N N 271 
PHE HXT  H  N N 272 
PRO N    N  N N 273 
PRO CA   C  N S 274 
PRO C    C  N N 275 
PRO O    O  N N 276 
PRO CB   C  N N 277 
PRO CG   C  N N 278 
PRO CD   C  N N 279 
PRO OXT  O  N N 280 
PRO H    H  N N 281 
PRO HA   H  N N 282 
PRO HB2  H  N N 283 
PRO HB3  H  N N 284 
PRO HG2  H  N N 285 
PRO HG3  H  N N 286 
PRO HD2  H  N N 287 
PRO HD3  H  N N 288 
PRO HXT  H  N N 289 
SER N    N  N N 290 
SER CA   C  N S 291 
SER C    C  N N 292 
SER O    O  N N 293 
SER CB   C  N N 294 
SER OG   O  N N 295 
SER OXT  O  N N 296 
SER H    H  N N 297 
SER H2   H  N N 298 
SER HA   H  N N 299 
SER HB2  H  N N 300 
SER HB3  H  N N 301 
SER HG   H  N N 302 
SER HXT  H  N N 303 
THR N    N  N N 304 
THR CA   C  N S 305 
THR C    C  N N 306 
THR O    O  N N 307 
THR CB   C  N R 308 
THR OG1  O  N N 309 
THR CG2  C  N N 310 
THR OXT  O  N N 311 
THR H    H  N N 312 
THR H2   H  N N 313 
THR HA   H  N N 314 
THR HB   H  N N 315 
THR HG1  H  N N 316 
THR HG21 H  N N 317 
THR HG22 H  N N 318 
THR HG23 H  N N 319 
THR HXT  H  N N 320 
TRP N    N  N N 321 
TRP CA   C  N S 322 
TRP C    C  N N 323 
TRP O    O  N N 324 
TRP CB   C  N N 325 
TRP CG   C  Y N 326 
TRP CD1  C  Y N 327 
TRP CD2  C  Y N 328 
TRP NE1  N  Y N 329 
TRP CE2  C  Y N 330 
TRP CE3  C  Y N 331 
TRP CZ2  C  Y N 332 
TRP CZ3  C  Y N 333 
TRP CH2  C  Y N 334 
TRP OXT  O  N N 335 
TRP H    H  N N 336 
TRP H2   H  N N 337 
TRP HA   H  N N 338 
TRP HB2  H  N N 339 
TRP HB3  H  N N 340 
TRP HD1  H  N N 341 
TRP HE1  H  N N 342 
TRP HE3  H  N N 343 
TRP HZ2  H  N N 344 
TRP HZ3  H  N N 345 
TRP HH2  H  N N 346 
TRP HXT  H  N N 347 
TYR N    N  N N 348 
TYR CA   C  N S 349 
TYR C    C  N N 350 
TYR O    O  N N 351 
TYR CB   C  N N 352 
TYR CG   C  Y N 353 
TYR CD1  C  Y N 354 
TYR CD2  C  Y N 355 
TYR CE1  C  Y N 356 
TYR CE2  C  Y N 357 
TYR CZ   C  Y N 358 
TYR OH   O  N N 359 
TYR OXT  O  N N 360 
TYR H    H  N N 361 
TYR H2   H  N N 362 
TYR HA   H  N N 363 
TYR HB2  H  N N 364 
TYR HB3  H  N N 365 
TYR HD1  H  N N 366 
TYR HD2  H  N N 367 
TYR HE1  H  N N 368 
TYR HE2  H  N N 369 
TYR HH   H  N N 370 
TYR HXT  H  N N 371 
VAL N    N  N N 372 
VAL CA   C  N S 373 
VAL C    C  N N 374 
VAL O    O  N N 375 
VAL CB   C  N N 376 
VAL CG1  C  N N 377 
VAL CG2  C  N N 378 
VAL OXT  O  N N 379 
VAL H    H  N N 380 
VAL H2   H  N N 381 
VAL HA   H  N N 382 
VAL HB   H  N N 383 
VAL HG11 H  N N 384 
VAL HG12 H  N N 385 
VAL HG13 H  N N 386 
VAL HG21 H  N N 387 
VAL HG22 H  N N 388 
VAL HG23 H  N N 389 
VAL HXT  H  N N 390 
# 
loop_
_chem_comp_bond.comp_id 
_chem_comp_bond.atom_id_1 
_chem_comp_bond.atom_id_2 
_chem_comp_bond.value_order 
_chem_comp_bond.pdbx_aromatic_flag 
_chem_comp_bond.pdbx_stereo_config 
_chem_comp_bond.pdbx_ordinal 
ALA N   CA   sing N N 1   
ALA N   H    sing N N 2   
ALA N   H2   sing N N 3   
ALA CA  C    sing N N 4   
ALA CA  CB   sing N N 5   
ALA CA  HA   sing N N 6   
ALA C   O    doub N N 7   
ALA C   OXT  sing N N 8   
ALA CB  HB1  sing N N 9   
ALA CB  HB2  sing N N 10  
ALA CB  HB3  sing N N 11  
ALA OXT HXT  sing N N 12  
ARG N   CA   sing N N 13  
ARG N   H    sing N N 14  
ARG N   H2   sing N N 15  
ARG CA  C    sing N N 16  
ARG CA  CB   sing N N 17  
ARG CA  HA   sing N N 18  
ARG C   O    doub N N 19  
ARG C   OXT  sing N N 20  
ARG CB  CG   sing N N 21  
ARG CB  HB2  sing N N 22  
ARG CB  HB3  sing N N 23  
ARG CG  CD   sing N N 24  
ARG CG  HG2  sing N N 25  
ARG CG  HG3  sing N N 26  
ARG CD  NE   sing N N 27  
ARG CD  HD2  sing N N 28  
ARG CD  HD3  sing N N 29  
ARG NE  CZ   sing N N 30  
ARG NE  HE   sing N N 31  
ARG CZ  NH1  sing N N 32  
ARG CZ  NH2  doub N N 33  
ARG NH1 HH11 sing N N 34  
ARG NH1 HH12 sing N N 35  
ARG NH2 HH21 sing N N 36  
ARG NH2 HH22 sing N N 37  
ARG OXT HXT  sing N N 38  
ASN N   CA   sing N N 39  
ASN N   H    sing N N 40  
ASN N   H2   sing N N 41  
ASN CA  C    sing N N 42  
ASN CA  CB   sing N N 43  
ASN CA  HA   sing N N 44  
ASN C   O    doub N N 45  
ASN C   OXT  sing N N 46  
ASN CB  CG   sing N N 47  
ASN CB  HB2  sing N N 48  
ASN CB  HB3  sing N N 49  
ASN CG  OD1  doub N N 50  
ASN CG  ND2  sing N N 51  
ASN ND2 HD21 sing N N 52  
ASN ND2 HD22 sing N N 53  
ASN OXT HXT  sing N N 54  
ASP N   CA   sing N N 55  
ASP N   H    sing N N 56  
ASP N   H2   sing N N 57  
ASP CA  C    sing N N 58  
ASP CA  CB   sing N N 59  
ASP CA  HA   sing N N 60  
ASP C   O    doub N N 61  
ASP C   OXT  sing N N 62  
ASP CB  CG   sing N N 63  
ASP CB  HB2  sing N N 64  
ASP CB  HB3  sing N N 65  
ASP CG  OD1  doub N N 66  
ASP CG  OD2  sing N N 67  
ASP OD2 HD2  sing N N 68  
ASP OXT HXT  sing N N 69  
CYS N   CA   sing N N 70  
CYS N   H    sing N N 71  
CYS N   H2   sing N N 72  
CYS CA  C    sing N N 73  
CYS CA  CB   sing N N 74  
CYS CA  HA   sing N N 75  
CYS C   O    doub N N 76  
CYS C   OXT  sing N N 77  
CYS CB  SG   sing N N 78  
CYS CB  HB2  sing N N 79  
CYS CB  HB3  sing N N 80  
CYS SG  HG   sing N N 81  
CYS OXT HXT  sing N N 82  
GLN N   CA   sing N N 83  
GLN N   H    sing N N 84  
GLN N   H2   sing N N 85  
GLN CA  C    sing N N 86  
GLN CA  CB   sing N N 87  
GLN CA  HA   sing N N 88  
GLN C   O    doub N N 89  
GLN C   OXT  sing N N 90  
GLN CB  CG   sing N N 91  
GLN CB  HB2  sing N N 92  
GLN CB  HB3  sing N N 93  
GLN CG  CD   sing N N 94  
GLN CG  HG2  sing N N 95  
GLN CG  HG3  sing N N 96  
GLN CD  OE1  doub N N 97  
GLN CD  NE2  sing N N 98  
GLN NE2 HE21 sing N N 99  
GLN NE2 HE22 sing N N 100 
GLN OXT HXT  sing N N 101 
GLU N   CA   sing N N 102 
GLU N   H    sing N N 103 
GLU N   H2   sing N N 104 
GLU CA  C    sing N N 105 
GLU CA  CB   sing N N 106 
GLU CA  HA   sing N N 107 
GLU C   O    doub N N 108 
GLU C   OXT  sing N N 109 
GLU CB  CG   sing N N 110 
GLU CB  HB2  sing N N 111 
GLU CB  HB3  sing N N 112 
GLU CG  CD   sing N N 113 
GLU CG  HG2  sing N N 114 
GLU CG  HG3  sing N N 115 
GLU CD  OE1  doub N N 116 
GLU CD  OE2  sing N N 117 
GLU OE2 HE2  sing N N 118 
GLU OXT HXT  sing N N 119 
GLY N   CA   sing N N 120 
GLY N   H    sing N N 121 
GLY N   H2   sing N N 122 
GLY CA  C    sing N N 123 
GLY CA  HA2  sing N N 124 
GLY CA  HA3  sing N N 125 
GLY C   O    doub N N 126 
GLY C   OXT  sing N N 127 
GLY OXT HXT  sing N N 128 
HIS N   CA   sing N N 129 
HIS N   H    sing N N 130 
HIS N   H2   sing N N 131 
HIS CA  C    sing N N 132 
HIS CA  CB   sing N N 133 
HIS CA  HA   sing N N 134 
HIS C   O    doub N N 135 
HIS C   OXT  sing N N 136 
HIS CB  CG   sing N N 137 
HIS CB  HB2  sing N N 138 
HIS CB  HB3  sing N N 139 
HIS CG  ND1  sing Y N 140 
HIS CG  CD2  doub Y N 141 
HIS ND1 CE1  doub Y N 142 
HIS ND1 HD1  sing N N 143 
HIS CD2 NE2  sing Y N 144 
HIS CD2 HD2  sing N N 145 
HIS CE1 NE2  sing Y N 146 
HIS CE1 HE1  sing N N 147 
HIS NE2 HE2  sing N N 148 
HIS OXT HXT  sing N N 149 
HOH O   H1   sing N N 150 
HOH O   H2   sing N N 151 
ILE N   CA   sing N N 152 
ILE N   H    sing N N 153 
ILE N   H2   sing N N 154 
ILE CA  C    sing N N 155 
ILE CA  CB   sing N N 156 
ILE CA  HA   sing N N 157 
ILE C   O    doub N N 158 
ILE C   OXT  sing N N 159 
ILE CB  CG1  sing N N 160 
ILE CB  CG2  sing N N 161 
ILE CB  HB   sing N N 162 
ILE CG1 CD1  sing N N 163 
ILE CG1 HG12 sing N N 164 
ILE CG1 HG13 sing N N 165 
ILE CG2 HG21 sing N N 166 
ILE CG2 HG22 sing N N 167 
ILE CG2 HG23 sing N N 168 
ILE CD1 HD11 sing N N 169 
ILE CD1 HD12 sing N N 170 
ILE CD1 HD13 sing N N 171 
ILE OXT HXT  sing N N 172 
LEU N   CA   sing N N 173 
LEU N   H    sing N N 174 
LEU N   H2   sing N N 175 
LEU CA  C    sing N N 176 
LEU CA  CB   sing N N 177 
LEU CA  HA   sing N N 178 
LEU C   O    doub N N 179 
LEU C   OXT  sing N N 180 
LEU CB  CG   sing N N 181 
LEU CB  HB2  sing N N 182 
LEU CB  HB3  sing N N 183 
LEU CG  CD1  sing N N 184 
LEU CG  CD2  sing N N 185 
LEU CG  HG   sing N N 186 
LEU CD1 HD11 sing N N 187 
LEU CD1 HD12 sing N N 188 
LEU CD1 HD13 sing N N 189 
LEU CD2 HD21 sing N N 190 
LEU CD2 HD22 sing N N 191 
LEU CD2 HD23 sing N N 192 
LEU OXT HXT  sing N N 193 
LYS N   CA   sing N N 194 
LYS N   H    sing N N 195 
LYS N   H2   sing N N 196 
LYS CA  C    sing N N 197 
LYS CA  CB   sing N N 198 
LYS CA  HA   sing N N 199 
LYS C   O    doub N N 200 
LYS C   OXT  sing N N 201 
LYS CB  CG   sing N N 202 
LYS CB  HB2  sing N N 203 
LYS CB  HB3  sing N N 204 
LYS CG  CD   sing N N 205 
LYS CG  HG2  sing N N 206 
LYS CG  HG3  sing N N 207 
LYS CD  CE   sing N N 208 
LYS CD  HD2  sing N N 209 
LYS CD  HD3  sing N N 210 
LYS CE  NZ   sing N N 211 
LYS CE  HE2  sing N N 212 
LYS CE  HE3  sing N N 213 
LYS NZ  HZ1  sing N N 214 
LYS NZ  HZ2  sing N N 215 
LYS NZ  HZ3  sing N N 216 
LYS OXT HXT  sing N N 217 
MSE N   CA   sing N N 218 
MSE N   H    sing N N 219 
MSE N   H2   sing N N 220 
MSE CA  C    sing N N 221 
MSE CA  CB   sing N N 222 
MSE CA  HA   sing N N 223 
MSE C   O    doub N N 224 
MSE C   OXT  sing N N 225 
MSE OXT HXT  sing N N 226 
MSE CB  CG   sing N N 227 
MSE CB  HB2  sing N N 228 
MSE CB  HB3  sing N N 229 
MSE CG  SE   sing N N 230 
MSE CG  HG2  sing N N 231 
MSE CG  HG3  sing N N 232 
MSE SE  CE   sing N N 233 
MSE CE  HE1  sing N N 234 
MSE CE  HE2  sing N N 235 
MSE CE  HE3  sing N N 236 
PHE N   CA   sing N N 237 
PHE N   H    sing N N 238 
PHE N   H2   sing N N 239 
PHE CA  C    sing N N 240 
PHE CA  CB   sing N N 241 
PHE CA  HA   sing N N 242 
PHE C   O    doub N N 243 
PHE C   OXT  sing N N 244 
PHE CB  CG   sing N N 245 
PHE CB  HB2  sing N N 246 
PHE CB  HB3  sing N N 247 
PHE CG  CD1  doub Y N 248 
PHE CG  CD2  sing Y N 249 
PHE CD1 CE1  sing Y N 250 
PHE CD1 HD1  sing N N 251 
PHE CD2 CE2  doub Y N 252 
PHE CD2 HD2  sing N N 253 
PHE CE1 CZ   doub Y N 254 
PHE CE1 HE1  sing N N 255 
PHE CE2 CZ   sing Y N 256 
PHE CE2 HE2  sing N N 257 
PHE CZ  HZ   sing N N 258 
PHE OXT HXT  sing N N 259 
PRO N   CA   sing N N 260 
PRO N   CD   sing N N 261 
PRO N   H    sing N N 262 
PRO CA  C    sing N N 263 
PRO CA  CB   sing N N 264 
PRO CA  HA   sing N N 265 
PRO C   O    doub N N 266 
PRO C   OXT  sing N N 267 
PRO CB  CG   sing N N 268 
PRO CB  HB2  sing N N 269 
PRO CB  HB3  sing N N 270 
PRO CG  CD   sing N N 271 
PRO CG  HG2  sing N N 272 
PRO CG  HG3  sing N N 273 
PRO CD  HD2  sing N N 274 
PRO CD  HD3  sing N N 275 
PRO OXT HXT  sing N N 276 
SER N   CA   sing N N 277 
SER N   H    sing N N 278 
SER N   H2   sing N N 279 
SER CA  C    sing N N 280 
SER CA  CB   sing N N 281 
SER CA  HA   sing N N 282 
SER C   O    doub N N 283 
SER C   OXT  sing N N 284 
SER CB  OG   sing N N 285 
SER CB  HB2  sing N N 286 
SER CB  HB3  sing N N 287 
SER OG  HG   sing N N 288 
SER OXT HXT  sing N N 289 
THR N   CA   sing N N 290 
THR N   H    sing N N 291 
THR N   H2   sing N N 292 
THR CA  C    sing N N 293 
THR CA  CB   sing N N 294 
THR CA  HA   sing N N 295 
THR C   O    doub N N 296 
THR C   OXT  sing N N 297 
THR CB  OG1  sing N N 298 
THR CB  CG2  sing N N 299 
THR CB  HB   sing N N 300 
THR OG1 HG1  sing N N 301 
THR CG2 HG21 sing N N 302 
THR CG2 HG22 sing N N 303 
THR CG2 HG23 sing N N 304 
THR OXT HXT  sing N N 305 
TRP N   CA   sing N N 306 
TRP N   H    sing N N 307 
TRP N   H2   sing N N 308 
TRP CA  C    sing N N 309 
TRP CA  CB   sing N N 310 
TRP CA  HA   sing N N 311 
TRP C   O    doub N N 312 
TRP C   OXT  sing N N 313 
TRP CB  CG   sing N N 314 
TRP CB  HB2  sing N N 315 
TRP CB  HB3  sing N N 316 
TRP CG  CD1  doub Y N 317 
TRP CG  CD2  sing Y N 318 
TRP CD1 NE1  sing Y N 319 
TRP CD1 HD1  sing N N 320 
TRP CD2 CE2  doub Y N 321 
TRP CD2 CE3  sing Y N 322 
TRP NE1 CE2  sing Y N 323 
TRP NE1 HE1  sing N N 324 
TRP CE2 CZ2  sing Y N 325 
TRP CE3 CZ3  doub Y N 326 
TRP CE3 HE3  sing N N 327 
TRP CZ2 CH2  doub Y N 328 
TRP CZ2 HZ2  sing N N 329 
TRP CZ3 CH2  sing Y N 330 
TRP CZ3 HZ3  sing N N 331 
TRP CH2 HH2  sing N N 332 
TRP OXT HXT  sing N N 333 
TYR N   CA   sing N N 334 
TYR N   H    sing N N 335 
TYR N   H2   sing N N 336 
TYR CA  C    sing N N 337 
TYR CA  CB   sing N N 338 
TYR CA  HA   sing N N 339 
TYR C   O    doub N N 340 
TYR C   OXT  sing N N 341 
TYR CB  CG   sing N N 342 
TYR CB  HB2  sing N N 343 
TYR CB  HB3  sing N N 344 
TYR CG  CD1  doub Y N 345 
TYR CG  CD2  sing Y N 346 
TYR CD1 CE1  sing Y N 347 
TYR CD1 HD1  sing N N 348 
TYR CD2 CE2  doub Y N 349 
TYR CD2 HD2  sing N N 350 
TYR CE1 CZ   doub Y N 351 
TYR CE1 HE1  sing N N 352 
TYR CE2 CZ   sing Y N 353 
TYR CE2 HE2  sing N N 354 
TYR CZ  OH   sing N N 355 
TYR OH  HH   sing N N 356 
TYR OXT HXT  sing N N 357 
VAL N   CA   sing N N 358 
VAL N   H    sing N N 359 
VAL N   H2   sing N N 360 
VAL CA  C    sing N N 361 
VAL CA  CB   sing N N 362 
VAL CA  HA   sing N N 363 
VAL C   O    doub N N 364 
VAL C   OXT  sing N N 365 
VAL CB  CG1  sing N N 366 
VAL CB  CG2  sing N N 367 
VAL CB  HB   sing N N 368 
VAL CG1 HG11 sing N N 369 
VAL CG1 HG12 sing N N 370 
VAL CG1 HG13 sing N N 371 
VAL CG2 HG21 sing N N 372 
VAL CG2 HG22 sing N N 373 
VAL CG2 HG23 sing N N 374 
VAL OXT HXT  sing N N 375 
# 
_atom_sites.entry_id                    6K5M 
_atom_sites.fract_transf_matrix[1][1]   -0.01305853 
_atom_sites.fract_transf_matrix[1][2]   -0.00431698 
_atom_sites.fract_transf_matrix[1][3]   -0.00585757 
_atom_sites.fract_transf_matrix[2][1]   -0.00665850 
_atom_sites.fract_transf_matrix[2][2]   0.01194257 
_atom_sites.fract_transf_matrix[2][3]   0.00604251 
_atom_sites.fract_transf_matrix[3][1]   0.00237393 
_atom_sites.fract_transf_matrix[3][2]   0.00638053 
_atom_sites.fract_transf_matrix[3][3]   -0.00999470 
_atom_sites.fract_transf_vector[1]      0.303678 
_atom_sites.fract_transf_vector[2]      0.358217 
_atom_sites.fract_transf_vector[3]      0.343880 
# 
loop_
_atom_type.symbol 
C  
N  
O  
S  
SE 
# 
loop_
_atom_site.group_PDB 
_atom_site.id 
_atom_site.type_symbol 
_atom_site.label_atom_id 
_atom_site.label_alt_id 
_atom_site.label_comp_id 
_atom_site.label_asym_id 
_atom_site.label_entity_id 
_atom_site.label_seq_id 
_atom_site.pdbx_PDB_ins_code 
_atom_site.Cartn_x 
_atom_site.Cartn_y 
_atom_site.Cartn_z 
_atom_site.occupancy 
_atom_site.B_iso_or_equiv 
_atom_site.pdbx_formal_charge 
_atom_site.auth_seq_id 
_atom_site.auth_comp_id 
_atom_site.auth_asym_id 
_atom_site.auth_atom_id 
_atom_site.pdbx_PDB_model_num 
ATOM   1    N  N   . LEU A 1 1   ? 12.248  11.026  8.969   1.00 55.02 ? 92  LEU A N   1 
ATOM   2    C  CA  . LEU A 1 1   ? 11.592  9.688   8.978   1.00 54.87 ? 92  LEU A CA  1 
ATOM   3    C  C   . LEU A 1 1   ? 12.600  8.628   8.592   1.00 53.35 ? 92  LEU A C   1 
ATOM   4    O  O   . LEU A 1 1   ? 13.007  8.628   7.459   1.00 56.02 ? 92  LEU A O   1 
ATOM   5    C  CB  . LEU A 1 1   ? 10.369  9.593   8.062   1.00 52.70 ? 92  LEU A CB  1 
ATOM   6    C  CG  . LEU A 1 1   ? 9.575   8.304   8.244   1.00 52.14 ? 92  LEU A CG  1 
ATOM   7    C  CD1 . LEU A 1 1   ? 9.073   8.214   9.660   1.00 51.32 ? 92  LEU A CD1 1 
ATOM   8    C  CD2 . LEU A 1 1   ? 8.402   8.206   7.278   1.00 45.98 ? 92  LEU A CD2 1 
ATOM   9    N  N   . PRO A 1 2   ? 12.961  7.689   9.482   1.00 54.34 ? 93  PRO A N   1 
ATOM   10   C  CA  . PRO A 1 2   ? 13.873  6.619   9.154   1.00 52.44 ? 93  PRO A CA  1 
ATOM   11   C  C   . PRO A 1 2   ? 13.189  5.476   8.402   1.00 54.13 ? 93  PRO A C   1 
ATOM   12   O  O   . PRO A 1 2   ? 12.028  5.522   8.184   1.00 53.26 ? 93  PRO A O   1 
ATOM   13   C  CB  . PRO A 1 2   ? 14.272  6.088   10.514  1.00 51.54 ? 93  PRO A CB  1 
ATOM   14   C  CG  . PRO A 1 2   ? 13.043  6.277   11.308  1.00 53.54 ? 93  PRO A CG  1 
ATOM   15   C  CD  . PRO A 1 2   ? 12.561  7.638   10.876  1.00 56.35 ? 93  PRO A CD  1 
ATOM   16   N  N   . GLU A 1 3   ? 13.957  4.443   8.072   1.00 52.58 ? 94  GLU A N   1 
ATOM   17   C  CA  . GLU A 1 3   ? 13.483  3.315   7.236   1.00 48.79 ? 94  GLU A CA  1 
ATOM   18   C  C   . GLU A 1 3   ? 12.607  2.305   7.979   1.00 49.69 ? 94  GLU A C   1 
ATOM   19   O  O   . GLU A 1 3   ? 11.793  1.714   7.340   1.00 45.43 ? 94  GLU A O   1 
ATOM   20   C  CB  . GLU A 1 3   ? 14.673  2.592   6.626   1.00 49.65 ? 94  GLU A CB  1 
ATOM   21   C  CG  . GLU A 1 3   ? 14.294  1.357   5.854   1.00 48.59 ? 94  GLU A CG  1 
ATOM   22   C  CD  . GLU A 1 3   ? 15.477  0.668   5.215   1.00 54.37 ? 94  GLU A CD  1 
ATOM   23   O  OE1 . GLU A 1 3   ? 16.047  -0.219  5.838   1.00 54.09 ? 94  GLU A OE1 1 
ATOM   24   O  OE2 . GLU A 1 3   ? 15.811  1.034   4.114   1.00 53.40 ? 94  GLU A OE2 1 
ATOM   25   N  N   . GLU A 1 4   ? 12.807  2.124   9.277   1.00 48.89 ? 95  GLU A N   1 
ATOM   26   C  CA  . GLU A 1 4   ? 12.188  1.149   10.178  1.00 50.46 ? 95  GLU A CA  1 
ATOM   27   C  C   . GLU A 1 4   ? 11.760  1.872   11.449  1.00 53.06 ? 95  GLU A C   1 
ATOM   28   O  O   . GLU A 1 4   ? 12.533  2.668   11.986  1.00 51.83 ? 95  GLU A O   1 
ATOM   29   C  CB  . GLU A 1 4   ? 13.148  0.002   10.499  1.00 49.60 ? 95  GLU A CB  1 
ATOM   30   C  CG  . GLU A 1 4   ? 12.775  -0.792  11.740  1.00 57.36 ? 95  GLU A CG  1 
ATOM   31   C  CD  . GLU A 1 4   ? 12.893  -2.290  11.527  1.00 58.84 ? 95  GLU A CD  1 
ATOM   32   O  OE1 . GLU A 1 4   ? 12.883  -2.728  10.359  1.00 58.18 ? 95  GLU A OE1 1 
ATOM   33   O  OE2 . GLU A 1 4   ? 12.992  -3.027  12.531  1.00 62.52 ? 95  GLU A OE2 1 
ATOM   34   N  N   . LEU A 1 5   ? 10.649  1.624   11.886  1.00 48.34 ? 96  LEU A N   1 
ATOM   35   C  CA  . LEU A 1 5   ? 10.243  2.290   13.136  1.00 49.12 ? 96  LEU A CA  1 
ATOM   36   C  C   . LEU A 1 5   ? 8.998   1.688   13.779  1.00 51.59 ? 96  LEU A C   1 
ATOM   37   O  O   . LEU A 1 5   ? 8.080   1.327   13.078  1.00 47.05 ? 96  LEU A O   1 
ATOM   38   C  CB  . LEU A 1 5   ? 10.082  3.771   12.853  1.00 52.15 ? 96  LEU A CB  1 
ATOM   39   C  CG  . LEU A 1 5   ? 8.774   4.197   12.223  1.00 52.35 ? 96  LEU A CG  1 
ATOM   40   C  CD1 . LEU A 1 5   ? 7.813   4.593   13.311  1.00 55.11 ? 96  LEU A CD1 1 
ATOM   41   C  CD2 . LEU A 1 5   ? 8.998   5.376   11.315  1.00 55.43 ? 96  LEU A CD2 1 
ATOM   42   N  N   . VAL A 1 6   ? 9.029   1.529   15.095  1.00 46.68 ? 97  VAL A N   1 
ATOM   43   C  CA  . VAL A 1 6   ? 7.884   0.941   15.837  1.00 46.86 ? 97  VAL A CA  1 
ATOM   44   C  C   . VAL A 1 6   ? 6.715   1.911   15.764  1.00 51.79 ? 97  VAL A C   1 
ATOM   45   O  O   . VAL A 1 6   ? 6.898   3.077   16.092  1.00 52.49 ? 97  VAL A O   1 
ATOM   46   C  CB  . VAL A 1 6   ? 8.267   0.665   17.296  1.00 51.93 ? 97  VAL A CB  1 
ATOM   47   C  CG1 . VAL A 1 6   ? 7.082   0.147   18.060  1.00 54.33 ? 97  VAL A CG1 1 
ATOM   48   C  CG2 . VAL A 1 6   ? 9.413   -0.316  17.392  1.00 53.49 ? 97  VAL A CG2 1 
ATOM   49   N  N   . LEU A 1 7   ? 5.566   1.436   15.309  1.00 49.57 ? 98  LEU A N   1 
ATOM   50   C  CA  . LEU A 1 7   ? 4.374   2.303   15.252  1.00 50.73 ? 98  LEU A CA  1 
ATOM   51   C  C   . LEU A 1 7   ? 3.703   2.259   16.611  1.00 53.54 ? 98  LEU A C   1 
ATOM   52   O  O   . LEU A 1 7   ? 3.273   3.285   17.042  1.00 57.32 ? 98  LEU A O   1 
ATOM   53   C  CB  . LEU A 1 7   ? 3.393   1.816   14.192  1.00 48.66 ? 98  LEU A CB  1 
ATOM   54   C  CG  . LEU A 1 7   ? 3.668   2.294   12.782  1.00 46.13 ? 98  LEU A CG  1 
ATOM   55   C  CD1 . LEU A 1 7   ? 2.474   2.070   11.901  1.00 46.09 ? 98  LEU A CD1 1 
ATOM   56   C  CD2 . LEU A 1 7   ? 4.078   3.736   12.762  1.00 48.34 ? 98  LEU A CD2 1 
ATOM   57   N  N   . LEU A 1 8   ? 3.598   1.079   17.200  1.00 53.98 ? 99  LEU A N   1 
ATOM   58   C  CA  . LEU A 1 8   ? 2.989   0.937   18.540  1.00 57.52 ? 99  LEU A CA  1 
ATOM   59   C  C   . LEU A 1 8   ? 3.454   -0.359  19.191  1.00 60.34 ? 99  LEU A C   1 
ATOM   60   O  O   . LEU A 1 8   ? 3.944   -1.205  18.475  1.00 55.75 ? 99  LEU A O   1 
ATOM   61   C  CB  . LEU A 1 8   ? 1.466   1.034   18.433  1.00 59.62 ? 99  LEU A CB  1 
ATOM   62   C  CG  . LEU A 1 8   ? 0.743   -0.172  17.870  1.00 58.83 ? 99  LEU A CG  1 
ATOM   63   C  CD1 . LEU A 1 8   ? 0.713   -1.279  18.886  1.00 60.19 ? 99  LEU A CD1 1 
ATOM   64   C  CD2 . LEU A 1 8   ? -0.672  0.206   17.493  1.00 58.58 ? 99  LEU A CD2 1 
ATOM   65   N  N   . GLU A 1 9   ? 3.381   -0.445  20.522  1.00 62.56 ? 100 GLU A N   1 
ATOM   66   C  CA  . GLU A 1 9   ? 3.706   -1.721  21.212  1.00 64.04 ? 100 GLU A CA  1 
ATOM   67   C  C   . GLU A 1 9   ? 2.505   -2.087  22.082  1.00 67.43 ? 100 GLU A C   1 
ATOM   68   O  O   . GLU A 1 9   ? 2.543   -1.799  23.234  1.00 68.38 ? 100 GLU A O   1 
ATOM   69   C  CB  . GLU A 1 9   ? 4.924   -1.607  22.120  1.00 62.52 ? 100 GLU A CB  1 
ATOM   70   C  CG  . GLU A 1 9   ? 6.034   -0.753  21.565  1.00 66.00 ? 100 GLU A CG  1 
ATOM   71   C  CD  . GLU A 1 9   ? 7.316   -0.994  22.320  1.00 68.92 ? 100 GLU A CD  1 
ATOM   72   O  OE1 . GLU A 1 9   ? 7.249   -1.653  23.347  1.00 73.33 ? 100 GLU A OE1 1 
ATOM   73   O  OE2 . GLU A 1 9   ? 8.359   -0.541  21.879  1.00 72.61 ? 100 GLU A OE2 1 
ATOM   74   N  N   . ARG A 1 10  ? 1.489   -2.779  21.592  1.00 66.99 ? 101 ARG A N   1 
ATOM   75   C  CA  . ARG A 1 10  ? 0.266   -3.188  22.334  1.00 66.66 ? 101 ARG A CA  1 
ATOM   76   C  C   . ARG A 1 10  ? 0.555   -4.396  23.224  1.00 66.05 ? 101 ARG A C   1 
ATOM   77   O  O   . ARG A 1 10  ? 1.697   -4.488  23.671  1.00 66.62 ? 101 ARG A O   1 
ATOM   78   C  CB  . ARG A 1 10  ? -0.913  -3.405  21.385  1.00 64.86 ? 101 ARG A CB  1 
ATOM   79   C  CG  . ARG A 1 10  ? -0.733  -4.539  20.395  1.00 64.71 ? 101 ARG A CG  1 
ATOM   80   C  CD  . ARG A 1 10  ? -1.247  -4.175  19.028  1.00 63.60 ? 101 ARG A CD  1 
ATOM   81   N  NE  . ARG A 1 10  ? -2.679  -4.035  18.875  1.00 66.64 ? 101 ARG A NE  1 
ATOM   82   C  CZ  . ARG A 1 10  ? -3.419  -4.766  18.057  1.00 64.85 ? 101 ARG A CZ  1 
ATOM   83   N  NH1 . ARG A 1 10  ? -2.855  -5.708  17.335  1.00 63.80 ? 101 ARG A NH1 1 
ATOM   84   N  NH2 . ARG A 1 10  ? -4.720  -4.557  17.965  1.00 68.15 ? 101 ARG A NH2 1 
ATOM   85   N  N   . GLU A 1 18  ? 3.259   -7.150  21.935  1.00 63.37 ? 109 GLU A N   1 
ATOM   86   C  CA  . GLU A 1 18  ? 3.371   -7.165  20.453  1.00 60.35 ? 109 GLU A CA  1 
ATOM   87   C  C   . GLU A 1 18  ? 3.826   -5.806  19.929  1.00 60.18 ? 109 GLU A C   1 
ATOM   88   O  O   . GLU A 1 18  ? 3.343   -4.804  20.395  1.00 62.80 ? 109 GLU A O   1 
ATOM   89   C  CB  . GLU A 1 18  ? 2.019   -7.537  19.859  1.00 56.86 ? 109 GLU A CB  1 
ATOM   90   C  CG  . GLU A 1 18  ? 1.901   -7.274  18.379  1.00 56.40 ? 109 GLU A CG  1 
ATOM   91   C  CD  . GLU A 1 18  ? 0.499   -7.395  17.824  1.00 57.32 ? 109 GLU A CD  1 
ATOM   92   O  OE1 . GLU A 1 18  ? -0.399  -6.782  18.368  1.00 62.03 ? 109 GLU A OE1 1 
ATOM   93   O  OE2 . GLU A 1 18  ? 0.325   -8.091  16.857  1.00 55.54 ? 109 GLU A OE2 1 
ATOM   94   N  N   . GLN A 1 19  ? 4.786   -5.779  19.027  1.00 56.27 ? 110 GLN A N   1 
ATOM   95   C  CA  . GLN A 1 19  ? 5.104   -4.517  18.372  1.00 52.63 ? 110 GLN A CA  1 
ATOM   96   C  C   . GLN A 1 19  ? 4.534   -4.511  16.955  1.00 50.37 ? 110 GLN A C   1 
ATOM   97   O  O   . GLN A 1 19  ? 4.424   -5.561  16.319  1.00 44.95 ? 110 GLN A O   1 
ATOM   98   C  CB  . GLN A 1 19  ? 6.620   -4.292  18.303  1.00 55.31 ? 110 GLN A CB  1 
ATOM   99   C  CG  . GLN A 1 19  ? 7.299   -3.977  19.625  1.00 59.67 ? 110 GLN A CG  1 
ATOM   100  C  CD  . GLN A 1 19  ? 8.778   -3.663  19.456  1.00 61.44 ? 110 GLN A CD  1 
ATOM   101  O  OE1 . GLN A 1 19  ? 9.301   -2.726  20.056  1.00 65.55 ? 110 GLN A OE1 1 
ATOM   102  N  NE2 . GLN A 1 19  ? 9.456   -4.450  18.634  1.00 62.50 ? 110 GLN A NE2 1 
ATOM   103  N  N   . ILE A 1 20  ? 4.161   -3.326  16.465  1.00 47.05 ? 111 ILE A N   1 
ATOM   104  C  CA  . ILE A 1 20  ? 3.827   -3.119  15.054  1.00 46.56 ? 111 ILE A CA  1 
ATOM   105  C  C   . ILE A 1 20  ? 4.933   -2.268  14.448  1.00 44.08 ? 111 ILE A C   1 
ATOM   106  O  O   . ILE A 1 20  ? 5.115   -1.111  14.846  1.00 42.00 ? 111 ILE A O   1 
ATOM   107  C  CB  . ILE A 1 20  ? 2.463   -2.436  14.861  1.00 45.63 ? 111 ILE A CB  1 
ATOM   108  C  CG1 . ILE A 1 20  ? 1.353   -3.136  15.650  1.00 49.22 ? 111 ILE A CG1 1 
ATOM   109  C  CG2 . ILE A 1 20  ? 2.125   -2.343  13.366  1.00 42.76 ? 111 ILE A CG2 1 
ATOM   110  C  CD1 . ILE A 1 20  ? 0.958   -4.491  15.134  1.00 50.12 ? 111 ILE A CD1 1 
ATOM   111  N  N   . ILE A 1 21  ? 5.659   -2.829  13.481  1.00 40.34 ? 112 ILE A N   1 
ATOM   112  C  CA  . ILE A 1 21  ? 6.838   -2.197  12.896  1.00 40.47 ? 112 ILE A CA  1 
ATOM   113  C  C   . ILE A 1 21  ? 6.519   -1.776  11.468  1.00 35.85 ? 112 ILE A C   1 
ATOM   114  O  O   . ILE A 1 21  ? 6.017   -2.583  10.679  1.00 35.75 ? 112 ILE A O   1 
ATOM   115  C  CB  . ILE A 1 21  ? 8.049   -3.146  12.912  1.00 41.27 ? 112 ILE A CB  1 
ATOM   116  C  CG1 . ILE A 1 21  ? 8.217   -3.764  14.307  1.00 47.65 ? 112 ILE A CG1 1 
ATOM   117  C  CG2 . ILE A 1 21  ? 9.309   -2.419  12.441  1.00 43.63 ? 112 ILE A CG2 1 
ATOM   118  C  CD1 . ILE A 1 21  ? 8.874   -2.851  15.286  1.00 49.14 ? 112 ILE A CD1 1 
ATOM   119  N  N   . PHE A 1 22  ? 6.799   -0.515  11.150  1.00 36.33 ? 113 PHE A N   1 
ATOM   120  C  CA  . PHE A 1 22  ? 6.743   0.002   9.791   1.00 35.82 ? 113 PHE A CA  1 
ATOM   121  C  C   . PHE A 1 22  ? 8.133   -0.062  9.183   1.00 36.50 ? 113 PHE A C   1 
ATOM   122  O  O   . PHE A 1 22  ? 9.121   0.256   9.848   1.00 38.84 ? 113 PHE A O   1 
ATOM   123  C  CB  . PHE A 1 22  ? 6.248   1.450   9.758   1.00 36.10 ? 113 PHE A CB  1 
ATOM   124  C  CG  . PHE A 1 22  ? 6.493   2.140   8.438   1.00 37.59 ? 113 PHE A CG  1 
ATOM   125  C  CD1 . PHE A 1 22  ? 5.562   2.026   7.403   1.00 35.95 ? 113 PHE A CD1 1 
ATOM   126  C  CD2 . PHE A 1 22  ? 7.643   2.892   8.222   1.00 38.05 ? 113 PHE A CD2 1 
ATOM   127  C  CE1 . PHE A 1 22  ? 5.788   2.655   6.171   1.00 36.41 ? 113 PHE A CE1 1 
ATOM   128  C  CE2 . PHE A 1 22  ? 7.878   3.518   6.998   1.00 38.82 ? 113 PHE A CE2 1 
ATOM   129  C  CZ  . PHE A 1 22  ? 6.945   3.402   5.974   1.00 35.95 ? 113 PHE A CZ  1 
ATOM   130  N  N   . SER A 1 23  ? 8.210   -0.448  7.912   1.00 34.85 ? 114 SER A N   1 
ATOM   131  C  CA  . SER A 1 23  ? 9.471   -0.354  7.201   1.00 36.46 ? 114 SER A CA  1 
ATOM   132  C  C   . SER A 1 23  ? 9.212   0.002   5.743   1.00 38.13 ? 114 SER A C   1 
ATOM   133  O  O   . SER A 1 23  ? 8.211   -0.420  5.159   1.00 33.95 ? 114 SER A O   1 
ATOM   134  C  CB  . SER A 1 23  ? 10.253  -1.663  7.278   1.00 35.95 ? 114 SER A CB  1 
ATOM   135  O  OG  . SER A 1 23  ? 11.417  -1.572  6.483   1.00 39.12 ? 114 SER A OG  1 
ATOM   136  N  N   . SER A 1 24  ? 10.125  0.777   5.162   1.00 39.77 ? 115 SER A N   1 
ATOM   137  C  CA  . SER A 1 24  ? 10.128  1.027   3.726   1.00 35.61 ? 115 SER A CA  1 
ATOM   138  C  C   . SER A 1 24  ? 11.284  0.308   3.038   1.00 40.47 ? 115 SER A C   1 
ATOM   139  O  O   . SER A 1 24  ? 11.652  0.657   1.910   1.00 39.38 ? 115 SER A O   1 
ATOM   140  C  CB  . SER A 1 24  ? 10.188  2.526   3.456   1.00 39.33 ? 115 SER A CB  1 
ATOM   141  O  OG  . SER A 1 24  ? 11.318  3.116   4.085   1.00 40.71 ? 115 SER A OG  1 
ATOM   142  N  N   . ALA A 1 25  ? 11.852  -0.703  3.700   1.00 39.14 ? 116 ALA A N   1 
ATOM   143  C  CA  . ALA A 1 25  ? 12.998  -1.419  3.152   1.00 43.19 ? 116 ALA A CA  1 
ATOM   144  C  C   . ALA A 1 25  ? 12.619  -2.232  1.931   1.00 44.54 ? 116 ALA A C   1 
ATOM   145  O  O   . ALA A 1 25  ? 13.458  -2.449  1.050   1.00 48.77 ? 116 ALA A O   1 
ATOM   146  C  CB  . ALA A 1 25  ? 13.605  -2.341  4.211   1.00 43.22 ? 116 ALA A CB  1 
ATOM   147  N  N   . GLY A 1 26  ? 11.377  -2.698  1.867   1.00 40.99 ? 117 GLY A N   1 
ATOM   148  C  CA  . GLY A 1 26  ? 10.931  -3.491  0.742   1.00 42.24 ? 117 GLY A CA  1 
ATOM   149  C  C   . GLY A 1 26  ? 11.184  -4.970  0.870   1.00 50.15 ? 117 GLY A C   1 
ATOM   150  O  O   . GLY A 1 26  ? 11.135  -5.687  -0.140  1.00 51.17 ? 117 GLY A O   1 
ATOM   151  N  N   . ASP A 1 27  ? 11.464  -5.455  2.077   1.00 52.23 ? 118 ASP A N   1 
ATOM   152  C  CA  . ASP A 1 27  ? 11.659  -6.885  2.295   1.00 55.39 ? 118 ASP A CA  1 
ATOM   153  C  C   . ASP A 1 27  ? 10.281  -7.476  2.549   1.00 53.07 ? 118 ASP A C   1 
ATOM   154  O  O   . ASP A 1 27  ? 9.754   -7.439  3.668   1.00 52.74 ? 118 ASP A O   1 
ATOM   155  C  CB  . ASP A 1 27  ? 12.615  -7.133  3.459   1.00 57.27 ? 118 ASP A CB  1 
ATOM   156  C  CG  . ASP A 1 27  ? 12.572  -8.576  3.963   1.00 67.49 ? 118 ASP A CG  1 
ATOM   157  O  OD1 . ASP A 1 27  ? 13.304  -9.422  3.397   1.00 70.47 ? 118 ASP A OD1 1 
ATOM   158  O  OD2 . ASP A 1 27  ? 11.820  -8.859  4.927   1.00 65.84 ? 118 ASP A OD2 1 
ATOM   159  N  N   . VAL A 1 28  ? 9.721   -8.025  1.480   1.00 40.90 ? 119 VAL A N   1 
ATOM   160  C  CA  . VAL A 1 28  ? 8.413   -8.704  1.525   1.00 39.69 ? 119 VAL A CA  1 
ATOM   161  C  C   . VAL A 1 28  ? 8.635   -10.086 0.928   1.00 38.37 ? 119 VAL A C   1 
ATOM   162  O  O   . VAL A 1 28  ? 9.047   -10.153 -0.202  1.00 35.58 ? 119 VAL A O   1 
ATOM   163  C  CB  . VAL A 1 28  ? 7.377   -7.964  0.674   1.00 38.32 ? 119 VAL A CB  1 
ATOM   164  C  CG1 . VAL A 1 28  ? 6.153   -8.804  0.501   1.00 42.83 ? 119 VAL A CG1 1 
ATOM   165  C  CG2 . VAL A 1 28  ? 7.002   -6.637  1.256   1.00 44.32 ? 119 VAL A CG2 1 
ATOM   166  N  N   . ASN A 1 29  ? 8.343   -11.119 1.689   1.00 34.07 ? 120 ASN A N   1 
ATOM   167  C  CA  . ASN A 1 29  ? 8.461   -12.460 1.140   1.00 33.61 ? 120 ASN A CA  1 
ATOM   168  C  C   . ASN A 1 29  ? 7.215   -12.760 0.322   1.00 33.48 ? 120 ASN A C   1 
ATOM   169  O  O   . ASN A 1 29  ? 6.095   -12.530 0.790   1.00 31.24 ? 120 ASN A O   1 
ATOM   170  C  CB  . ASN A 1 29  ? 8.623   -13.459 2.288   1.00 34.40 ? 120 ASN A CB  1 
ATOM   171  C  CG  . ASN A 1 29  ? 8.763   -14.873 1.810   1.00 33.16 ? 120 ASN A CG  1 
ATOM   172  O  OD1 . ASN A 1 29  ? 7.841   -15.428 1.242   1.00 33.66 ? 120 ASN A OD1 1 
ATOM   173  N  ND2 . ASN A 1 29  ? 9.927   -15.465 2.039   1.00 33.90 ? 120 ASN A ND2 1 
ATOM   174  N  N   . VAL A 1 30  ? 7.393   -13.271 -0.907  1.00 31.98 ? 121 VAL A N   1 
ATOM   175  C  CA  . VAL A 1 30  ? 6.234   -13.404 -1.783  1.00 29.40 ? 121 VAL A CA  1 
ATOM   176  C  C   . VAL A 1 30  ? 5.216   -14.377 -1.218  1.00 32.60 ? 121 VAL A C   1 
ATOM   177  O  O   . VAL A 1 30  ? 4.020   -14.243 -1.485  1.00 31.00 ? 121 VAL A O   1 
ATOM   178  C  CB  . VAL A 1 30  ? 6.636   -13.805 -3.219  1.00 34.99 ? 121 VAL A CB  1 
ATOM   179  C  CG1 . VAL A 1 30  ? 7.468   -12.715 -3.855  1.00 40.00 ? 121 VAL A CG1 1 
ATOM   180  C  CG2 . VAL A 1 30  ? 7.349   -15.171 -3.240  1.00 34.69 ? 121 VAL A CG2 1 
ATOM   181  N  N   . TYR A 1 31  ? 5.655   -15.371 -0.428  1.00 35.13 ? 122 TYR A N   1 
ATOM   182  C  CA  . TYR A 1 31  ? 4.684   -16.299 0.152   1.00 33.03 ? 122 TYR A CA  1 
ATOM   183  C  C   . TYR A 1 31  ? 3.882   -15.636 1.271   1.00 32.76 ? 122 TYR A C   1 
ATOM   184  O  O   . TYR A 1 31  ? 2.675   -15.872 1.399   1.00 34.88 ? 122 TYR A O   1 
ATOM   185  C  CB  . TYR A 1 31  ? 5.391   -17.566 0.653   1.00 38.26 ? 122 TYR A CB  1 
ATOM   186  C  CG  . TYR A 1 31  ? 5.902   -18.431 -0.481  1.00 33.27 ? 122 TYR A CG  1 
ATOM   187  C  CD1 . TYR A 1 31  ? 5.050   -19.289 -1.160  1.00 37.12 ? 122 TYR A CD1 1 
ATOM   188  C  CD2 . TYR A 1 31  ? 7.234   -18.379 -0.873  1.00 36.64 ? 122 TYR A CD2 1 
ATOM   189  C  CE1 . TYR A 1 31  ? 5.510   -20.092 -2.202  1.00 38.20 ? 122 TYR A CE1 1 
ATOM   190  C  CE2 . TYR A 1 31  ? 7.707   -19.175 -1.926  1.00 36.36 ? 122 TYR A CE2 1 
ATOM   191  C  CZ  . TYR A 1 31  ? 6.837   -20.024 -2.576  1.00 37.19 ? 122 TYR A CZ  1 
ATOM   192  O  OH  . TYR A 1 31  ? 7.288   -20.809 -3.608  1.00 41.09 ? 122 TYR A OH  1 
ATOM   193  N  N   . ASP A 1 32  ? 4.526   -14.788 2.072   1.00 32.85 ? 123 ASP A N   1 
ATOM   194  C  CA  . ASP A 1 32  ? 3.784   -14.019 3.071   1.00 34.36 ? 123 ASP A CA  1 
ATOM   195  C  C   . ASP A 1 32  ? 2.785   -13.080 2.403   1.00 37.49 ? 123 ASP A C   1 
ATOM   196  O  O   . ASP A 1 32  ? 1.640   -12.944 2.857   1.00 32.48 ? 123 ASP A O   1 
ATOM   197  C  CB  . ASP A 1 32  ? 4.750   -13.222 3.941   1.00 36.49 ? 123 ASP A CB  1 
ATOM   198  C  CG  . ASP A 1 32  ? 5.582   -14.106 4.855   1.00 41.54 ? 123 ASP A CG  1 
ATOM   199  O  OD1 . ASP A 1 32  ? 5.190   -15.273 5.084   1.00 45.43 ? 123 ASP A OD1 1 
ATOM   200  O  OD2 . ASP A 1 32  ? 6.622   -13.620 5.344   1.00 40.84 ? 123 ASP A OD2 1 
ATOM   201  N  N   . LEU A 1 33  ? 3.205   -12.422 1.319   1.00 32.27 ? 124 LEU A N   1 
ATOM   202  C  CA  . LEU A 1 33  ? 2.299   -11.521 0.618   1.00 31.72 ? 124 LEU A CA  1 
ATOM   203  C  C   . LEU A 1 33  ? 1.132   -12.291 0.027   1.00 33.95 ? 124 LEU A C   1 
ATOM   204  O  O   . LEU A 1 33  ? -0.025  -11.870 0.154   1.00 34.10 ? 124 LEU A O   1 
ATOM   205  C  CB  . LEU A 1 33  ? 3.060   -10.748 -0.463  1.00 31.13 ? 124 LEU A CB  1 
ATOM   206  C  CG  . LEU A 1 33  ? 2.182   -9.849  -1.343  1.00 31.57 ? 124 LEU A CG  1 
ATOM   207  C  CD1 . LEU A 1 33  ? 1.374   -8.876  -0.468  1.00 30.66 ? 124 LEU A CD1 1 
ATOM   208  C  CD2 . LEU A 1 33  ? 3.054   -9.099  -2.340  1.00 32.61 ? 124 LEU A CD2 1 
ATOM   209  N  N   . GLN A 1 34  ? 1.410   -13.443 -0.602  1.00 35.56 ? 125 GLN A N   1 
ATOM   210  C  CA  . GLN A 1 34  ? 0.333   -14.275 -1.123  1.00 34.59 ? 125 GLN A CA  1 
ATOM   211  C  C   . GLN A 1 34  ? -0.692  -14.592 -0.037  1.00 36.45 ? 125 GLN A C   1 
ATOM   212  O  O   . GLN A 1 34  ? -1.900  -14.479 -0.259  1.00 38.37 ? 125 GLN A O   1 
ATOM   213  C  CB  . GLN A 1 34  ? 0.899   -15.565 -1.723  1.00 37.77 ? 125 GLN A CB  1 
ATOM   214  C  CG  . GLN A 1 34  ? -0.187  -16.530 -2.187  1.00 39.87 ? 125 GLN A CG  1 
ATOM   215  C  CD  . GLN A 1 34  ? 0.368   -17.734 -2.937  1.00 41.23 ? 125 GLN A CD  1 
ATOM   216  O  OE1 . GLN A 1 34  ? 0.273   -17.820 -4.163  1.00 41.17 ? 125 GLN A OE1 1 
ATOM   217  N  NE2 . GLN A 1 34  ? 0.942   -18.671 -2.199  1.00 40.75 ? 125 GLN A NE2 1 
ATOM   218  N  N   . ALA A 1 35  ? -0.220  -14.983 1.151   1.00 37.24 ? 126 ALA A N   1 
ATOM   219  C  CA  . ALA A 1 35  ? -1.135  -15.306 2.245   1.00 39.62 ? 126 ALA A CA  1 
ATOM   220  C  C   . ALA A 1 35  ? -1.944  -14.088 2.672   1.00 41.33 ? 126 ALA A C   1 
ATOM   221  O  O   . ALA A 1 35  ? -3.130  -14.206 3.012   1.00 41.17 ? 126 ALA A O   1 
ATOM   222  C  CB  . ALA A 1 35  ? -0.358  -15.861 3.441   1.00 36.42 ? 126 ALA A CB  1 
ATOM   223  N  N   . LEU A 1 36  ? -1.317  -12.908 2.673   1.00 34.82 ? 127 LEU A N   1 
ATOM   224  C  CA  . LEU A 1 36  ? -2.049  -11.696 3.017   1.00 37.94 ? 127 LEU A CA  1 
ATOM   225  C  C   . LEU A 1 36  ? -3.112  -11.396 1.972   1.00 37.69 ? 127 LEU A C   1 
ATOM   226  O  O   . LEU A 1 36  ? -4.256  -11.073 2.317   1.00 38.47 ? 127 LEU A O   1 
ATOM   227  C  CB  . LEU A 1 36  ? -1.082  -10.522 3.173   1.00 34.74 ? 127 LEU A CB  1 
ATOM   228  C  CG  . LEU A 1 36  ? -1.667  -9.141  3.492   1.00 35.23 ? 127 LEU A CG  1 
ATOM   229  C  CD1 . LEU A 1 36  ? -2.301  -9.144  4.872   1.00 39.47 ? 127 LEU A CD1 1 
ATOM   230  C  CD2 . LEU A 1 36  ? -0.576  -8.072  3.415   1.00 34.71 ? 127 LEU A CD2 1 
ATOM   231  N  N   . CYS A 1 37  ? -2.757  -11.508 0.689   1.00 35.09 ? 128 CYS A N   1 
ATOM   232  C  CA  . CYS A 1 37  ? -3.730  -11.277 -0.365  1.00 37.86 ? 128 CYS A CA  1 
ATOM   233  C  C   . CYS A 1 37  ? -4.832  -12.325 -0.345  1.00 42.47 ? 128 CYS A C   1 
ATOM   234  O  O   . CYS A 1 37  ? -5.986  -12.009 -0.650  1.00 44.97 ? 128 CYS A O   1 
ATOM   235  C  CB  . CYS A 1 37  ? -3.040  -11.257 -1.725  1.00 37.96 ? 128 CYS A CB  1 
ATOM   236  S  SG  . CYS A 1 37  ? -1.785  -9.990  -1.809  1.00 32.83 ? 128 CYS A SG  1 
ATOM   237  N  N   . ASP A 1 38  ? -4.501  -13.572 0.001   1.00 39.31 ? 129 ASP A N   1 
ATOM   238  C  CA  . ASP A 1 38  ? -5.547  -14.574 0.206   1.00 42.87 ? 129 ASP A CA  1 
ATOM   239  C  C   . ASP A 1 38  ? -6.596  -14.066 1.184   1.00 42.39 ? 129 ASP A C   1 
ATOM   240  O  O   . ASP A 1 38  ? -7.800  -14.182 0.932   1.00 45.87 ? 129 ASP A O   1 
ATOM   241  C  CB  . ASP A 1 38  ? -4.950  -15.880 0.728   1.00 42.87 ? 129 ASP A CB  1 
ATOM   242  C  CG  . ASP A 1 38  ? -4.160  -16.636 -0.320  1.00 44.76 ? 129 ASP A CG  1 
ATOM   243  O  OD1 . ASP A 1 38  ? -4.430  -16.485 -1.540  1.00 45.57 ? 129 ASP A OD1 1 
ATOM   244  O  OD2 . ASP A 1 38  ? -3.262  -17.402 0.099   1.00 47.00 ? 129 ASP A OD2 1 
ATOM   245  N  N   . LYS A 1 39  ? -6.153  -13.504 2.295   1.00 41.94 ? 130 LYS A N   1 
ATOM   246  C  CA  . LYS A 1 39  ? -7.082  -13.036 3.354   1.00 43.40 ? 130 LYS A CA  1 
ATOM   247  C  C   . LYS A 1 39  ? -8.033  -11.952 2.868   1.00 49.05 ? 130 LYS A C   1 
ATOM   248  O  O   . LYS A 1 39  ? -9.031  -11.776 3.487   1.00 48.85 ? 130 LYS A O   1 
ATOM   249  C  CB  . LYS A 1 39  ? -6.342  -12.541 4.584   1.00 44.30 ? 130 LYS A CB  1 
ATOM   250  C  CG  . LYS A 1 39  ? -5.589  -13.617 5.308   1.00 45.27 ? 130 LYS A CG  1 
ATOM   251  C  CD  . LYS A 1 39  ? -5.121  -13.137 6.617   1.00 50.32 ? 130 LYS A CD  1 
ATOM   252  C  CE  . LYS A 1 39  ? -4.504  -14.264 7.396   1.00 54.18 ? 130 LYS A CE  1 
ATOM   253  N  NZ  . LYS A 1 39  ? -3.183  -13.864 7.888   1.00 56.95 ? 130 LYS A NZ  1 
ATOM   254  N  N   . VAL A 1 40  ? -7.662  -11.184 1.867   1.00 44.69 ? 131 VAL A N   1 
ATOM   255  C  CA  . VAL A 1 40  ? -8.569  -10.186 1.307   1.00 46.09 ? 131 VAL A CA  1 
ATOM   256  C  C   . VAL A 1 40  ? -9.147  -10.638 -0.031  1.00 48.06 ? 131 VAL A C   1 
ATOM   257  O  O   . VAL A 1 40  ? -9.711  -9.827  -0.768  1.00 50.85 ? 131 VAL A O   1 
ATOM   258  C  CB  . VAL A 1 40  ? -7.888  -8.811  1.193   1.00 41.73 ? 131 VAL A CB  1 
ATOM   259  C  CG1 . VAL A 1 40  ? -7.434  -8.347  2.566   1.00 42.27 ? 131 VAL A CG1 1 
ATOM   260  C  CG2 . VAL A 1 40  ? -6.703  -8.869  0.229   1.00 43.70 ? 131 VAL A CG2 1 
ATOM   261  N  N   . GLY A 1 41  ? -9.014  -11.921 -0.363  1.00 45.51 ? 132 GLY A N   1 
ATOM   262  C  CA  . GLY A 1 41  ? -9.758  -12.495 -1.466  1.00 46.02 ? 132 GLY A CA  1 
ATOM   263  C  C   . GLY A 1 41  ? -9.190  -12.298 -2.851  1.00 52.92 ? 132 GLY A C   1 
ATOM   264  O  O   . GLY A 1 41  ? -9.940  -12.395 -3.829  1.00 56.06 ? 132 GLY A O   1 
ATOM   265  N  N   . TRP A 1 42  ? -7.884  -12.039 -2.981  1.00 47.04 ? 133 TRP A N   1 
ATOM   266  C  CA  . TRP A 1 42  ? -7.347  -11.861 -4.324  1.00 50.24 ? 133 TRP A CA  1 
ATOM   267  C  C   . TRP A 1 42  ? -7.118  -13.209 -4.993  1.00 52.10 ? 133 TRP A C   1 
ATOM   268  O  O   . TRP A 1 42  ? -6.585  -14.129 -4.368  1.00 52.55 ? 133 TRP A O   1 
ATOM   269  C  CB  . TRP A 1 42  ? -6.023  -11.118 -4.292  1.00 48.12 ? 133 TRP A CB  1 
ATOM   270  C  CG  . TRP A 1 42  ? -6.110  -9.678  -4.022  1.00 49.03 ? 133 TRP A CG  1 
ATOM   271  C  CD1 . TRP A 1 42  ? -7.146  -8.998  -3.464  1.00 48.85 ? 133 TRP A CD1 1 
ATOM   272  C  CD2 . TRP A 1 42  ? -5.087  -8.718  -4.286  1.00 51.15 ? 133 TRP A CD2 1 
ATOM   273  N  NE1 . TRP A 1 42  ? -6.832  -7.661  -3.364  1.00 52.82 ? 133 TRP A NE1 1 
ATOM   274  C  CE2 . TRP A 1 42  ? -5.572  -7.465  -3.865  1.00 51.47 ? 133 TRP A CE2 1 
ATOM   275  C  CE3 . TRP A 1 42  ? -3.804  -8.796  -4.838  1.00 51.13 ? 133 TRP A CE3 1 
ATOM   276  C  CZ2 . TRP A 1 42  ? -4.821  -6.300  -3.983  1.00 49.49 ? 133 TRP A CZ2 1 
ATOM   277  C  CZ3 . TRP A 1 42  ? -3.063  -7.644  -4.953  1.00 49.06 ? 133 TRP A CZ3 1 
ATOM   278  C  CH2 . TRP A 1 42  ? -3.574  -6.408  -4.528  1.00 46.46 ? 133 TRP A CH2 1 
ATOM   279  N  N   . PRO A 1 43  ? -7.464  -13.343 -6.269  1.00 53.07 ? 134 PRO A N   1 
ATOM   280  C  CA  . PRO A 1 43  ? -7.033  -14.527 -7.013  1.00 56.33 ? 134 PRO A CA  1 
ATOM   281  C  C   . PRO A 1 43  ? -5.514  -14.565 -7.072  1.00 53.52 ? 134 PRO A C   1 
ATOM   282  O  O   . PRO A 1 43  ? -4.851  -13.532 -7.203  1.00 52.20 ? 134 PRO A O   1 
ATOM   283  C  CB  . PRO A 1 43  ? -7.656  -14.327 -8.397  1.00 54.80 ? 134 PRO A CB  1 
ATOM   284  C  CG  . PRO A 1 43  ? -7.809  -12.850 -8.521  1.00 55.36 ? 134 PRO A CG  1 
ATOM   285  C  CD  . PRO A 1 43  ? -8.107  -12.340 -7.136  1.00 55.02 ? 134 PRO A CD  1 
ATOM   286  N  N   . ARG A 1 44  ? -4.963  -15.763 -6.940  1.00 50.42 ? 135 ARG A N   1 
ATOM   287  C  CA  . ARG A 1 44  ? -3.518  -15.895 -6.951  1.00 49.83 ? 135 ARG A CA  1 
ATOM   288  C  C   . ARG A 1 44  ? -2.968  -15.591 -8.340  1.00 51.02 ? 135 ARG A C   1 
ATOM   289  O  O   . ARG A 1 44  ? -3.655  -15.737 -9.355  1.00 51.12 ? 135 ARG A O   1 
ATOM   290  C  CB  . ARG A 1 44  ? -3.113  -17.291 -6.496  1.00 49.97 ? 135 ARG A CB  1 
ATOM   291  C  CG  . ARG A 1 44  ? -3.457  -17.541 -5.045  1.00 48.97 ? 135 ARG A CG  1 
ATOM   292  C  CD  . ARG A 1 44  ? -2.813  -18.789 -4.523  1.00 47.94 ? 135 ARG A CD  1 
ATOM   293  N  NE  . ARG A 1 44  ? -3.043  -18.907 -3.090  1.00 46.87 ? 135 ARG A NE  1 
ATOM   294  C  CZ  . ARG A 1 44  ? -2.482  -19.830 -2.320  1.00 50.95 ? 135 ARG A CZ  1 
ATOM   295  N  NH1 . ARG A 1 44  ? -1.657  -20.722 -2.855  1.00 55.25 ? 135 ARG A NH1 1 
ATOM   296  N  NH2 . ARG A 1 44  ? -2.744  -19.860 -1.018  1.00 50.84 ? 135 ARG A NH2 1 
ATOM   297  N  N   . ARG A 1 45  ? -1.727  -15.132 -8.375  1.00 44.34 ? 136 ARG A N   1 
ATOM   298  C  CA  . ARG A 1 45  ? -1.041  -14.874 -9.629  1.00 44.87 ? 136 ARG A CA  1 
ATOM   299  C  C   . ARG A 1 45  ? 0.343   -15.492 -9.552  1.00 43.25 ? 136 ARG A C   1 
ATOM   300  O  O   . ARG A 1 45  ? 0.799   -15.869 -8.468  1.00 42.36 ? 136 ARG A O   1 
ATOM   301  C  CB  . ARG A 1 45  ? -0.963  -13.365 -9.909  1.00 45.87 ? 136 ARG A CB  1 
ATOM   302  C  CG  . ARG A 1 45  ? -2.336  -12.714 -9.909  1.00 49.41 ? 136 ARG A CG  1 
ATOM   303  C  CD  . ARG A 1 45  ? -2.271  -11.236 -10.208 1.00 50.59 ? 136 ARG A CD  1 
ATOM   304  N  NE  . ARG A 1 45  ? -1.876  -10.469 -9.031  1.00 53.00 ? 136 ARG A NE  1 
ATOM   305  C  CZ  . ARG A 1 45  ? -1.933  -9.142  -8.948  1.00 54.23 ? 136 ARG A CZ  1 
ATOM   306  N  NH1 . ARG A 1 45  ? -2.379  -8.435  -9.984  1.00 47.98 ? 136 ARG A NH1 1 
ATOM   307  N  NH2 . ARG A 1 45  ? -1.543  -8.525  -7.834  1.00 56.06 ? 136 ARG A NH2 1 
ATOM   308  N  N   . PRO A 1 46  ? 1.015   -15.648 -10.692 1.00 39.74 ? 137 PRO A N   1 
ATOM   309  C  CA  . PRO A 1 46  ? 2.346   -16.260 -10.679 1.00 43.21 ? 137 PRO A CA  1 
ATOM   310  C  C   . PRO A 1 46  ? 3.269   -15.585 -9.680  1.00 42.36 ? 137 PRO A C   1 
ATOM   311  O  O   . PRO A 1 46  ? 3.448   -14.365 -9.693  1.00 39.81 ? 137 PRO A O   1 
ATOM   312  C  CB  . PRO A 1 46  ? 2.832   -16.062 -12.119 1.00 41.96 ? 137 PRO A CB  1 
ATOM   313  C  CG  . PRO A 1 46  ? 1.582   -16.079 -12.919 1.00 41.58 ? 137 PRO A CG  1 
ATOM   314  C  CD  . PRO A 1 46  ? 0.509   -15.463 -12.066 1.00 41.17 ? 137 PRO A CD  1 
ATOM   315  N  N   . LEU A 1 47  ? 3.845   -16.393 -8.788  1.00 38.48 ? 138 LEU A N   1 
ATOM   316  C  CA  . LEU A 1 47  ? 4.751   -15.849 -7.789  1.00 37.70 ? 138 LEU A CA  1 
ATOM   317  C  C   . LEU A 1 47  ? 5.917   -15.111 -8.426  1.00 35.26 ? 138 LEU A C   1 
ATOM   318  O  O   . LEU A 1 47  ? 6.411   -14.129 -7.859  1.00 34.96 ? 138 LEU A O   1 
ATOM   319  C  CB  . LEU A 1 47  ? 5.266   -16.969 -6.879  1.00 34.89 ? 138 LEU A CB  1 
ATOM   320  C  CG  . LEU A 1 47  ? 4.200   -17.569 -5.971  1.00 37.44 ? 138 LEU A CG  1 
ATOM   321  C  CD1 . LEU A 1 47  ? 4.747   -18.802 -5.260  1.00 41.96 ? 138 LEU A CD1 1 
ATOM   322  C  CD2 . LEU A 1 47  ? 3.702   -16.548 -4.961  1.00 39.37 ? 138 LEU A CD2 1 
ATOM   323  N  N   . THR A 1 48  ? 6.395   -15.563 -9.587  1.00 35.94 ? 139 THR A N   1 
ATOM   324  C  CA  . THR A 1 48  ? 7.513   -14.831 -10.178 1.00 32.78 ? 139 THR A CA  1 
ATOM   325  C  C   . THR A 1 48  ? 7.052   -13.485 -10.734 1.00 30.41 ? 139 THR A C   1 
ATOM   326  O  O   . THR A 1 48  ? 7.848   -12.546 -10.796 1.00 33.06 ? 139 THR A O   1 
ATOM   327  C  CB  . THR A 1 48  ? 8.203   -15.638 -11.273 1.00 36.33 ? 139 THR A CB  1 
ATOM   328  O  OG1 . THR A 1 48  ? 7.226   -16.068 -12.226 1.00 37.62 ? 139 THR A OG1 1 
ATOM   329  C  CG2 . THR A 1 48  ? 8.944   -16.863 -10.672 1.00 36.27 ? 139 THR A CG2 1 
ATOM   330  N  N   . LYS A 1 49  ? 5.789   -13.385 -11.148 1.00 32.10 ? 140 LYS A N   1 
ATOM   331  C  CA  . LYS A 1 49  ? 5.330   -12.070 -11.593 1.00 35.60 ? 140 LYS A CA  1 
ATOM   332  C  C   . LYS A 1 49  ? 5.022   -11.160 -10.412 1.00 34.17 ? 140 LYS A C   1 
ATOM   333  O  O   . LYS A 1 49  ? 5.292   -9.952  -10.475 1.00 31.69 ? 140 LYS A O   1 
ATOM   334  C  CB  . LYS A 1 49  ? 4.123   -12.212 -12.523 1.00 37.21 ? 140 LYS A CB  1 
ATOM   335  C  CG  . LYS A 1 49  ? 4.546   -12.690 -13.928 1.00 43.45 ? 140 LYS A CG  1 
ATOM   336  C  CD  . LYS A 1 49  ? 5.564   -11.764 -14.596 1.00 52.51 ? 140 LYS A CD  1 
ATOM   337  C  CE  . LYS A 1 49  ? 7.030   -12.162 -14.309 1.00 49.55 ? 140 LYS A CE  1 
ATOM   338  N  NZ  . LYS A 1 49  ? 8.051   -11.224 -14.902 1.00 56.95 ? 140 LYS A NZ  1 
ATOM   339  N  N   . ILE A 1 50  ? 4.567   -11.702 -9.279  1.00 33.20 ? 141 ILE A N   1 
ATOM   340  C  CA  . ILE A 1 50  ? 4.487   -10.889 -8.062  1.00 31.14 ? 141 ILE A CA  1 
ATOM   341  C  C   . ILE A 1 50  ? 5.871   -10.410 -7.640  1.00 32.03 ? 141 ILE A C   1 
ATOM   342  O  O   . ILE A 1 50  ? 6.071   -9.225  -7.327  1.00 29.49 ? 141 ILE A O   1 
ATOM   343  C  CB  . ILE A 1 50  ? 3.792   -11.674 -6.937  1.00 30.68 ? 141 ILE A CB  1 
ATOM   344  C  CG1 . ILE A 1 50  ? 2.342   -11.959 -7.334  1.00 35.71 ? 141 ILE A CG1 1 
ATOM   345  C  CG2 . ILE A 1 50  ? 3.889   -10.919 -5.614  1.00 31.84 ? 141 ILE A CG2 1 
ATOM   346  C  CD1 . ILE A 1 50  ? 1.635   -12.939 -6.438  1.00 37.56 ? 141 ILE A CD1 1 
ATOM   347  N  N   . ALA A 1 51  ? 6.853   -11.326 -7.625  1.00 29.99 ? 142 ALA A N   1 
ATOM   348  C  CA  . ALA A 1 51  ? 8.223   -10.935 -7.303  1.00 28.34 ? 142 ALA A CA  1 
ATOM   349  C  C   . ALA A 1 51  ? 8.702   -9.847  -8.247  1.00 29.37 ? 142 ALA A C   1 
ATOM   350  O  O   . ALA A 1 51  ? 9.350   -8.881  -7.825  1.00 28.69 ? 142 ALA A O   1 
ATOM   351  C  CB  . ALA A 1 51  ? 9.156   -12.154 -7.383  1.00 31.91 ? 142 ALA A CB  1 
ATOM   352  N  N   . ALA A 1 52  ? 8.388   -9.986  -9.539  1.00 30.17 ? 143 ALA A N   1 
ATOM   353  C  CA  . ALA A 1 52  ? 8.826   -8.961  -10.478 1.00 31.92 ? 143 ALA A CA  1 
ATOM   354  C  C   . ALA A 1 52  ? 8.160   -7.630  -10.156 1.00 26.92 ? 143 ALA A C   1 
ATOM   355  O  O   . ALA A 1 52  ? 8.818   -6.585  -10.174 1.00 29.04 ? 143 ALA A O   1 
ATOM   356  C  CB  . ALA A 1 52  ? 8.518   -9.383  -11.917 1.00 30.52 ? 143 ALA A CB  1 
ATOM   357  N  N   . SER A 1 53  ? 6.860   -7.654  -9.842  1.00 26.17 ? 144 SER A N   1 
ATOM   358  C  CA  . SER A 1 53  ? 6.175   -6.396  -9.544  1.00 26.23 ? 144 SER A CA  1 
ATOM   359  C  C   . SER A 1 53  ? 6.782   -5.733  -8.320  1.00 28.24 ? 144 SER A C   1 
ATOM   360  O  O   . SER A 1 53  ? 6.912   -4.507  -8.274  1.00 28.27 ? 144 SER A O   1 
ATOM   361  C  CB  . SER A 1 53  ? 4.677   -6.622  -9.358  1.00 30.96 ? 144 SER A CB  1 
ATOM   362  O  OG  . SER A 1 53  ? 4.406   -7.237  -8.115  1.00 35.81 ? 144 SER A OG  1 
ATOM   363  N  N   . LEU A 1 54  ? 7.214   -6.537  -7.337  1.00 27.56 ? 145 LEU A N   1 
ATOM   364  C  CA  . LEU A 1 54  ? 7.823   -5.974  -6.129  1.00 27.48 ? 145 LEU A CA  1 
ATOM   365  C  C   . LEU A 1 54  ? 9.168   -5.324  -6.414  1.00 26.16 ? 145 LEU A C   1 
ATOM   366  O  O   . LEU A 1 54  ? 9.437   -4.200  -5.963  1.00 24.85 ? 145 LEU A O   1 
ATOM   367  C  CB  . LEU A 1 54  ? 7.993   -7.063  -5.072  1.00 26.70 ? 145 LEU A CB  1 
ATOM   368  C  CG  . LEU A 1 54  ? 6.670   -7.535  -4.496  1.00 29.25 ? 145 LEU A CG  1 
ATOM   369  C  CD1 . LEU A 1 54  ? 6.876   -8.836  -3.674  1.00 32.15 ? 145 LEU A CD1 1 
ATOM   370  C  CD2 . LEU A 1 54  ? 6.089   -6.423  -3.630  1.00 27.56 ? 145 LEU A CD2 1 
ATOM   371  N  N   . ARG A 1 55  ? 10.064  -6.037  -7.116  1.00 26.65 ? 146 ARG A N   1 
ATOM   372  C  CA  . ARG A 1 55  ? 11.386  -5.453  -7.307  1.00 27.91 ? 146 ARG A CA  1 
ATOM   373  C  C   . ARG A 1 55  ? 11.315  -4.208  -8.165  1.00 27.36 ? 146 ARG A C   1 
ATOM   374  O  O   . ARG A 1 55  ? 12.151  -3.305  -8.006  1.00 26.96 ? 146 ARG A O   1 
ATOM   375  C  CB  . ARG A 1 55  ? 12.359  -6.482  -7.898  1.00 32.87 ? 146 ARG A CB  1 
ATOM   376  C  CG  . ARG A 1 55  ? 12.198  -6.756  -9.371  1.00 31.46 ? 146 ARG A CG  1 
ATOM   377  C  CD  . ARG A 1 55  ? 13.276  -7.765  -9.853  1.00 36.13 ? 146 ARG A CD  1 
ATOM   378  N  NE  . ARG A 1 55  ? 13.011  -9.066  -9.254  1.00 33.81 ? 146 ARG A NE  1 
ATOM   379  C  CZ  . ARG A 1 55  ? 12.477  -10.092 -9.899  1.00 33.19 ? 146 ARG A CZ  1 
ATOM   380  N  NH1 . ARG A 1 55  ? 12.172  -9.992  -11.193 1.00 36.68 ? 146 ARG A NH1 1 
ATOM   381  N  NH2 . ARG A 1 55  ? 12.237  -11.218 -9.241  1.00 32.85 ? 146 ARG A NH2 1 
ATOM   382  N  N   . ASN A 1 56  ? 10.279  -4.096  -8.998  1.00 25.79 ? 147 ASN A N   1 
ATOM   383  C  CA  . ASN A 1 56  ? 10.068  -2.909  -9.810  1.00 24.68 ? 147 ASN A CA  1 
ATOM   384  C  C   . ASN A 1 56  ? 9.095   -1.907  -9.184  1.00 26.42 ? 147 ASN A C   1 
ATOM   385  O  O   . ASN A 1 56  ? 8.579   -1.028  -9.891  1.00 25.62 ? 147 ASN A O   1 
ATOM   386  C  CB  . ASN A 1 56  ? 9.605   -3.328  -11.198 1.00 22.89 ? 147 ASN A CB  1 
ATOM   387  C  CG  . ASN A 1 56  ? 10.703  -4.046  -11.963 1.00 25.30 ? 147 ASN A CG  1 
ATOM   388  O  OD1 . ASN A 1 56  ? 11.714  -3.426  -12.329 1.00 27.11 ? 147 ASN A OD1 1 
ATOM   389  N  ND2 . ASN A 1 56  ? 10.532  -5.359  -12.186 1.00 26.64 ? 147 ASN A ND2 1 
ATOM   390  N  N   . SER A 1 57  ? 8.844   -2.007  -7.888  1.00 25.74 ? 148 SER A N   1 
ATOM   391  C  CA  . SER A 1 57  ? 8.057   -1.015  -7.167  1.00 26.80 ? 148 SER A CA  1 
ATOM   392  C  C   . SER A 1 57  ? 9.016   -0.183  -6.327  1.00 26.51 ? 148 SER A C   1 
ATOM   393  O  O   . SER A 1 57  ? 9.634   -0.689  -5.378  1.00 27.63 ? 148 SER A O   1 
ATOM   394  C  CB  . SER A 1 57  ? 6.973   -1.665  -6.307  1.00 27.56 ? 148 SER A CB  1 
ATOM   395  O  OG  . SER A 1 57  ? 6.034   -2.304  -7.148  1.00 26.55 ? 148 SER A OG  1 
ATOM   396  N  N   . TYR A 1 58  ? 9.119   1.088   -6.685  1.00 22.52 ? 149 TYR A N   1 
ATOM   397  C  CA  . TYR A 1 58  ? 9.994   2.050   -6.028  1.00 24.87 ? 149 TYR A CA  1 
ATOM   398  C  C   . TYR A 1 58  ? 9.788   2.091   -4.528  1.00 27.02 ? 149 TYR A C   1 
ATOM   399  O  O   . TYR A 1 58  ? 10.741  2.277   -3.764  1.00 28.70 ? 149 TYR A O   1 
ATOM   400  C  CB  . TYR A 1 58  ? 9.707   3.424   -6.611  1.00 24.10 ? 149 TYR A CB  1 
ATOM   401  C  CG  . TYR A 1 58  ? 10.510  4.593   -6.107  1.00 25.76 ? 149 TYR A CG  1 
ATOM   402  C  CD1 . TYR A 1 58  ? 11.875  4.672   -6.331  1.00 29.66 ? 149 TYR A CD1 1 
ATOM   403  C  CD2 . TYR A 1 58  ? 9.882   5.667   -5.473  1.00 29.05 ? 149 TYR A CD2 1 
ATOM   404  C  CE1 . TYR A 1 58  ? 12.606  5.778   -5.912  1.00 33.07 ? 149 TYR A CE1 1 
ATOM   405  C  CE2 . TYR A 1 58  ? 10.600  6.785   -5.063  1.00 33.52 ? 149 TYR A CE2 1 
ATOM   406  C  CZ  . TYR A 1 58  ? 11.965  6.835   -5.292  1.00 33.80 ? 149 TYR A CZ  1 
ATOM   407  O  OH  . TYR A 1 58  ? 12.698  7.938   -4.882  1.00 39.21 ? 149 TYR A OH  1 
ATOM   408  N  N   . LEU A 1 59  ? 8.548   1.966   -4.084  1.00 26.59 ? 150 LEU A N   1 
ATOM   409  C  CA  . LEU A 1 59  ? 8.258   1.975   -2.659  1.00 26.34 ? 150 LEU A CA  1 
ATOM   410  C  C   . LEU A 1 59  ? 7.481   0.713   -2.322  1.00 27.10 ? 150 LEU A C   1 
ATOM   411  O  O   . LEU A 1 59  ? 6.392   0.486   -2.856  1.00 28.56 ? 150 LEU A O   1 
ATOM   412  C  CB  . LEU A 1 59  ? 7.474   3.236   -2.272  1.00 27.73 ? 150 LEU A CB  1 
ATOM   413  C  CG  . LEU A 1 59  ? 6.998   3.256   -0.819  1.00 31.62 ? 150 LEU A CG  1 
ATOM   414  C  CD1 . LEU A 1 59  ? 8.183   3.152   0.132   1.00 32.86 ? 150 LEU A CD1 1 
ATOM   415  C  CD2 . LEU A 1 59  ? 6.192   4.520   -0.569  1.00 36.72 ? 150 LEU A CD2 1 
ATOM   416  N  N   . VAL A 1 60  ? 8.056   -0.123  -1.461  1.00 25.43 ? 151 VAL A N   1 
ATOM   417  C  CA  . VAL A 1 60  ? 7.354   -1.256  -0.900  1.00 27.71 ? 151 VAL A CA  1 
ATOM   418  C  C   . VAL A 1 60  ? 7.410   -1.033  0.601   1.00 31.91 ? 151 VAL A C   1 
ATOM   419  O  O   . VAL A 1 60  ? 8.495   -1.055  1.192   1.00 30.31 ? 151 VAL A O   1 
ATOM   420  C  CB  . VAL A 1 60  ? 7.989   -2.598  -1.299  1.00 31.59 ? 151 VAL A CB  1 
ATOM   421  C  CG1 . VAL A 1 60  ? 7.322   -3.756  -0.563  1.00 30.76 ? 151 VAL A CG1 1 
ATOM   422  C  CG2 . VAL A 1 60  ? 7.916   -2.791  -2.821  1.00 28.50 ? 151 VAL A CG2 1 
ATOM   423  N  N   . ALA A 1 61  ? 6.262   -0.751  1.204   1.00 28.38 ? 152 ALA A N   1 
ATOM   424  C  CA  . ALA A 1 61  ? 6.196   -0.412  2.617   1.00 27.10 ? 152 ALA A CA  1 
ATOM   425  C  C   . ALA A 1 61  ? 5.420   -1.505  3.322   1.00 31.06 ? 152 ALA A C   1 
ATOM   426  O  O   . ALA A 1 61  ? 4.415   -1.994  2.793   1.00 32.58 ? 152 ALA A O   1 
ATOM   427  C  CB  . ALA A 1 61  ? 5.519   0.964   2.826   1.00 30.22 ? 152 ALA A CB  1 
ATOM   428  N  N   . THR A 1 62  ? 5.903   -1.927  4.492   1.00 28.83 ? 153 THR A N   1 
ATOM   429  C  CA  . THR A 1 62  ? 5.322   -3.068  5.182   1.00 29.48 ? 153 THR A CA  1 
ATOM   430  C  C   . THR A 1 62  ? 4.983   -2.713  6.622   1.00 29.18 ? 153 THR A C   1 
ATOM   431  O  O   . THR A 1 62  ? 5.626   -1.855  7.235   1.00 29.60 ? 153 THR A O   1 
ATOM   432  C  CB  . THR A 1 62  ? 6.271   -4.275  5.227   1.00 32.14 ? 153 THR A CB  1 
ATOM   433  O  OG1 . THR A 1 62  ? 7.510   -3.860  5.809   1.00 33.75 ? 153 THR A OG1 1 
ATOM   434  C  CG2 . THR A 1 62  ? 6.520   -4.818  3.839   1.00 33.41 ? 153 THR A CG2 1 
ATOM   435  N  N   . LEU A 1 63  ? 3.968   -3.404  7.140   1.00 32.08 ? 154 LEU A N   1 
ATOM   436  C  CA  . LEU A 1 63  ? 3.698   -3.530  8.570   1.00 33.33 ? 154 LEU A CA  1 
ATOM   437  C  C   . LEU A 1 63  ? 3.905   -4.982  8.983   1.00 34.44 ? 154 LEU A C   1 
ATOM   438  O  O   . LEU A 1 63  ? 3.342   -5.897  8.371   1.00 32.57 ? 154 LEU A O   1 
ATOM   439  C  CB  . LEU A 1 63  ? 2.262   -3.102  8.903   1.00 30.10 ? 154 LEU A CB  1 
ATOM   440  C  CG  . LEU A 1 63  ? 1.862   -1.651  8.572   1.00 32.38 ? 154 LEU A CG  1 
ATOM   441  C  CD1 . LEU A 1 63  ? 0.438   -1.371  9.029   1.00 36.62 ? 154 LEU A CD1 1 
ATOM   442  C  CD2 . LEU A 1 63  ? 2.828   -0.637  9.186   1.00 32.92 ? 154 LEU A CD2 1 
ATOM   443  N  N   . HIS A 1 64  ? 4.682   -5.200  10.037  1.00 35.00 ? 155 HIS A N   1 
ATOM   444  C  CA  . HIS A 1 64  ? 4.836   -6.523  10.620  1.00 37.21 ? 155 HIS A CA  1 
ATOM   445  C  C   . HIS A 1 64  ? 4.429   -6.488  12.087  1.00 38.18 ? 155 HIS A C   1 
ATOM   446  O  O   . HIS A 1 64  ? 4.649   -5.487  12.778  1.00 39.67 ? 155 HIS A O   1 
ATOM   447  C  CB  . HIS A 1 64  ? 6.281   -7.022  10.512  1.00 41.75 ? 155 HIS A CB  1 
ATOM   448  C  CG  . HIS A 1 64  ? 6.706   -7.380  9.123   1.00 40.09 ? 155 HIS A CG  1 
ATOM   449  N  ND1 . HIS A 1 64  ? 7.293   -6.471  8.272   1.00 40.33 ? 155 HIS A ND1 1 
ATOM   450  C  CD2 . HIS A 1 64  ? 6.649   -8.551  8.445   1.00 41.76 ? 155 HIS A CD2 1 
ATOM   451  C  CE1 . HIS A 1 64  ? 7.577   -7.065  7.126   1.00 39.96 ? 155 HIS A CE1 1 
ATOM   452  N  NE2 . HIS A 1 64  ? 7.193   -8.326  7.204   1.00 41.00 ? 155 HIS A NE2 1 
ATOM   453  N  N   . SER A 1 65  ? 3.807   -7.572  12.534  1.00 42.00 ? 156 SER A N   1 
ATOM   454  C  CA  . SER A 1 65  ? 3.603   -7.827  13.955  1.00 45.96 ? 156 SER A CA  1 
ATOM   455  C  C   . SER A 1 65  ? 4.799   -8.617  14.474  1.00 48.94 ? 156 SER A C   1 
ATOM   456  O  O   . SER A 1 65  ? 5.184   -9.630  13.881  1.00 46.13 ? 156 SER A O   1 
ATOM   457  C  CB  . SER A 1 65  ? 2.305   -8.594  14.193  1.00 46.66 ? 156 SER A CB  1 
ATOM   458  O  OG  . SER A 1 65  ? 2.267   -9.106  15.514  1.00 52.36 ? 156 SER A OG  1 
ATOM   459  N  N   . VAL A 1 66  ? 5.395   -8.132  15.562  1.00 49.70 ? 157 VAL A N   1 
ATOM   460  C  CA  . VAL A 1 66  ? 6.654   -8.662  16.089  1.00 53.43 ? 157 VAL A CA  1 
ATOM   461  C  C   . VAL A 1 66  ? 6.404   -9.000  17.559  1.00 56.04 ? 157 VAL A C   1 
ATOM   462  O  O   . VAL A 1 66  ? 6.380   -8.118  18.422  1.00 55.82 ? 157 VAL A O   1 
ATOM   463  C  CB  . VAL A 1 66  ? 7.814   -7.673  15.929  1.00 54.77 ? 157 VAL A CB  1 
ATOM   464  C  CG1 . VAL A 1 66  ? 9.105   -8.260  16.453  1.00 56.53 ? 157 VAL A CG1 1 
ATOM   465  C  CG2 . VAL A 1 66  ? 7.961   -7.274  14.466  1.00 52.83 ? 157 VAL A CG2 1 
ATOM   466  N  N   . THR A 1 67  ? 6.212   -10.285 17.852  1.00 60.80 ? 158 THR A N   1 
ATOM   467  C  CA  . THR A 1 67  ? 5.893   -10.744 19.206  1.00 60.85 ? 158 THR A CA  1 
ATOM   468  C  C   . THR A 1 67  ? 7.095   -11.381 19.915  1.00 61.82 ? 158 THR A C   1 
ATOM   469  O  O   . THR A 1 67  ? 8.143   -11.619 19.304  1.00 63.14 ? 158 THR A O   1 
ATOM   470  C  CB  . THR A 1 67  ? 4.726   -11.757 19.197  1.00 63.44 ? 158 THR A CB  1 
ATOM   471  O  OG1 . THR A 1 67  ? 3.578   -11.174 18.564  1.00 63.03 ? 158 THR A OG1 1 
ATOM   472  C  CG2 . THR A 1 67  ? 4.369   -12.189 20.615  1.00 65.37 ? 158 THR A CG2 1 
ATOM   473  N  N   . ARG A 1 77  ? 9.888   -14.546 14.308  1.00 71.77 ? 168 ARG A N   1 
ATOM   474  C  CA  . ARG A 1 77  ? 8.904   -13.941 15.245  1.00 66.78 ? 168 ARG A CA  1 
ATOM   475  C  C   . ARG A 1 77  ? 8.167   -12.782 14.558  1.00 61.17 ? 168 ARG A C   1 
ATOM   476  O  O   . ARG A 1 77  ? 7.504   -12.058 15.254  1.00 59.93 ? 168 ARG A O   1 
ATOM   477  C  CB  . ARG A 1 77  ? 9.633   -13.486 16.507  1.00 69.75 ? 168 ARG A CB  1 
ATOM   478  C  CG  . ARG A 1 77  ? 11.147  -13.595 16.418  1.00 74.84 ? 168 ARG A CG  1 
ATOM   479  C  CD  . ARG A 1 77  ? 11.877  -13.286 17.705  1.00 75.89 ? 168 ARG A CD  1 
ATOM   480  N  NE  . ARG A 1 77  ? 12.145  -11.866 17.902  1.00 81.16 ? 168 ARG A NE  1 
ATOM   481  C  CZ  . ARG A 1 77  ? 12.433  -10.983 16.954  1.00 84.87 ? 168 ARG A CZ  1 
ATOM   482  N  NH1 . ARG A 1 77  ? 12.489  -11.343 15.686  1.00 82.88 ? 168 ARG A NH1 1 
ATOM   483  N  NH2 . ARG A 1 77  ? 12.679  -9.731  17.282  1.00 86.21 ? 168 ARG A NH2 1 
ATOM   484  N  N   . LYS A 1 78  ? 8.270   -12.656 13.232  1.00 62.97 ? 169 LYS A N   1 
ATOM   485  C  CA  . LYS A 1 78  ? 7.649   -11.583 12.464  1.00 56.69 ? 169 LYS A CA  1 
ATOM   486  C  C   . LYS A 1 78  ? 6.492   -12.127 11.639  1.00 54.56 ? 169 LYS A C   1 
ATOM   487  O  O   . LYS A 1 78  ? 6.573   -13.231 11.090  1.00 56.42 ? 169 LYS A O   1 
ATOM   488  C  CB  . LYS A 1 78  ? 8.665   -10.918 11.532  1.00 58.29 ? 169 LYS A CB  1 
ATOM   489  C  CG  . LYS A 1 78  ? 9.481   -9.799  12.169  1.00 58.11 ? 169 LYS A CG  1 
ATOM   490  C  CD  . LYS A 1 78  ? 10.733  -9.468  11.351  1.00 62.70 ? 169 LYS A CD  1 
ATOM   491  C  CE  . LYS A 1 78  ? 10.546  -8.219  10.492  1.00 58.33 ? 169 LYS A CE  1 
ATOM   492  N  NZ  . LYS A 1 78  ? 11.017  -6.960  11.153  1.00 62.52 ? 169 LYS A NZ  1 
ATOM   493  N  N   . GLN A 1 79  ? 5.416   -11.352 11.547  1.00 48.31 ? 170 GLN A N   1 
ATOM   494  C  CA  . GLN A 1 79  ? 4.274   -11.709 10.715  1.00 46.55 ? 170 GLN A CA  1 
ATOM   495  C  C   . GLN A 1 79  ? 3.864   -10.501 9.888   1.00 45.29 ? 170 GLN A C   1 
ATOM   496  O  O   . GLN A 1 79  ? 3.539   -9.454  10.449  1.00 38.53 ? 170 GLN A O   1 
ATOM   497  C  CB  . GLN A 1 79  ? 3.086   -12.188 11.553  1.00 46.41 ? 170 GLN A CB  1 
ATOM   498  C  CG  . GLN A 1 79  ? 1.900   -12.639 10.714  1.00 50.64 ? 170 GLN A CG  1 
ATOM   499  C  CD  . GLN A 1 79  ? 0.586   -12.557 11.474  1.00 59.96 ? 170 GLN A CD  1 
ATOM   500  O  OE1 . GLN A 1 79  ? -0.475  -12.885 10.931  1.00 64.51 ? 170 GLN A OE1 1 
ATOM   501  N  NE2 . GLN A 1 79  ? 0.644   -12.114 12.731  1.00 59.30 ? 170 GLN A NE2 1 
ATOM   502  N  N   . LEU A 1 80  ? 3.856   -10.652 8.564   1.00 39.88 ? 171 LEU A N   1 
ATOM   503  C  CA  . LEU A 1 80  ? 3.423   -9.562  7.693   1.00 37.93 ? 171 LEU A CA  1 
ATOM   504  C  C   . LEU A 1 80  ? 1.934   -9.304  7.881   1.00 37.01 ? 171 LEU A C   1 
ATOM   505  O  O   . LEU A 1 80  ? 1.117   -10.203 7.671   1.00 40.23 ? 171 LEU A O   1 
ATOM   506  C  CB  . LEU A 1 80  ? 3.720   -9.904  6.235   1.00 36.46 ? 171 LEU A CB  1 
ATOM   507  C  CG  . LEU A 1 80  ? 3.329   -8.835  5.219   1.00 37.06 ? 171 LEU A CG  1 
ATOM   508  C  CD1 . LEU A 1 80  ? 4.310   -7.690  5.285   1.00 34.37 ? 171 LEU A CD1 1 
ATOM   509  C  CD2 . LEU A 1 80  ? 3.272   -9.437  3.796   1.00 34.65 ? 171 LEU A CD2 1 
ATOM   510  N  N   . ILE A 1 81  ? 1.567   -8.079  8.255   1.00 33.23 ? 172 ILE A N   1 
ATOM   511  C  CA  . ILE A 1 81  ? 0.165   -7.724  8.436   1.00 35.46 ? 172 ILE A CA  1 
ATOM   512  C  C   . ILE A 1 81  ? -0.284  -6.563  7.561   1.00 32.51 ? 172 ILE A C   1 
ATOM   513  O  O   . ILE A 1 81  ? -1.487  -6.261  7.532   1.00 32.89 ? 172 ILE A O   1 
ATOM   514  C  CB  . ILE A 1 81  ? -0.154  -7.433  9.920   1.00 35.80 ? 172 ILE A CB  1 
ATOM   515  C  CG1 . ILE A 1 81  ? 0.684   -6.271  10.437  1.00 36.99 ? 172 ILE A CG1 1 
ATOM   516  C  CG2 . ILE A 1 81  ? 0.134   -8.682  10.761  1.00 38.93 ? 172 ILE A CG2 1 
ATOM   517  C  CD1 . ILE A 1 81  ? 0.126   -5.649  11.710  1.00 40.43 ? 172 ILE A CD1 1 
ATOM   518  N  N   . GLY A 1 82  ? 0.611   -5.920  6.823   1.00 32.30 ? 173 GLY A N   1 
ATOM   519  C  CA  . GLY A 1 82  ? 0.150   -4.876  5.934   1.00 29.03 ? 173 GLY A CA  1 
ATOM   520  C  C   . GLY A 1 82  ? 1.205   -4.534  4.917   1.00 30.43 ? 173 GLY A C   1 
ATOM   521  O  O   . GLY A 1 82  ? 2.392   -4.808  5.106   1.00 29.95 ? 173 GLY A O   1 
HETATM 522  N  N   . MSE A 1 83  ? 0.767   -3.957  3.809   1.00 28.61 ? 174 MSE A N   1 
HETATM 523  C  CA  . MSE A 1 83  ? 1.731   -3.522  2.778   1.00 30.85 ? 174 MSE A CA  1 
HETATM 524  C  C   . MSE A 1 83  ? 1.109   -2.432  1.920   1.00 30.22 ? 174 MSE A C   1 
HETATM 525  O  O   . MSE A 1 83  ? -0.055  -2.460  1.750   1.00 30.41 ? 174 MSE A O   1 
HETATM 526  C  CB  . MSE A 1 83  ? 2.141   -4.669  1.849   1.00 31.31 ? 174 MSE A CB  1 
HETATM 527  C  CG  . MSE A 1 83  ? 1.221   -4.847  0.647   1.00 44.23 ? 174 MSE A CG  1 
HETATM 528  SE SE  . MSE A 1 83  ? 2.003   -5.647  -0.969  1.00 91.74 ? 174 MSE A SE  1 
HETATM 529  C  CE  . MSE A 1 83  ? 3.610   -4.928  -1.707  1.00 40.78 ? 174 MSE A CE  1 
ATOM   530  N  N   . ALA A 1 84  ? 1.930   -1.491  1.487   1.00 28.44 ? 175 ALA A N   1 
ATOM   531  C  CA  . ALA A 1 84  ? 1.571   -0.491  0.498   1.00 28.85 ? 175 ALA A CA  1 
ATOM   532  C  C   . ALA A 1 84  ? 2.642   -0.552  -0.578  1.00 29.46 ? 175 ALA A C   1 
ATOM   533  O  O   . ALA A 1 84  ? 3.828   -0.705  -0.270  1.00 29.02 ? 175 ALA A O   1 
ATOM   534  C  CB  . ALA A 1 84  ? 1.484   0.918   1.102   1.00 28.38 ? 175 ALA A CB  1 
ATOM   535  N  N   . ARG A 1 85  ? 2.231   -0.475  -1.832  1.00 24.71 ? 176 ARG A N   1 
ATOM   536  C  CA  . ARG A 1 85  ? 3.164   -0.671  -2.935  1.00 26.43 ? 176 ARG A CA  1 
ATOM   537  C  C   . ARG A 1 85  ? 2.910   0.419   -3.962  1.00 26.38 ? 176 ARG A C   1 
ATOM   538  O  O   . ARG A 1 85  ? 1.767   0.584   -4.403  1.00 27.33 ? 176 ARG A O   1 
ATOM   539  C  CB  . ARG A 1 85  ? 2.942   -2.043  -3.574  1.00 26.30 ? 176 ARG A CB  1 
ATOM   540  C  CG  . ARG A 1 85  ? 3.880   -2.381  -4.702  1.00 28.75 ? 176 ARG A CG  1 
ATOM   541  C  CD  . ARG A 1 85  ? 3.556   -3.766  -5.257  1.00 28.52 ? 176 ARG A CD  1 
ATOM   542  N  NE  . ARG A 1 85  ? 2.346   -3.825  -6.078  1.00 29.95 ? 176 ARG A NE  1 
ATOM   543  C  CZ  . ARG A 1 85  ? 2.284   -3.450  -7.353  1.00 30.30 ? 176 ARG A CZ  1 
ATOM   544  N  NH1 . ARG A 1 85  ? 3.359   -2.957  -7.967  1.00 27.36 ? 176 ARG A NH1 1 
ATOM   545  N  NH2 . ARG A 1 85  ? 1.146   -3.571  -8.016  1.00 32.36 ? 176 ARG A NH2 1 
ATOM   546  N  N   . ALA A 1 86  ? 3.964   1.146   -4.340  1.00 23.98 ? 177 ALA A N   1 
ATOM   547  C  CA  . ALA A 1 86  ? 3.866   2.235   -5.297  1.00 25.45 ? 177 ALA A CA  1 
ATOM   548  C  C   . ALA A 1 86  ? 4.930   2.097   -6.375  1.00 26.30 ? 177 ALA A C   1 
ATOM   549  O  O   . ALA A 1 86  ? 6.084   1.784   -6.075  1.00 24.98 ? 177 ALA A O   1 
ATOM   550  C  CB  . ALA A 1 86  ? 4.047   3.606   -4.616  1.00 26.59 ? 177 ALA A CB  1 
ATOM   551  N  N   . THR A 1 87  ? 4.559   2.375   -7.618  1.00 23.80 ? 178 THR A N   1 
ATOM   552  C  CA  . THR A 1 87  ? 5.592   2.588   -8.626  1.00 24.04 ? 178 THR A CA  1 
ATOM   553  C  C   . THR A 1 87  ? 5.927   4.069   -8.693  1.00 25.33 ? 178 THR A C   1 
ATOM   554  O  O   . THR A 1 87  ? 5.212   4.920   -8.164  1.00 24.18 ? 178 THR A O   1 
ATOM   555  C  CB  . THR A 1 87  ? 5.137   2.095   -10.015 1.00 24.46 ? 178 THR A CB  1 
ATOM   556  O  OG1 . THR A 1 87  ? 3.873   2.695   -10.347 1.00 25.41 ? 178 THR A OG1 1 
ATOM   557  C  CG2 . THR A 1 87  ? 5.007   0.578   -10.046 1.00 24.03 ? 178 THR A CG2 1 
ATOM   558  N  N   . SER A 1 88  ? 7.019   4.391   -9.379  1.00 23.88 ? 179 SER A N   1 
ATOM   559  C  CA  . SER A 1 88  ? 7.433   5.781   -9.499  1.00 22.70 ? 179 SER A CA  1 
ATOM   560  C  C   . SER A 1 88  ? 8.424   5.883   -10.640 1.00 24.14 ? 179 SER A C   1 
ATOM   561  O  O   . SER A 1 88  ? 9.044   4.886   -11.029 1.00 26.27 ? 179 SER A O   1 
ATOM   562  C  CB  . SER A 1 88  ? 8.058   6.291   -8.192  1.00 22.96 ? 179 SER A CB  1 
ATOM   563  O  OG  . SER A 1 88  ? 8.598   7.593   -8.334  1.00 26.14 ? 179 SER A OG  1 
ATOM   564  N  N   . ASP A 1 89  ? 8.567   7.088   -11.184 1.00 20.82 ? 180 ASP A N   1 
ATOM   565  C  CA  . ASP A 1 89  ? 9.688   7.353   -12.082 1.00 25.85 ? 180 ASP A CA  1 
ATOM   566  C  C   . ASP A 1 89  ? 10.908  7.884   -11.322 1.00 26.86 ? 180 ASP A C   1 
ATOM   567  O  O   . ASP A 1 89  ? 11.880  8.331   -11.948 1.00 25.87 ? 180 ASP A O   1 
ATOM   568  C  CB  . ASP A 1 89  ? 9.278   8.314   -13.202 1.00 24.70 ? 180 ASP A CB  1 
ATOM   569  C  CG  . ASP A 1 89  ? 8.877   9.702   -12.701 1.00 28.75 ? 180 ASP A CG  1 
ATOM   570  O  OD1 . ASP A 1 89  ? 9.010   10.014  -11.498 1.00 26.60 ? 180 ASP A OD1 1 
ATOM   571  O  OD2 . ASP A 1 89  ? 8.416   10.493  -13.534 1.00 30.87 ? 180 ASP A OD2 1 
ATOM   572  N  N   . HIS A 1 90  ? 10.883  7.814   -9.989  1.00 23.09 ? 181 HIS A N   1 
ATOM   573  C  CA  . HIS A 1 90  ? 11.986  8.204   -9.104  1.00 28.50 ? 181 HIS A CA  1 
ATOM   574  C  C   . HIS A 1 90  ? 12.268  9.702   -9.127  1.00 34.28 ? 181 HIS A C   1 
ATOM   575  O  O   . HIS A 1 90  ? 13.273  10.154  -8.543  1.00 34.18 ? 181 HIS A O   1 
ATOM   576  C  CB  . HIS A 1 90  ? 13.292  7.448   -9.426  1.00 27.75 ? 181 HIS A CB  1 
ATOM   577  C  CG  . HIS A 1 90  ? 13.173  5.959   -9.373  1.00 26.80 ? 181 HIS A CG  1 
ATOM   578  N  ND1 . HIS A 1 90  ? 14.214  5.148   -8.965  1.00 26.98 ? 181 HIS A ND1 1 
ATOM   579  C  CD2 . HIS A 1 90  ? 12.156  5.124   -9.707  1.00 27.51 ? 181 HIS A CD2 1 
ATOM   580  C  CE1 . HIS A 1 90  ? 13.832  3.886   -9.021  1.00 28.89 ? 181 HIS A CE1 1 
ATOM   581  N  NE2 . HIS A 1 90  ? 12.592  3.843   -9.479  1.00 27.50 ? 181 HIS A NE2 1 
ATOM   582  N  N   . ALA A 1 91  ? 11.423  10.495  -9.776  1.00 29.30 ? 182 ALA A N   1 
ATOM   583  C  CA  . ALA A 1 91  ? 11.696  11.915  -9.926  1.00 33.44 ? 182 ALA A CA  1 
ATOM   584  C  C   . ALA A 1 91  ? 10.478  12.778  -9.644  1.00 32.74 ? 182 ALA A C   1 
ATOM   585  O  O   . ALA A 1 91  ? 10.542  13.694  -8.812  1.00 36.10 ? 182 ALA A O   1 
ATOM   586  C  CB  . ALA A 1 91  ? 12.202  12.226  -11.340 1.00 31.17 ? 182 ALA A CB  1 
ATOM   587  N  N   . PHE A 1 92  ? 9.392   12.538  -10.373 1.00 28.87 ? 183 PHE A N   1 
ATOM   588  C  CA  . PHE A 1 92  ? 8.246   13.433  -10.401 1.00 29.22 ? 183 PHE A CA  1 
ATOM   589  C  C   . PHE A 1 92  ? 6.958   12.801  -9.916  1.00 32.55 ? 183 PHE A C   1 
ATOM   590  O  O   . PHE A 1 92  ? 6.162   13.477  -9.266  1.00 33.09 ? 183 PHE A O   1 
ATOM   591  C  CB  . PHE A 1 92  ? 8.016   13.946  -11.826 1.00 31.90 ? 183 PHE A CB  1 
ATOM   592  C  CG  . PHE A 1 92  ? 9.192   14.663  -12.391 1.00 33.96 ? 183 PHE A CG  1 
ATOM   593  C  CD1 . PHE A 1 92  ? 9.776   15.705  -11.686 1.00 36.81 ? 183 PHE A CD1 1 
ATOM   594  C  CD2 . PHE A 1 92  ? 9.728   14.293  -13.608 1.00 37.19 ? 183 PHE A CD2 1 
ATOM   595  C  CE1 . PHE A 1 92  ? 10.869  16.386  -12.208 1.00 38.99 ? 183 PHE A CE1 1 
ATOM   596  C  CE2 . PHE A 1 92  ? 10.822  14.963  -14.134 1.00 40.20 ? 183 PHE A CE2 1 
ATOM   597  C  CZ  . PHE A 1 92  ? 11.393  16.010  -13.433 1.00 38.99 ? 183 PHE A CZ  1 
ATOM   598  N  N   . ASN A 1 93  ? 6.725   11.532  -10.229 1.00 28.41 ? 184 ASN A N   1 
ATOM   599  C  CA  . ASN A 1 93  ? 5.408   10.915  -10.124 1.00 25.74 ? 184 ASN A CA  1 
ATOM   600  C  C   . ASN A 1 93  ? 5.501   9.601   -9.360  1.00 24.67 ? 184 ASN A C   1 
ATOM   601  O  O   . ASN A 1 93  ? 6.467   8.861   -9.515  1.00 24.97 ? 184 ASN A O   1 
ATOM   602  C  CB  . ASN A 1 93  ? 4.845   10.602  -11.522 1.00 27.69 ? 184 ASN A CB  1 
ATOM   603  C  CG  . ASN A 1 93  ? 4.826   11.815  -12.432 1.00 33.56 ? 184 ASN A CG  1 
ATOM   604  O  OD1 . ASN A 1 93  ? 4.351   12.877  -12.041 1.00 33.29 ? 184 ASN A OD1 1 
ATOM   605  N  ND2 . ASN A 1 93  ? 5.342   11.661  -13.655 1.00 34.82 ? 184 ASN A ND2 1 
ATOM   606  N  N   . ALA A 1 94  ? 4.462   9.284   -8.572  1.00 23.70 ? 185 ALA A N   1 
ATOM   607  C  CA  . ALA A 1 94  ? 4.310   7.952   -7.988  1.00 25.06 ? 185 ALA A CA  1 
ATOM   608  C  C   . ALA A 1 94  ? 2.844   7.535   -8.051  1.00 25.76 ? 185 ALA A C   1 
ATOM   609  O  O   . ALA A 1 94  ? 1.943   8.370   -7.954  1.00 28.20 ? 185 ALA A O   1 
ATOM   610  C  CB  . ALA A 1 94  ? 4.804   7.882   -6.529  1.00 25.31 ? 185 ALA A CB  1 
ATOM   611  N  N   . THR A 1 95  ? 2.601   6.238   -8.230  1.00 24.15 ? 186 THR A N   1 
ATOM   612  C  CA  . THR A 1 95  ? 1.241   5.691   -8.190  1.00 25.03 ? 186 THR A CA  1 
ATOM   613  C  C   . THR A 1 95  ? 1.208   4.619   -7.117  1.00 26.22 ? 186 THR A C   1 
ATOM   614  O  O   . THR A 1 95  ? 1.974   3.654   -7.184  1.00 24.06 ? 186 THR A O   1 
ATOM   615  C  CB  . THR A 1 95  ? 0.813   5.080   -9.529  1.00 27.46 ? 186 THR A CB  1 
ATOM   616  O  OG1 . THR A 1 95  ? 1.013   6.020   -10.597 1.00 31.14 ? 186 THR A OG1 1 
ATOM   617  C  CG2 . THR A 1 95  ? -0.672  4.641   -9.490  1.00 26.00 ? 186 THR A CG2 1 
ATOM   618  N  N   . ILE A 1 96  ? 0.332   4.775   -6.134  1.00 24.69 ? 187 ILE A N   1 
ATOM   619  C  CA  . ILE A 1 96  ? 0.171   3.762   -5.091  1.00 25.86 ? 187 ILE A CA  1 
ATOM   620  C  C   . ILE A 1 96  ? -0.901  2.785   -5.566  1.00 28.44 ? 187 ILE A C   1 
ATOM   621  O  O   . ILE A 1 96  ? -2.071  3.151   -5.700  1.00 28.51 ? 187 ILE A O   1 
ATOM   622  C  CB  . ILE A 1 96  ? -0.208  4.394   -3.747  1.00 26.84 ? 187 ILE A CB  1 
ATOM   623  C  CG1 . ILE A 1 96  ? 0.822   5.469   -3.327  1.00 27.78 ? 187 ILE A CG1 1 
ATOM   624  C  CG2 . ILE A 1 96  ? -0.360  3.303   -2.656  1.00 27.37 ? 187 ILE A CG2 1 
ATOM   625  C  CD1 . ILE A 1 96  ? 0.294   6.461   -2.224  1.00 27.63 ? 187 ILE A CD1 1 
ATOM   626  N  N   . TRP A 1 97  ? -0.503  1.542   -5.826  1.00 25.74 ? 188 TRP A N   1 
ATOM   627  C  CA  . TRP A 1 97  ? -1.382  0.570   -6.451  1.00 26.84 ? 188 TRP A CA  1 
ATOM   628  C  C   . TRP A 1 97  ? -2.141  -0.267  -5.437  1.00 32.00 ? 188 TRP A C   1 
ATOM   629  O  O   . TRP A 1 97  ? -3.330  -0.557  -5.633  1.00 30.52 ? 188 TRP A O   1 
ATOM   630  C  CB  . TRP A 1 97  ? -0.580  -0.360  -7.369  1.00 29.11 ? 188 TRP A CB  1 
ATOM   631  C  CG  . TRP A 1 97  ? -0.015  0.330   -8.550  1.00 28.69 ? 188 TRP A CG  1 
ATOM   632  C  CD1 . TRP A 1 97  ? 1.298   0.648   -8.763  1.00 29.80 ? 188 TRP A CD1 1 
ATOM   633  C  CD2 . TRP A 1 97  ? -0.731  0.777   -9.696  1.00 30.58 ? 188 TRP A CD2 1 
ATOM   634  N  NE1 . TRP A 1 97  ? 1.438   1.286   -9.979  1.00 32.46 ? 188 TRP A NE1 1 
ATOM   635  C  CE2 . TRP A 1 97  ? 0.205   1.384   -10.566 1.00 30.14 ? 188 TRP A CE2 1 
ATOM   636  C  CE3 . TRP A 1 97  ? -2.080  0.743   -10.067 1.00 32.07 ? 188 TRP A CE3 1 
ATOM   637  C  CZ2 . TRP A 1 97  ? -0.162  1.931   -11.792 1.00 34.02 ? 188 TRP A CZ2 1 
ATOM   638  C  CZ3 . TRP A 1 97  ? -2.449  1.300   -11.284 1.00 33.30 ? 188 TRP A CZ3 1 
ATOM   639  C  CH2 . TRP A 1 97  ? -1.493  1.888   -12.133 1.00 28.66 ? 188 TRP A CH2 1 
ATOM   640  N  N   . ASP A 1 98  ? -1.458  -0.708  -4.387  1.00 28.38 ? 189 ASP A N   1 
ATOM   641  C  CA  . ASP A 1 98  ? -2.038  -1.643  -3.428  1.00 29.34 ? 189 ASP A CA  1 
ATOM   642  C  C   . ASP A 1 98  ? -1.821  -1.066  -2.041  1.00 29.99 ? 189 ASP A C   1 
ATOM   643  O  O   . ASP A 1 98  ? -0.730  -0.576  -1.740  1.00 27.13 ? 189 ASP A O   1 
ATOM   644  C  CB  . ASP A 1 98  ? -1.387  -3.044  -3.476  1.00 30.70 ? 189 ASP A CB  1 
ATOM   645  C  CG  . ASP A 1 98  ? -1.303  -3.649  -4.880  1.00 32.09 ? 189 ASP A CG  1 
ATOM   646  O  OD1 . ASP A 1 98  ? -2.216  -3.491  -5.704  1.00 31.70 ? 189 ASP A OD1 1 
ATOM   647  O  OD2 . ASP A 1 98  ? -0.296  -4.337  -5.133  1.00 35.22 ? 189 ASP A OD2 1 
ATOM   648  N  N   . VAL A 1 99  ? -2.859  -1.101  -1.210  1.00 28.92 ? 190 VAL A N   1 
ATOM   649  C  CA  . VAL A 1 99  ? -2.752  -0.789  0.214   1.00 28.71 ? 190 VAL A CA  1 
ATOM   650  C  C   . VAL A 1 99  ? -3.588  -1.851  0.907   1.00 29.45 ? 190 VAL A C   1 
ATOM   651  O  O   . VAL A 1 99  ? -4.810  -1.878  0.730   1.00 30.17 ? 190 VAL A O   1 
ATOM   652  C  CB  . VAL A 1 99  ? -3.268  0.614   0.571   1.00 29.74 ? 190 VAL A CB  1 
ATOM   653  C  CG1 . VAL A 1 99  ? -3.045  0.904   2.051   1.00 29.46 ? 190 VAL A CG1 1 
ATOM   654  C  CG2 . VAL A 1 99  ? -2.580  1.694   -0.287  1.00 28.94 ? 190 VAL A CG2 1 
ATOM   655  N  N   . LEU A 1 100 ? -2.945  -2.727  1.680   1.00 30.67 ? 191 LEU A N   1 
ATOM   656  C  CA  . LEU A 1 100 ? -3.610  -3.904  2.232   1.00 29.69 ? 191 LEU A CA  1 
ATOM   657  C  C   . LEU A 1 100 ? -3.274  -4.023  3.711   1.00 32.06 ? 191 LEU A C   1 
ATOM   658  O  O   . LEU A 1 100 ? -2.103  -3.973  4.082   1.00 31.27 ? 191 LEU A O   1 
ATOM   659  C  CB  . LEU A 1 100 ? -3.180  -5.191  1.498   1.00 33.25 ? 191 LEU A CB  1 
ATOM   660  C  CG  . LEU A 1 100 ? -3.212  -5.167  -0.036  1.00 40.68 ? 191 LEU A CG  1 
ATOM   661  C  CD1 . LEU A 1 100 ? -2.600  -6.445  -0.626  1.00 42.12 ? 191 LEU A CD1 1 
ATOM   662  C  CD2 . LEU A 1 100 ? -4.653  -4.986  -0.529  1.00 37.96 ? 191 LEU A CD2 1 
ATOM   663  N  N   . VAL A 1 101 ? -4.297  -4.186  4.556   1.00 33.57 ? 192 VAL A N   1 
ATOM   664  C  CA  . VAL A 1 101 ? -4.099  -4.522  5.960   1.00 34.40 ? 192 VAL A CA  1 
ATOM   665  C  C   . VAL A 1 101 ? -4.855  -5.813  6.257   1.00 34.36 ? 192 VAL A C   1 
ATOM   666  O  O   . VAL A 1 101 ? -5.991  -5.993  5.809   1.00 37.20 ? 192 VAL A O   1 
ATOM   667  C  CB  . VAL A 1 101 ? -4.552  -3.385  6.899   1.00 38.96 ? 192 VAL A CB  1 
ATOM   668  C  CG1 . VAL A 1 101 ? -4.397  -3.792  8.358   1.00 40.83 ? 192 VAL A CG1 1 
ATOM   669  C  CG2 . VAL A 1 101 ? -3.755  -2.108  6.612   1.00 36.07 ? 192 VAL A CG2 1 
ATOM   670  N  N   . ASP A 1 102 ? -4.196  -6.713  6.981   1.00 35.96 ? 193 ASP A N   1 
ATOM   671  C  CA  . ASP A 1 102 ? -4.784  -7.972  7.418   1.00 38.44 ? 193 ASP A CA  1 
ATOM   672  C  C   . ASP A 1 102 ? -6.143  -7.719  8.070   1.00 41.70 ? 193 ASP A C   1 
ATOM   673  O  O   . ASP A 1 102 ? -6.233  -6.905  8.994   1.00 41.45 ? 193 ASP A O   1 
ATOM   674  C  CB  . ASP A 1 102 ? -3.827  -8.647  8.410   1.00 41.90 ? 193 ASP A CB  1 
ATOM   675  C  CG  . ASP A 1 102 ? -4.313  -10.017 8.893   1.00 49.06 ? 193 ASP A CG  1 
ATOM   676  O  OD1 . ASP A 1 102 ? -5.530  -10.292 8.927   1.00 48.49 ? 193 ASP A OD1 1 
ATOM   677  O  OD2 . ASP A 1 102 ? -3.445  -10.824 9.265   1.00 48.70 ? 193 ASP A OD2 1 
ATOM   678  N  N   . PRO A 1 103 ? -7.207  -8.387  7.621   1.00 45.13 ? 194 PRO A N   1 
ATOM   679  C  CA  . PRO A 1 103 ? -8.530  -8.190  8.243   1.00 47.26 ? 194 PRO A CA  1 
ATOM   680  C  C   . PRO A 1 103 ? -8.536  -8.331  9.760   1.00 48.84 ? 194 PRO A C   1 
ATOM   681  O  O   . PRO A 1 103 ? -9.308  -7.634  10.428  1.00 49.50 ? 194 PRO A O   1 
ATOM   682  C  CB  . PRO A 1 103 ? -9.387  -9.268  7.568   1.00 49.82 ? 194 PRO A CB  1 
ATOM   683  C  CG  . PRO A 1 103 ? -8.731  -9.481  6.237   1.00 47.16 ? 194 PRO A CG  1 
ATOM   684  C  CD  . PRO A 1 103 ? -7.263  -9.317  6.478   1.00 47.52 ? 194 PRO A CD  1 
ATOM   685  N  N   . SER A 1 104 ? -7.680  -9.189  10.323  1.00 48.56 ? 195 SER A N   1 
ATOM   686  C  CA  . SER A 1 104 ? -7.588  -9.330  11.774  1.00 52.20 ? 195 SER A CA  1 
ATOM   687  C  C   . SER A 1 104 ? -7.148  -8.044  12.466  1.00 55.15 ? 195 SER A C   1 
ATOM   688  O  O   . SER A 1 104 ? -7.350  -7.906  13.680  1.00 53.39 ? 195 SER A O   1 
ATOM   689  C  CB  . SER A 1 104 ? -6.605  -10.447 12.135  1.00 52.40 ? 195 SER A CB  1 
ATOM   690  O  OG  . SER A 1 104 ? -7.093  -11.713 11.730  1.00 56.42 ? 195 SER A OG  1 
ATOM   691  N  N   . TYR A 1 105 ? -6.554  -7.124  11.715  1.00 51.74 ? 196 TYR A N   1 
ATOM   692  C  CA  . TYR A 1 105 ? -6.052  -5.889  12.351  1.00 52.60 ? 196 TYR A CA  1 
ATOM   693  C  C   . TYR A 1 105 ? -6.736  -4.662  11.785  1.00 56.30 ? 196 TYR A C   1 
ATOM   694  O  O   . TYR A 1 105 ? -6.216  -3.598  11.945  1.00 57.78 ? 196 TYR A O   1 
ATOM   695  C  CB  . TYR A 1 105 ? -4.592  -5.689  12.009  1.00 50.37 ? 196 TYR A CB  1 
ATOM   696  C  CG  . TYR A 1 105 ? -3.676  -6.605  12.744  1.00 51.15 ? 196 TYR A CG  1 
ATOM   697  C  CD1 . TYR A 1 105 ? -3.534  -7.913  12.360  1.00 49.14 ? 196 TYR A CD1 1 
ATOM   698  C  CD2 . TYR A 1 105 ? -2.962  -6.150  13.820  1.00 49.08 ? 196 TYR A CD2 1 
ATOM   699  C  CE1 . TYR A 1 105 ? -2.677  -8.750  13.033  1.00 49.56 ? 196 TYR A CE1 1 
ATOM   700  C  CE2 . TYR A 1 105 ? -2.089  -6.970  14.491  1.00 51.68 ? 196 TYR A CE2 1 
ATOM   701  C  CZ  . TYR A 1 105 ? -1.947  -8.274  14.092  1.00 48.01 ? 196 TYR A CZ  1 
ATOM   702  O  OH  . TYR A 1 105 ? -1.108  -9.084  14.771  1.00 53.91 ? 196 TYR A OH  1 
ATOM   703  N  N   . GLN A 1 106 ? -7.867  -4.839  11.140  1.00 57.23 ? 197 GLN A N   1 
ATOM   704  C  CA  . GLN A 1 106 ? -8.562  -3.667  10.592  1.00 57.35 ? 197 GLN A CA  1 
ATOM   705  C  C   . GLN A 1 106 ? -9.440  -3.064  11.690  1.00 58.94 ? 197 GLN A C   1 
ATOM   706  O  O   . GLN A 1 106 ? -9.962  -3.806  12.471  1.00 61.05 ? 197 GLN A O   1 
ATOM   707  C  CB  . GLN A 1 106 ? -9.352  -4.133  9.378   1.00 56.14 ? 197 GLN A CB  1 
ATOM   708  C  CG  . GLN A 1 106 ? -8.476  -4.614  8.240   1.00 51.26 ? 197 GLN A CG  1 
ATOM   709  C  CD  . GLN A 1 106 ? -9.350  -4.969  7.071   1.00 55.19 ? 197 GLN A CD  1 
ATOM   710  O  OE1 . GLN A 1 106 ? -10.565 -4.835  7.151   1.00 57.47 ? 197 GLN A OE1 1 
ATOM   711  N  NE2 . GLN A 1 106 ? -8.745  -5.429  5.995   1.00 47.95 ? 197 GLN A NE2 1 
ATOM   712  N  N   . GLY A 1 107 ? -9.615  -1.748  11.701  1.00 58.13 ? 198 GLY A N   1 
ATOM   713  C  CA  . GLY A 1 107 ? -10.433 -1.079  12.722  1.00 55.56 ? 198 GLY A CA  1 
ATOM   714  C  C   . GLY A 1 107 ? -9.521  -0.435  13.723  1.00 55.69 ? 198 GLY A C   1 
ATOM   715  O  O   . GLY A 1 107 ? -9.995  0.300   14.564  1.00 55.88 ? 198 GLY A O   1 
ATOM   716  N  N   . GLN A 1 108 ? -8.223  -0.639  13.545  1.00 52.78 ? 199 GLN A N   1 
ATOM   717  C  CA  . GLN A 1 108 ? -7.245  -0.152  14.509  1.00 43.99 ? 199 GLN A CA  1 
ATOM   718  C  C   . GLN A 1 108 ? -6.428  1.023   13.986  1.00 45.30 ? 199 GLN A C   1 
ATOM   719  O  O   . GLN A 1 108 ? -5.417  1.383   14.601  1.00 41.26 ? 199 GLN A O   1 
ATOM   720  C  CB  . GLN A 1 108 ? -6.318  -1.292  14.932  1.00 51.82 ? 199 GLN A CB  1 
ATOM   721  C  CG  . GLN A 1 108 ? -7.063  -2.529  15.405  1.00 53.35 ? 199 GLN A CG  1 
ATOM   722  C  CD  . GLN A 1 108 ? -6.138  -3.673  15.763  1.00 57.55 ? 199 GLN A CD  1 
ATOM   723  O  OE1 . GLN A 1 108 ? -4.975  -3.464  16.113  1.00 56.18 ? 199 GLN A OE1 1 
ATOM   724  N  NE2 . GLN A 1 108 ? -6.655  -4.895  15.681  1.00 56.65 ? 199 GLN A NE2 1 
ATOM   725  N  N   . GLY A 1 109 ? -6.840  1.627   12.870  1.00 42.09 ? 200 GLY A N   1 
ATOM   726  C  CA  . GLY A 1 109 ? -6.136  2.775   12.344  1.00 42.80 ? 200 GLY A CA  1 
ATOM   727  C  C   . GLY A 1 109 ? -4.827  2.464   11.652  1.00 38.19 ? 200 GLY A C   1 
ATOM   728  O  O   . GLY A 1 109 ? -4.042  3.389   11.405  1.00 37.69 ? 200 GLY A O   1 
ATOM   729  N  N   . LEU A 1 110 ? -4.566  1.194   11.328  1.00 41.88 ? 201 LEU A N   1 
ATOM   730  C  CA  . LEU A 1 110 ? -3.254  0.836   10.792  1.00 38.50 ? 201 LEU A CA  1 
ATOM   731  C  C   . LEU A 1 110 ? -3.114  1.239   9.330   1.00 34.88 ? 201 LEU A C   1 
ATOM   732  O  O   . LEU A 1 110 ? -2.016  1.601   8.892   1.00 36.01 ? 201 LEU A O   1 
ATOM   733  C  CB  . LEU A 1 110 ? -3.012  -0.664  10.948  1.00 38.31 ? 201 LEU A CB  1 
ATOM   734  C  CG  . LEU A 1 110 ? -2.701  -1.101  12.378  1.00 44.01 ? 201 LEU A CG  1 
ATOM   735  C  CD1 . LEU A 1 110 ? -2.331  -2.572  12.398  1.00 48.01 ? 201 LEU A CD1 1 
ATOM   736  C  CD2 . LEU A 1 110 ? -1.590  -0.239  12.957  1.00 42.09 ? 201 LEU A CD2 1 
ATOM   737  N  N   . GLY A 1 111 ? -4.195  1.151   8.554   1.00 35.32 ? 202 GLY A N   1 
ATOM   738  C  CA  . GLY A 1 111 ? -4.123  1.608   7.175   1.00 36.54 ? 202 GLY A CA  1 
ATOM   739  C  C   . GLY A 1 111 ? -3.814  3.088   7.094   1.00 34.22 ? 202 GLY A C   1 
ATOM   740  O  O   . GLY A 1 111 ? -3.007  3.530   6.269   1.00 32.32 ? 202 GLY A O   1 
ATOM   741  N  N   . LYS A 1 112 ? -4.441  3.875   7.974   1.00 36.16 ? 203 LYS A N   1 
ATOM   742  C  CA  . LYS A 1 112 ? -4.166  5.302   8.020   1.00 34.88 ? 203 LYS A CA  1 
ATOM   743  C  C   . LYS A 1 112 ? -2.729  5.575   8.442   1.00 32.04 ? 203 LYS A C   1 
ATOM   744  O  O   . LYS A 1 112 ? -2.048  6.415   7.850   1.00 33.51 ? 203 LYS A O   1 
ATOM   745  C  CB  . LYS A 1 112 ? -5.165  5.984   8.974   1.00 37.52 ? 203 LYS A CB  1 
ATOM   746  C  CG  . LYS A 1 112 ? -4.868  7.434   9.223   1.00 39.29 ? 203 LYS A CG  1 
ATOM   747  C  CD  . LYS A 1 112 ? -6.081  8.155   9.852   1.00 43.78 ? 203 LYS A CD  1 
ATOM   748  C  CE  . LYS A 1 112 ? -5.645  9.229   10.847  1.00 51.97 ? 203 LYS A CE  1 
ATOM   749  N  NZ  . LYS A 1 112 ? -6.815  9.780   11.617  1.00 46.36 ? 203 LYS A NZ  1 
ATOM   750  N  N   . ALA A 1 113 ? -2.239  4.854   9.448   1.00 33.05 ? 204 ALA A N   1 
ATOM   751  C  CA  . ALA A 1 113 ? -0.866  5.050   9.900   1.00 31.46 ? 204 ALA A CA  1 
ATOM   752  C  C   . ALA A 1 113 ? 0.125   4.673   8.807   1.00 32.69 ? 204 ALA A C   1 
ATOM   753  O  O   . ALA A 1 113 ? 1.125   5.364   8.597   1.00 33.65 ? 204 ALA A O   1 
ATOM   754  C  CB  . ALA A 1 113 ? -0.610  4.218   11.152  1.00 35.85 ? 204 ALA A CB  1 
ATOM   755  N  N   . LEU A 1 114 ? -0.154  3.581   8.099   1.00 31.99 ? 205 LEU A N   1 
ATOM   756  C  CA  . LEU A 1 114 ? 0.714   3.156   7.009   1.00 29.73 ? 205 LEU A CA  1 
ATOM   757  C  C   . LEU A 1 114 ? 0.745   4.207   5.909   1.00 29.75 ? 205 LEU A C   1 
ATOM   758  O  O   . LEU A 1 114 ? 1.822   4.578   5.422   1.00 28.73 ? 205 LEU A O   1 
ATOM   759  C  CB  . LEU A 1 114 ? 0.230   1.807   6.484   1.00 30.29 ? 205 LEU A CB  1 
ATOM   760  C  CG  . LEU A 1 114 ? 0.840   1.216   5.199   1.00 29.84 ? 205 LEU A CG  1 
ATOM   761  C  CD1 . LEU A 1 114 ? 2.309   0.919   5.391   1.00 27.74 ? 205 LEU A CD1 1 
ATOM   762  C  CD2 . LEU A 1 114 ? 0.077   -0.058  4.775   1.00 29.66 ? 205 LEU A CD2 1 
HETATM 763  N  N   . MSE A 1 115 ? -0.417  4.746   5.551   1.00 27.63 ? 206 MSE A N   1 
HETATM 764  C  CA  . MSE A 1 115 ? -0.479  5.776   4.517   1.00 29.97 ? 206 MSE A CA  1 
HETATM 765  C  C   . MSE A 1 115 ? 0.252   7.052   4.908   1.00 30.75 ? 206 MSE A C   1 
HETATM 766  O  O   . MSE A 1 115 ? 0.863   7.693   4.060   1.00 29.63 ? 206 MSE A O   1 
HETATM 767  C  CB  . MSE A 1 115 ? -1.939  6.113   4.161   1.00 27.08 ? 206 MSE A CB  1 
HETATM 768  C  CG  . MSE A 1 115 ? -2.654  5.082   3.344   1.00 28.79 ? 206 MSE A CG  1 
HETATM 769  SE SE  . MSE A 1 115 ? -1.684  4.818   1.632   1.00 35.93 ? 206 MSE A SE  1 
HETATM 770  C  CE  . MSE A 1 115 ? -1.350  6.679   1.119   1.00 20.45 ? 206 MSE A CE  1 
ATOM   771  N  N   . GLU A 1 116 ? 0.216   7.423   6.173   1.00 31.47 ? 207 GLU A N   1 
ATOM   772  C  CA  . GLU A 1 116 ? 0.945   8.653   6.551   1.00 30.30 ? 207 GLU A CA  1 
ATOM   773  C  C   . GLU A 1 116 ? 2.435   8.418   6.349   1.00 30.73 ? 207 GLU A C   1 
ATOM   774  O  O   . GLU A 1 116 ? 3.100   9.290   5.855   1.00 30.35 ? 207 GLU A O   1 
ATOM   775  C  CB  . GLU A 1 116 ? 0.677   9.027   8.010   1.00 34.25 ? 207 GLU A CB  1 
ATOM   776  C  CG  . GLU A 1 116 ? -0.749  8.786   8.426   1.00 43.52 ? 207 GLU A CG  1 
ATOM   777  C  CD  . GLU A 1 116 ? -1.401  9.750   9.407   1.00 55.31 ? 207 GLU A CD  1 
ATOM   778  O  OE1 . GLU A 1 116 ? -1.167  10.924  9.285   1.00 56.59 ? 207 GLU A OE1 1 
ATOM   779  O  OE2 . GLU A 1 116 ? -2.181  9.330   10.236  1.00 56.53 ? 207 GLU A OE2 1 
ATOM   780  N  N   . LYS A 1 117 ? 2.922   7.243   6.706   1.00 28.47 ? 208 LYS A N   1 
ATOM   781  C  CA  . LYS A 1 117 ? 4.345   6.979   6.557   1.00 31.89 ? 208 LYS A CA  1 
ATOM   782  C  C   . LYS A 1 117 ? 4.730   6.848   5.088   1.00 30.45 ? 208 LYS A C   1 
ATOM   783  O  O   . LYS A 1 117 ? 5.831   7.256   4.695   1.00 30.83 ? 208 LYS A O   1 
ATOM   784  C  CB  . LYS A 1 117 ? 4.727   5.716   7.327   1.00 31.09 ? 208 LYS A CB  1 
ATOM   785  C  CG  . LYS A 1 117 ? 4.528   5.825   8.849   1.00 36.49 ? 208 LYS A CG  1 
ATOM   786  C  CD  . LYS A 1 117 ? 5.363   6.931   9.466   1.00 44.37 ? 208 LYS A CD  1 
ATOM   787  C  CE  . LYS A 1 117 ? 5.170   6.992   10.991  1.00 43.88 ? 208 LYS A CE  1 
ATOM   788  N  NZ  . LYS A 1 117 ? 4.211   8.060   11.398  1.00 44.89 ? 208 LYS A NZ  1 
ATOM   789  N  N   . VAL A 1 118 ? 3.839   6.262   4.274   1.00 28.11 ? 209 VAL A N   1 
ATOM   790  C  CA  . VAL A 1 118 ? 4.063   6.168   2.827   1.00 26.77 ? 209 VAL A CA  1 
ATOM   791  C  C   . VAL A 1 118 ? 4.203   7.558   2.220   1.00 29.40 ? 209 VAL A C   1 
ATOM   792  O  O   . VAL A 1 118 ? 5.132   7.833   1.449   1.00 26.49 ? 209 VAL A O   1 
ATOM   793  C  CB  . VAL A 1 118 ? 2.912   5.383   2.167   1.00 31.02 ? 209 VAL A CB  1 
ATOM   794  C  CG1 . VAL A 1 118 ? 2.868   5.617   0.659   1.00 27.13 ? 209 VAL A CG1 1 
ATOM   795  C  CG2 . VAL A 1 118 ? 3.022   3.891   2.507   1.00 31.46 ? 209 VAL A CG2 1 
ATOM   796  N  N   . ILE A 1 119 ? 3.252   8.447   2.523   1.00 29.03 ? 210 ILE A N   1 
ATOM   797  C  CA  . ILE A 1 119 ? 3.300   9.788   1.949   1.00 29.38 ? 210 ILE A CA  1 
ATOM   798  C  C   . ILE A 1 119 ? 4.566   10.503  2.389   1.00 30.23 ? 210 ILE A C   1 
ATOM   799  O  O   . ILE A 1 119 ? 5.273   11.106  1.575   1.00 29.48 ? 210 ILE A O   1 
ATOM   800  C  CB  . ILE A 1 119 ? 2.044   10.594  2.319   1.00 28.79 ? 210 ILE A CB  1 
ATOM   801  C  CG1 . ILE A 1 119 ? 0.812   9.949   1.692   1.00 32.21 ? 210 ILE A CG1 1 
ATOM   802  C  CG2 . ILE A 1 119 ? 2.204   12.061  1.823   1.00 28.73 ? 210 ILE A CG2 1 
ATOM   803  C  CD1 . ILE A 1 119 ? -0.501  10.365  2.325   1.00 33.71 ? 210 ILE A CD1 1 
ATOM   804  N  N   . ARG A 1 120 ? 4.879   10.436  3.686   1.00 30.40 ? 211 ARG A N   1 
ATOM   805  C  CA  . ARG A 1 120 ? 6.077   11.096  4.187   1.00 30.23 ? 211 ARG A CA  1 
ATOM   806  C  C   . ARG A 1 120 ? 7.329   10.556  3.505   1.00 31.03 ? 211 ARG A C   1 
ATOM   807  O  O   . ARG A 1 120 ? 8.213   11.327  3.123   1.00 32.92 ? 211 ARG A O   1 
ATOM   808  C  CB  . ARG A 1 120 ? 6.177   10.926  5.700   1.00 34.48 ? 211 ARG A CB  1 
ATOM   809  C  CG  . ARG A 1 120 ? 7.397   11.590  6.272   1.00 39.20 ? 211 ARG A CG  1 
ATOM   810  C  CD  . ARG A 1 120 ? 7.179   12.028  7.697   1.00 42.71 ? 211 ARG A CD  1 
ATOM   811  N  NE  . ARG A 1 120 ? 8.208   12.989  8.068   1.00 49.12 ? 211 ARG A NE  1 
ATOM   812  C  CZ  . ARG A 1 120 ? 8.483   13.348  9.318   1.00 55.62 ? 211 ARG A CZ  1 
ATOM   813  N  NH1 . ARG A 1 120 ? 7.797   12.824  10.329  1.00 54.28 ? 211 ARG A NH1 1 
ATOM   814  N  NH2 . ARG A 1 120 ? 9.440   14.237  9.553   1.00 47.51 ? 211 ARG A NH2 1 
ATOM   815  N  N   . THR A 1 121 ? 7.400   9.241   3.303   1.00 29.38 ? 212 THR A N   1 
ATOM   816  C  CA  . THR A 1 121 ? 8.568   8.663   2.637   1.00 29.99 ? 212 THR A CA  1 
ATOM   817  C  C   . THR A 1 121 ? 8.706   9.197   1.212   1.00 28.62 ? 212 THR A C   1 
ATOM   818  O  O   . THR A 1 121 ? 9.805   9.575   0.787   1.00 31.45 ? 212 THR A O   1 
ATOM   819  C  CB  . THR A 1 121 ? 8.462   7.138   2.641   1.00 30.45 ? 212 THR A CB  1 
ATOM   820  O  OG1 . THR A 1 121 ? 8.425   6.665   3.994   1.00 34.61 ? 212 THR A OG1 1 
ATOM   821  C  CG2 . THR A 1 121 ? 9.656   6.502   1.927   1.00 34.07 ? 212 THR A CG2 1 
ATOM   822  N  N   . LEU A 1 122 ? 7.599   9.245   0.456   1.00 29.90 ? 213 LEU A N   1 
ATOM   823  C  CA  . LEU A 1 122 ? 7.686   9.743   -0.917  1.00 28.55 ? 213 LEU A CA  1 
ATOM   824  C  C   . LEU A 1 122 ? 8.076   11.217  -0.963  1.00 29.49 ? 213 LEU A C   1 
ATOM   825  O  O   . LEU A 1 122 ? 8.849   11.626  -1.835  1.00 32.18 ? 213 LEU A O   1 
ATOM   826  C  CB  . LEU A 1 122 ? 6.362   9.520   -1.659  1.00 25.52 ? 213 LEU A CB  1 
ATOM   827  C  CG  . LEU A 1 122 ? 6.076   8.039   -1.871  1.00 25.91 ? 213 LEU A CG  1 
ATOM   828  C  CD1 . LEU A 1 122 ? 4.602   7.846   -2.264  1.00 27.02 ? 213 LEU A CD1 1 
ATOM   829  C  CD2 . LEU A 1 122 ? 7.035   7.490   -2.947  1.00 28.52 ? 213 LEU A CD2 1 
ATOM   830  N  N   . LEU A 1 123 ? 7.533   12.042  -0.057  1.00 30.23 ? 214 LEU A N   1 
ATOM   831  C  CA  . LEU A 1 123 ? 7.922   13.451  -0.034  1.00 30.18 ? 214 LEU A CA  1 
ATOM   832  C  C   . LEU A 1 123 ? 9.398   13.618  0.300   1.00 30.33 ? 214 LEU A C   1 
ATOM   833  O  O   . LEU A 1 123 ? 10.060  14.513  -0.232  1.00 33.57 ? 214 LEU A O   1 
ATOM   834  C  CB  . LEU A 1 123 ? 7.078   14.227  0.977   1.00 32.00 ? 214 LEU A CB  1 
ATOM   835  C  CG  . LEU A 1 123 ? 5.578   14.248  0.696   1.00 31.00 ? 214 LEU A CG  1 
ATOM   836  C  CD1 . LEU A 1 123 ? 4.867   14.950  1.860   1.00 29.96 ? 214 LEU A CD1 1 
ATOM   837  C  CD2 . LEU A 1 123 ? 5.235   14.878  -0.680  1.00 32.52 ? 214 LEU A CD2 1 
ATOM   838  N  N   . GLN A 1 124 ? 9.916   12.793  1.207   1.00 32.68 ? 215 GLN A N   1 
ATOM   839  C  CA  . GLN A 1 124 ? 11.331  12.857  1.558   1.00 34.52 ? 215 GLN A CA  1 
ATOM   840  C  C   . GLN A 1 124 ? 12.206  12.490  0.374   1.00 36.21 ? 215 GLN A C   1 
ATOM   841  O  O   . GLN A 1 124 ? 13.350  12.952  0.283   1.00 35.74 ? 215 GLN A O   1 
ATOM   842  C  CB  . GLN A 1 124 ? 11.625  11.943  2.740   1.00 36.92 ? 215 GLN A CB  1 
ATOM   843  C  CG  . GLN A 1 124 ? 11.631  12.706  4.044   1.00 45.84 ? 215 GLN A CG  1 
ATOM   844  C  CD  . GLN A 1 124 ? 11.529  11.814  5.271   1.00 52.20 ? 215 GLN A CD  1 
ATOM   845  O  OE1 . GLN A 1 124 ? 12.139  10.738  5.316   1.00 50.75 ? 215 GLN A OE1 1 
ATOM   846  N  NE2 . GLN A 1 124 ? 10.768  12.259  6.272   1.00 48.56 ? 215 GLN A NE2 1 
ATOM   847  N  N   . ARG A 1 125 ? 11.687  11.638  -0.513  1.00 33.36 ? 216 ARG A N   1 
ATOM   848  C  CA  . ARG A 1 125 ? 12.384  11.271  -1.741  1.00 31.89 ? 216 ARG A CA  1 
ATOM   849  C  C   . ARG A 1 125 ? 12.162  12.288  -2.854  1.00 36.19 ? 216 ARG A C   1 
ATOM   850  O  O   . ARG A 1 125 ? 12.608  12.061  -3.988  1.00 35.90 ? 216 ARG A O   1 
ATOM   851  C  CB  . ARG A 1 125 ? 11.942  9.868   -2.184  1.00 31.37 ? 216 ARG A CB  1 
ATOM   852  C  CG  . ARG A 1 125 ? 12.299  8.738   -1.199  1.00 32.74 ? 216 ARG A CG  1 
ATOM   853  C  CD  . ARG A 1 125 ? 11.800  7.374   -1.728  1.00 34.94 ? 216 ARG A CD  1 
ATOM   854  N  NE  . ARG A 1 125 ? 12.004  6.244   -0.816  1.00 32.83 ? 216 ARG A NE  1 
ATOM   855  C  CZ  . ARG A 1 125 ? 11.677  4.983   -1.089  1.00 34.81 ? 216 ARG A CZ  1 
ATOM   856  N  NH1 . ARG A 1 125 ? 11.104  4.667   -2.249  1.00 35.80 ? 216 ARG A NH1 1 
ATOM   857  N  NH2 . ARG A 1 125 ? 11.908  4.023   -0.197  1.00 35.70 ? 216 ARG A NH2 1 
ATOM   858  N  N   . ASP A 1 126 ? 11.490  13.377  -2.528  1.00 34.21 ? 217 ASP A N   1 
ATOM   859  C  CA  . ASP A 1 126 ? 11.194  14.517  -3.420  1.00 33.38 ? 217 ASP A CA  1 
ATOM   860  C  C   . ASP A 1 126 ? 10.285  14.130  -4.589  1.00 39.28 ? 217 ASP A C   1 
ATOM   861  O  O   . ASP A 1 126 ? 10.351  14.772  -5.598  1.00 38.39 ? 217 ASP A O   1 
ATOM   862  C  CB  . ASP A 1 126 ? 12.470  15.204  -3.888  1.00 40.23 ? 217 ASP A CB  1 
ATOM   863  C  CG  . ASP A 1 126 ? 12.226  16.635  -4.313  1.00 50.50 ? 217 ASP A CG  1 
ATOM   864  O  OD1 . ASP A 1 126 ? 11.425  17.291  -3.671  1.00 57.02 ? 217 ASP A OD1 1 
ATOM   865  O  OD2 . ASP A 1 126 ? 12.835  17.077  -5.275  1.00 60.51 ? 217 ASP A OD2 1 
ATOM   866  N  N   . ILE A 1 127 ? 9.434   13.147  -4.381  1.00 31.01 ? 218 ILE A N   1 
ATOM   867  C  CA  . ILE A 1 127 ? 8.358   12.846  -5.323  1.00 31.32 ? 218 ILE A CA  1 
ATOM   868  C  C   . ILE A 1 127 ? 7.219   13.832  -5.079  1.00 35.79 ? 218 ILE A C   1 
ATOM   869  O  O   . ILE A 1 127 ? 6.641   13.864  -3.988  1.00 40.13 ? 218 ILE A O   1 
ATOM   870  C  CB  . ILE A 1 127 ? 7.875   11.401  -5.161  1.00 30.38 ? 218 ILE A CB  1 
ATOM   871  C  CG1 . ILE A 1 127 ? 9.059   10.450  -5.219  1.00 30.31 ? 218 ILE A CG1 1 
ATOM   872  C  CG2 . ILE A 1 127 ? 6.791   11.075  -6.220  1.00 30.88 ? 218 ILE A CG2 1 
ATOM   873  C  CD1 . ILE A 1 127 ? 9.897   10.592  -6.484  1.00 32.25 ? 218 ILE A CD1 1 
ATOM   874  N  N   . SER A 1 128 ? 6.878   14.626  -6.090  1.00 33.92 ? 219 SER A N   1 
ATOM   875  C  CA  . SER A 1 128 ? 5.909   15.701  -5.879  1.00 40.68 ? 219 SER A CA  1 
ATOM   876  C  C   . SER A 1 128 ? 4.474   15.319  -6.227  1.00 39.33 ? 219 SER A C   1 
ATOM   877  O  O   . SER A 1 128 ? 3.536   15.880  -5.647  1.00 42.08 ? 219 SER A O   1 
ATOM   878  C  CB  . SER A 1 128 ? 6.305   16.930  -6.696  1.00 43.68 ? 219 SER A CB  1 
ATOM   879  O  OG  . SER A 1 128 ? 6.665   16.551  -8.017  1.00 49.77 ? 219 SER A OG  1 
ATOM   880  N  N   . ASN A 1 129 ? 4.272   14.395  -7.162  1.00 29.57 ? 220 ASN A N   1 
ATOM   881  C  CA  . ASN A 1 129 ? 2.946   14.084  -7.701  1.00 31.28 ? 220 ASN A CA  1 
ATOM   882  C  C   . ASN A 1 129 ? 2.622   12.660  -7.267  1.00 31.54 ? 220 ASN A C   1 
ATOM   883  O  O   . ASN A 1 129 ? 3.139   11.714  -7.857  1.00 30.00 ? 220 ASN A O   1 
ATOM   884  C  CB  . ASN A 1 129 ? 2.957   14.225  -9.228  1.00 32.52 ? 220 ASN A CB  1 
ATOM   885  C  CG  . ASN A 1 129 ? 1.591   13.996  -9.867  1.00 36.68 ? 220 ASN A CG  1 
ATOM   886  O  OD1 . ASN A 1 129 ? 0.561   14.348  -9.290  1.00 37.07 ? 220 ASN A OD1 1 
ATOM   887  N  ND2 . ASN A 1 129 ? 1.580   13.408  -11.083 1.00 37.35 ? 220 ASN A ND2 1 
ATOM   888  N  N   . ILE A 1 130 ? 1.783   12.512  -6.240  1.00 25.28 ? 221 ILE A N   1 
ATOM   889  C  CA  . ILE A 1 130 ? 1.476   11.211  -5.626  1.00 26.80 ? 221 ILE A CA  1 
ATOM   890  C  C   . ILE A 1 130 ? 0.033   10.852  -5.943  1.00 28.30 ? 221 ILE A C   1 
ATOM   891  O  O   . ILE A 1 130 ? -0.895  11.578  -5.556  1.00 28.31 ? 221 ILE A O   1 
ATOM   892  C  CB  . ILE A 1 130 ? 1.701   11.242  -4.103  1.00 25.68 ? 221 ILE A CB  1 
ATOM   893  C  CG1 . ILE A 1 130 ? 3.167   11.545  -3.783  1.00 29.31 ? 221 ILE A CG1 1 
ATOM   894  C  CG2 . ILE A 1 130 ? 1.269   9.907   -3.469  1.00 25.77 ? 221 ILE A CG2 1 
ATOM   895  C  CD1 . ILE A 1 130 ? 3.403   11.831  -2.283  1.00 28.41 ? 221 ILE A CD1 1 
ATOM   896  N  N   . THR A 1 131 ? -0.175  9.714   -6.611  1.00 23.13 ? 222 THR A N   1 
ATOM   897  C  CA  . THR A 1 131 ? -1.497  9.391   -7.114  1.00 26.33 ? 222 THR A CA  1 
ATOM   898  C  C   . THR A 1 131 ? -1.935  8.008   -6.643  1.00 27.88 ? 222 THR A C   1 
ATOM   899  O  O   . THR A 1 131 ? -1.132  7.178   -6.187  1.00 24.72 ? 222 THR A O   1 
ATOM   900  C  CB  . THR A 1 131 ? -1.565  9.442   -8.669  1.00 29.80 ? 222 THR A CB  1 
ATOM   901  O  OG1 . THR A 1 131 ? -0.734  8.415   -9.216  1.00 29.57 ? 222 THR A OG1 1 
ATOM   902  C  CG2 . THR A 1 131 ? -1.093  10.759  -9.203  1.00 29.52 ? 222 THR A CG2 1 
ATOM   903  N  N   . LEU A 1 132 ? -3.231  7.766   -6.771  1.00 25.05 ? 223 LEU A N   1 
ATOM   904  C  CA  . LEU A 1 132 ? -3.774  6.434   -6.533  1.00 27.55 ? 223 LEU A CA  1 
ATOM   905  C  C   . LEU A 1 132 ? -5.123  6.326   -7.229  1.00 30.75 ? 223 LEU A C   1 
ATOM   906  O  O   . LEU A 1 132 ? -5.661  7.312   -7.736  1.00 30.31 ? 223 LEU A O   1 
ATOM   907  C  CB  . LEU A 1 132 ? -3.891  6.132   -5.035  1.00 27.20 ? 223 LEU A CB  1 
ATOM   908  C  CG  . LEU A 1 132 ? -4.697  7.012   -4.083  1.00 32.96 ? 223 LEU A CG  1 
ATOM   909  C  CD1 . LEU A 1 132 ? -6.223  6.745   -4.195  1.00 31.87 ? 223 LEU A CD1 1 
ATOM   910  C  CD2 . LEU A 1 132 ? -4.224  6.732   -2.663  1.00 32.24 ? 223 LEU A CD2 1 
ATOM   911  N  N   . PHE A 1 133 ? -5.641  5.094   -7.281  1.00 31.09 ? 224 PHE A N   1 
ATOM   912  C  CA  . PHE A 1 133 ? -6.926  4.774   -7.899  1.00 33.56 ? 224 PHE A CA  1 
ATOM   913  C  C   . PHE A 1 133 ? -7.804  4.166   -6.818  1.00 36.08 ? 224 PHE A C   1 
ATOM   914  O  O   . PHE A 1 133 ? -7.615  3.008   -6.441  1.00 36.37 ? 224 PHE A O   1 
ATOM   915  C  CB  . PHE A 1 133 ? -6.766  3.811   -9.077  1.00 31.33 ? 224 PHE A CB  1 
ATOM   916  C  CG  . PHE A 1 133 ? -6.076  4.425   -10.256 1.00 30.34 ? 224 PHE A CG  1 
ATOM   917  C  CD1 . PHE A 1 133 ? -6.776  5.204   -11.156 1.00 29.84 ? 224 PHE A CD1 1 
ATOM   918  C  CD2 . PHE A 1 133 ? -4.724  4.219   -10.463 1.00 31.02 ? 224 PHE A CD2 1 
ATOM   919  C  CE1 . PHE A 1 133 ? -6.142  5.779   -12.247 1.00 33.03 ? 224 PHE A CE1 1 
ATOM   920  C  CE2 . PHE A 1 133 ? -4.070  4.809   -11.536 1.00 29.10 ? 224 PHE A CE2 1 
ATOM   921  C  CZ  . PHE A 1 133 ? -4.779  5.586   -12.434 1.00 30.45 ? 224 PHE A CZ  1 
ATOM   922  N  N   . ALA A 1 134 ? -8.763  4.938   -6.321  1.00 35.45 ? 225 ALA A N   1 
ATOM   923  C  CA  . ALA A 1 134 ? -9.547  4.538   -5.159  1.00 36.06 ? 225 ALA A CA  1 
ATOM   924  C  C   . ALA A 1 134 ? -10.885 3.942   -5.583  1.00 37.20 ? 225 ALA A C   1 
ATOM   925  O  O   . ALA A 1 134 ? -11.639 4.574   -6.333  1.00 37.78 ? 225 ALA A O   1 
ATOM   926  C  CB  . ALA A 1 134 ? -9.779  5.734   -4.236  1.00 32.90 ? 225 ALA A CB  1 
ATOM   927  N  N   . ASP A 1 135 ? -11.173 2.758   -5.099  1.00 40.91 ? 226 ASP A N   1 
ATOM   928  C  CA  . ASP A 1 135 ? -12.527 2.222   -5.343  1.00 45.81 ? 226 ASP A CA  1 
ATOM   929  C  C   . ASP A 1 135 ? -13.498 3.128   -4.584  1.00 43.96 ? 226 ASP A C   1 
ATOM   930  O  O   . ASP A 1 135 ? -13.116 3.838   -3.697  1.00 40.57 ? 226 ASP A O   1 
ATOM   931  C  CB  . ASP A 1 135 ? -12.581 0.718   -5.115  1.00 47.74 ? 226 ASP A CB  1 
ATOM   932  C  CG  . ASP A 1 135 ? -11.866 0.286   -3.870  1.00 52.57 ? 226 ASP A CG  1 
ATOM   933  O  OD1 . ASP A 1 135 ? -10.643 0.232   -3.871  1.00 48.81 ? 226 ASP A OD1 1 
ATOM   934  O  OD2 . ASP A 1 135 ? -12.559 0.025   -2.917  1.00 53.76 ? 226 ASP A OD2 1 
ATOM   935  N  N   . ASN A 1 136 ? -14.742 3.098   -4.977  1.00 48.02 ? 227 ASN A N   1 
ATOM   936  C  CA  . ASN A 1 136 ? -15.761 4.005   -4.464  1.00 45.55 ? 227 ASN A CA  1 
ATOM   937  C  C   . ASN A 1 136 ? -15.807 3.998   -2.935  1.00 42.93 ? 227 ASN A C   1 
ATOM   938  O  O   . ASN A 1 136 ? -15.951 5.053   -2.303  1.00 43.16 ? 227 ASN A O   1 
ATOM   939  C  CB  . ASN A 1 136 ? -17.121 3.625   -5.061  1.00 51.50 ? 227 ASN A CB  1 
ATOM   940  C  CG  . ASN A 1 136 ? -18.266 4.342   -4.393  1.00 55.84 ? 227 ASN A CG  1 
ATOM   941  O  OD1 . ASN A 1 136 ? -18.492 5.534   -4.625  1.00 59.23 ? 227 ASN A OD1 1 
ATOM   942  N  ND2 . ASN A 1 136 ? -18.985 3.629   -3.535  1.00 55.03 ? 227 ASN A ND2 1 
ATOM   943  N  N   . LYS A 1 137 ? -15.643 2.825   -2.316  1.00 44.36 ? 228 LYS A N   1 
ATOM   944  C  CA  . LYS A 1 137 ? -15.836 2.727   -0.873  1.00 45.25 ? 228 LYS A CA  1 
ATOM   945  C  C   . LYS A 1 137 ? -14.654 3.233   -0.047  1.00 48.94 ? 228 LYS A C   1 
ATOM   946  O  O   . LYS A 1 137 ? -14.784 3.324   1.181   1.00 44.95 ? 228 LYS A O   1 
ATOM   947  C  CB  . LYS A 1 137 ? -16.160 1.283   -0.487  1.00 50.37 ? 228 LYS A CB  1 
ATOM   948  C  CG  . LYS A 1 137 ? -17.653 0.953   -0.646  1.00 54.44 ? 228 LYS A CG  1 
ATOM   949  C  CD  . LYS A 1 137 ? -18.056 -0.274  0.155   1.00 56.77 ? 228 LYS A CD  1 
ATOM   950  C  CE  . LYS A 1 137 ? -18.004 0.011   1.662   1.00 63.38 ? 228 LYS A CE  1 
ATOM   951  N  NZ  . LYS A 1 137 ? -19.350 0.247   2.274   1.00 69.34 ? 228 LYS A NZ  1 
ATOM   952  N  N   . VAL A 1 138 ? -13.519 3.591   -0.659  1.00 41.13 ? 229 VAL A N   1 
ATOM   953  C  CA  . VAL A 1 138 ? -12.423 4.177   0.101   1.00 39.49 ? 229 VAL A CA  1 
ATOM   954  C  C   . VAL A 1 138 ? -12.093 5.593   -0.354  1.00 36.16 ? 229 VAL A C   1 
ATOM   955  O  O   . VAL A 1 138 ? -11.113 6.168   0.111   1.00 36.30 ? 229 VAL A O   1 
ATOM   956  C  CB  . VAL A 1 138 ? -11.159 3.291   0.063   1.00 36.93 ? 229 VAL A CB  1 
ATOM   957  C  CG1 . VAL A 1 138 ? -11.413 1.967   0.781   1.00 38.82 ? 229 VAL A CG1 1 
ATOM   958  C  CG2 . VAL A 1 138 ? -10.713 3.060   -1.381  1.00 39.95 ? 229 VAL A CG2 1 
ATOM   959  N  N   . VAL A 1 139 ? -12.892 6.170   -1.256  1.00 36.48 ? 230 VAL A N   1 
ATOM   960  C  CA  . VAL A 1 139 ? -12.640 7.541   -1.702  1.00 38.45 ? 230 VAL A CA  1 
ATOM   961  C  C   . VAL A 1 139 ? -12.621 8.501   -0.513  1.00 36.64 ? 230 VAL A C   1 
ATOM   962  O  O   . VAL A 1 139 ? -11.726 9.346   -0.386  1.00 34.87 ? 230 VAL A O   1 
ATOM   963  C  CB  . VAL A 1 139 ? -13.679 7.956   -2.761  1.00 38.16 ? 230 VAL A CB  1 
ATOM   964  C  CG1 . VAL A 1 139 ? -13.673 9.468   -2.973  1.00 34.92 ? 230 VAL A CG1 1 
ATOM   965  C  CG2 . VAL A 1 139 ? -13.429 7.216   -4.076  1.00 38.66 ? 230 VAL A CG2 1 
ATOM   966  N  N   . ASP A 1 140 ? -13.596 8.376   0.393   1.00 38.96 ? 231 ASP A N   1 
ATOM   967  C  CA  . ASP A 1 140 ? -13.665 9.301   1.524   1.00 39.59 ? 231 ASP A CA  1 
ATOM   968  C  C   . ASP A 1 140 ? -12.497 9.109   2.484   1.00 36.67 ? 231 ASP A C   1 
ATOM   969  O  O   . ASP A 1 140 ? -11.979 10.081  3.046   1.00 36.11 ? 231 ASP A O   1 
ATOM   970  C  CB  . ASP A 1 140 ? -14.994 9.130   2.267   1.00 40.25 ? 231 ASP A CB  1 
ATOM   971  C  CG  . ASP A 1 140 ? -16.184 9.646   1.469   1.00 51.62 ? 231 ASP A CG  1 
ATOM   972  O  OD1 . ASP A 1 140 ? -15.990 10.575  0.650   1.00 52.46 ? 231 ASP A OD1 1 
ATOM   973  O  OD2 . ASP A 1 140 ? -17.305 9.119   1.653   1.00 57.16 ? 231 ASP A OD2 1 
ATOM   974  N  N   . PHE A 1 141 ? -12.083 7.862   2.696   1.00 36.00 ? 232 PHE A N   1 
ATOM   975  C  CA  . PHE A 1 141 ? -10.903 7.581   3.510   1.00 35.56 ? 232 PHE A CA  1 
ATOM   976  C  C   . PHE A 1 141 ? -9.683  8.347   3.003   1.00 34.04 ? 232 PHE A C   1 
ATOM   977  O  O   . PHE A 1 141 ? -8.947  8.963   3.786   1.00 36.62 ? 232 PHE A O   1 
ATOM   978  C  CB  . PHE A 1 141 ? -10.652 6.064   3.512   1.00 36.01 ? 232 PHE A CB  1 
ATOM   979  C  CG  . PHE A 1 141 ? -9.384  5.637   4.212   1.00 38.73 ? 232 PHE A CG  1 
ATOM   980  C  CD1 . PHE A 1 141 ? -8.178  5.591   3.526   1.00 38.17 ? 232 PHE A CD1 1 
ATOM   981  C  CD2 . PHE A 1 141 ? -9.403  5.244   5.544   1.00 37.42 ? 232 PHE A CD2 1 
ATOM   982  C  CE1 . PHE A 1 141 ? -7.018  5.186   4.156   1.00 36.20 ? 232 PHE A CE1 1 
ATOM   983  C  CE2 . PHE A 1 141 ? -8.249  4.841   6.184   1.00 39.98 ? 232 PHE A CE2 1 
ATOM   984  C  CZ  . PHE A 1 141 ? -7.044  4.809   5.493   1.00 39.40 ? 232 PHE A CZ  1 
ATOM   985  N  N   . TYR A 1 142 ? -9.446  8.322   1.691   1.00 33.82 ? 233 TYR A N   1 
ATOM   986  C  CA  . TYR A 1 142 ? -8.268  9.016   1.168   1.00 31.86 ? 233 TYR A CA  1 
ATOM   987  C  C   . TYR A 1 142 ? -8.486  10.523  1.109   1.00 30.15 ? 233 TYR A C   1 
ATOM   988  O  O   . TYR A 1 142 ? -7.534  11.295  1.302   1.00 31.33 ? 233 TYR A O   1 
ATOM   989  C  CB  . TYR A 1 142 ? -7.892  8.432   -0.205  1.00 30.97 ? 233 TYR A CB  1 
ATOM   990  C  CG  . TYR A 1 142 ? -7.271  7.042   -0.089  1.00 30.46 ? 233 TYR A CG  1 
ATOM   991  C  CD1 . TYR A 1 142 ? -6.071  6.850   0.596   1.00 31.89 ? 233 TYR A CD1 1 
ATOM   992  C  CD2 . TYR A 1 142 ? -7.889  5.928   -0.648  1.00 33.86 ? 233 TYR A CD2 1 
ATOM   993  C  CE1 . TYR A 1 142 ? -5.505  5.587   0.707   1.00 30.49 ? 233 TYR A CE1 1 
ATOM   994  C  CE2 . TYR A 1 142 ? -7.334  4.666   -0.537  1.00 30.91 ? 233 TYR A CE2 1 
ATOM   995  C  CZ  . TYR A 1 142 ? -6.144  4.505   0.141   1.00 31.40 ? 233 TYR A CZ  1 
ATOM   996  O  OH  . TYR A 1 142 ? -5.603  3.240   0.241   1.00 34.47 ? 233 TYR A OH  1 
ATOM   997  N  N   . LYS A 1 143 ? -9.716  10.933  0.895   1.00 34.36 ? 234 LYS A N   1 
ATOM   998  C  CA  . LYS A 1 143 ? -9.991  12.382  0.931   1.00 35.38 ? 234 LYS A CA  1 
ATOM   999  C  C   . LYS A 1 143 ? -9.544  12.914  2.300   1.00 36.23 ? 234 LYS A C   1 
ATOM   1000 O  O   . LYS A 1 143 ? -8.912  13.907  2.371   1.00 35.10 ? 234 LYS A O   1 
ATOM   1001 C  CB  . LYS A 1 143 ? -11.495 12.603  0.794   1.00 38.39 ? 234 LYS A CB  1 
ATOM   1002 C  CG  . LYS A 1 143 ? -11.950 13.403  -0.398  1.00 47.89 ? 234 LYS A CG  1 
ATOM   1003 C  CD  . LYS A 1 143 ? -13.249 14.148  -0.180  1.00 50.77 ? 234 LYS A CD  1 
ATOM   1004 C  CE  . LYS A 1 143 ? -13.089 15.636  -0.429  1.00 55.99 ? 234 LYS A CE  1 
ATOM   1005 N  NZ  . LYS A 1 143 ? -14.136 16.491  0.194   1.00 63.06 ? 234 LYS A NZ  1 
ATOM   1006 N  N   . ASN A 1 144 ? -9.887  12.215  3.360   1.00 37.22 ? 235 ASN A N   1 
ATOM   1007 C  CA  . ASN A 1 144 ? -9.534  12.673  4.704   1.00 36.35 ? 235 ASN A CA  1 
ATOM   1008 C  C   . ASN A 1 144 ? -8.024  12.781  4.904   1.00 40.37 ? 235 ASN A C   1 
ATOM   1009 O  O   . ASN A 1 144 ? -7.554  13.588  5.724   1.00 36.38 ? 235 ASN A O   1 
ATOM   1010 C  CB  . ASN A 1 144 ? -10.135 11.704  5.746   1.00 40.77 ? 235 ASN A CB  1 
ATOM   1011 C  CG  . ASN A 1 144 ? -9.787  12.048  7.177   1.00 43.13 ? 235 ASN A CG  1 
ATOM   1012 O  OD1 . ASN A 1 144 ? -10.170 13.111  7.669   1.00 47.45 ? 235 ASN A OD1 1 
ATOM   1013 N  ND2 . ASN A 1 144 ? -9.064  11.150  7.855   1.00 40.63 ? 235 ASN A ND2 1 
ATOM   1014 N  N   . LEU A 1 145 ? -7.250  11.999  4.162   1.00 35.53 ? 236 LEU A N   1 
ATOM   1015 C  CA  . LEU A 1 145 ? -5.797  12.053  4.226   1.00 32.90 ? 236 LEU A CA  1 
ATOM   1016 C  C   . LEU A 1 145 ? -5.205  13.112  3.314   1.00 30.85 ? 236 LEU A C   1 
ATOM   1017 O  O   . LEU A 1 145 ? -3.988  13.323  3.345   1.00 34.27 ? 236 LEU A O   1 
ATOM   1018 C  CB  . LEU A 1 145 ? -5.198  10.686  3.877   1.00 34.87 ? 236 LEU A CB  1 
ATOM   1019 C  CG  . LEU A 1 145 ? -5.474  9.614   4.928   1.00 37.51 ? 236 LEU A CG  1 
ATOM   1020 C  CD1 . LEU A 1 145 ? -4.959  8.258   4.496   1.00 35.26 ? 236 LEU A CD1 1 
ATOM   1021 C  CD2 . LEU A 1 145 ? -4.838  10.002  6.252   1.00 44.55 ? 236 LEU A CD2 1 
ATOM   1022 N  N   . GLY A 1 146 ? -6.021  13.787  2.510   1.00 30.21 ? 237 GLY A N   1 
ATOM   1023 C  CA  . GLY A 1 146 ? -5.531  14.870  1.680   1.00 34.82 ? 237 GLY A CA  1 
ATOM   1024 C  C   . GLY A 1 146 ? -5.526  14.565  0.196   1.00 32.17 ? 237 GLY A C   1 
ATOM   1025 O  O   . GLY A 1 146 ? -5.131  15.432  -0.595  1.00 30.73 ? 237 GLY A O   1 
ATOM   1026 N  N   . PHE A 1 147 ? -5.966  13.374  -0.202  1.00 29.96 ? 238 PHE A N   1 
ATOM   1027 C  CA  . PHE A 1 147 ? -6.157  13.088  -1.615  1.00 30.11 ? 238 PHE A CA  1 
ATOM   1028 C  C   . PHE A 1 147 ? -7.398  13.790  -2.144  1.00 33.85 ? 238 PHE A C   1 
ATOM   1029 O  O   . PHE A 1 147 ? -8.358  14.057  -1.416  1.00 31.98 ? 238 PHE A O   1 
ATOM   1030 C  CB  . PHE A 1 147 ? -6.244  11.576  -1.860  1.00 30.04 ? 238 PHE A CB  1 
ATOM   1031 C  CG  . PHE A 1 147 ? -4.932  10.884  -1.720  1.00 30.83 ? 238 PHE A CG  1 
ATOM   1032 C  CD1 . PHE A 1 147 ? -4.524  10.393  -0.487  1.00 28.53 ? 238 PHE A CD1 1 
ATOM   1033 C  CD2 . PHE A 1 147 ? -4.079  10.744  -2.814  1.00 28.49 ? 238 PHE A CD2 1 
ATOM   1034 C  CE1 . PHE A 1 147 ? -3.294  9.775   -0.351  1.00 30.07 ? 238 PHE A CE1 1 
ATOM   1035 C  CE2 . PHE A 1 147 ? -2.854  10.112  -2.677  1.00 26.96 ? 238 PHE A CE2 1 
ATOM   1036 C  CZ  . PHE A 1 147 ? -2.459  9.647   -1.441  1.00 27.86 ? 238 PHE A CZ  1 
ATOM   1037 N  N   . GLU A 1 148 ? -7.352  14.119  -3.428  1.00 31.75 ? 239 GLU A N   1 
ATOM   1038 C  CA  . GLU A 1 148 ? -8.408  14.865  -4.095  1.00 36.41 ? 239 GLU A CA  1 
ATOM   1039 C  C   . GLU A 1 148 ? -8.701  14.164  -5.409  1.00 37.96 ? 239 GLU A C   1 
ATOM   1040 O  O   . GLU A 1 148 ? -7.770  13.907  -6.184  1.00 35.00 ? 239 GLU A O   1 
ATOM   1041 C  CB  . GLU A 1 148 ? -7.956  16.311  -4.310  1.00 37.24 ? 239 GLU A CB  1 
ATOM   1042 C  CG  . GLU A 1 148 ? -8.895  17.200  -5.105  1.00 43.56 ? 239 GLU A CG  1 
ATOM   1043 C  CD  . GLU A 1 148 ? -8.331  18.613  -5.264  1.00 46.56 ? 239 GLU A CD  1 
ATOM   1044 O  OE1 . GLU A 1 148 ? -7.439  18.992  -4.464  1.00 49.03 ? 239 GLU A OE1 1 
ATOM   1045 O  OE2 . GLU A 1 148 ? -8.765  19.337  -6.189  1.00 50.90 ? 239 GLU A OE2 1 
ATOM   1046 N  N   . ALA A 1 149 ? -9.975  13.819  -5.643  1.00 33.68 ? 240 ALA A N   1 
ATOM   1047 C  CA  . ALA A 1 149 ? -10.368 13.184  -6.895  1.00 36.83 ? 240 ALA A CA  1 
ATOM   1048 C  C   . ALA A 1 149 ? -10.553 14.216  -7.998  1.00 44.09 ? 240 ALA A C   1 
ATOM   1049 O  O   . ALA A 1 149 ? -11.002 15.337  -7.750  1.00 39.80 ? 240 ALA A O   1 
ATOM   1050 C  CB  . ALA A 1 149 ? -11.658 12.384  -6.718  1.00 35.15 ? 240 ALA A CB  1 
ATOM   1051 N  N   . ASP A 1 150 ? -10.180 13.833  -9.223  1.00 39.44 ? 241 ASP A N   1 
ATOM   1052 C  CA  . ASP A 1 150 ? -10.410 14.637  -10.422 1.00 41.55 ? 241 ASP A CA  1 
ATOM   1053 C  C   . ASP A 1 150 ? -10.044 16.111  -10.293 1.00 42.48 ? 241 ASP A C   1 
ATOM   1054 O  O   . ASP A 1 150 ? -10.851 16.984  -10.664 1.00 45.85 ? 241 ASP A O   1 
ATOM   1055 C  CB  . ASP A 1 150 ? -11.860 14.521  -10.869 1.00 43.03 ? 241 ASP A CB  1 
ATOM   1056 C  CG  . ASP A 1 150 ? -12.289 13.117  -11.146 1.00 44.98 ? 241 ASP A CG  1 
ATOM   1057 O  OD1 . ASP A 1 150 ? -11.439 12.199  -11.084 1.00 41.64 ? 241 ASP A OD1 1 
ATOM   1058 O  OD2 . ASP A 1 150 ? -13.496 12.930  -11.439 1.00 44.94 ? 241 ASP A OD2 1 
ATOM   1059 N  N   . PRO A 1 151 ? -8.857  16.449  -9.799  1.00 44.11 ? 242 PRO A N   1 
ATOM   1060 C  CA  . PRO A 1 151 ? -8.481  17.868  -9.761  1.00 41.88 ? 242 PRO A CA  1 
ATOM   1061 C  C   . PRO A 1 151 ? -8.567  18.469  -11.156 1.00 48.88 ? 242 PRO A C   1 
ATOM   1062 O  O   . PRO A 1 151 ? -8.008  17.935  -12.119 1.00 44.41 ? 242 PRO A O   1 
ATOM   1063 C  CB  . PRO A 1 151 ? -7.043  17.848  -9.231  1.00 43.19 ? 242 PRO A CB  1 
ATOM   1064 C  CG  . PRO A 1 151 ? -6.544  16.472  -9.552  1.00 40.45 ? 242 PRO A CG  1 
ATOM   1065 C  CD  . PRO A 1 151 ? -7.738  15.588  -9.366  1.00 36.87 ? 242 PRO A CD  1 
ATOM   1066 N  N   . GLN A 1 152 ? -9.317  19.569  -11.268 1.00 46.72 ? 243 GLN A N   1 
ATOM   1067 C  CA  . GLN A 1 152 ? -9.488  20.282  -12.534 1.00 45.34 ? 243 GLN A CA  1 
ATOM   1068 C  C   . GLN A 1 152 ? -10.155 19.408  -13.588 1.00 43.05 ? 243 GLN A C   1 
ATOM   1069 O  O   . GLN A 1 152 ? -9.954  19.606  -14.787 1.00 47.21 ? 243 GLN A O   1 
ATOM   1070 C  CB  . GLN A 1 152 ? -8.154  20.820  -13.056 1.00 46.64 ? 243 GLN A CB  1 
ATOM   1071 C  CG  . GLN A 1 152 ? -7.407  21.679  -12.051 1.00 54.60 ? 243 GLN A CG  1 
ATOM   1072 C  CD  . GLN A 1 152 ? -6.177  22.332  -12.647 1.00 56.95 ? 243 GLN A CD  1 
ATOM   1073 O  OE1 . GLN A 1 152 ? -5.045  21.991  -12.301 1.00 59.95 ? 243 GLN A OE1 1 
ATOM   1074 N  NE2 . GLN A 1 152 ? -6.392  23.278  -13.555 1.00 57.49 ? 243 GLN A NE2 1 
ATOM   1075 N  N   . GLY A 1 153 ? -10.970 18.449  -13.150 1.00 41.00 ? 244 GLY A N   1 
ATOM   1076 C  CA  . GLY A 1 153 ? -11.633 17.538  -14.060 1.00 45.22 ? 244 GLY A CA  1 
ATOM   1077 C  C   . GLY A 1 153 ? -10.749 16.487  -14.701 1.00 44.59 ? 244 GLY A C   1 
ATOM   1078 O  O   . GLY A 1 153 ? -11.230 15.748  -15.564 1.00 43.14 ? 244 GLY A O   1 
ATOM   1079 N  N   . ILE A 1 154 ? -9.471  16.405  -14.318 1.00 43.20 ? 245 ILE A N   1 
ATOM   1080 C  CA  . ILE A 1 154 ? -8.614  15.305  -14.763 1.00 38.74 ? 245 ILE A CA  1 
ATOM   1081 C  C   . ILE A 1 154 ? -9.266  13.976  -14.402 1.00 38.28 ? 245 ILE A C   1 
ATOM   1082 O  O   . ILE A 1 154 ? -9.758  13.798  -13.281 1.00 39.44 ? 245 ILE A O   1 
ATOM   1083 C  CB  . ILE A 1 154 ? -7.221  15.438  -14.127 1.00 40.30 ? 245 ILE A CB  1 
ATOM   1084 C  CG1 . ILE A 1 154 ? -6.524  16.707  -14.624 1.00 43.00 ? 245 ILE A CG1 1 
ATOM   1085 C  CG2 . ILE A 1 154 ? -6.365  14.206  -14.434 1.00 40.05 ? 245 ILE A CG2 1 
ATOM   1086 C  CD1 . ILE A 1 154 ? -5.232  17.027  -13.897 1.00 43.94 ? 245 ILE A CD1 1 
ATOM   1087 N  N   . LYS A 1 155 ? -9.276  13.031  -15.346 1.00 34.47 ? 246 LYS A N   1 
ATOM   1088 C  CA  . LYS A 1 155 ? -9.909  11.728  -15.146 1.00 34.35 ? 246 LYS A CA  1 
ATOM   1089 C  C   . LYS A 1 155 ? -8.874  10.606  -15.123 1.00 33.73 ? 246 LYS A C   1 
ATOM   1090 O  O   . LYS A 1 155 ? -8.016  10.535  -16.005 1.00 33.46 ? 246 LYS A O   1 
ATOM   1091 C  CB  . LYS A 1 155 ? -10.920 11.433  -16.255 1.00 38.11 ? 246 LYS A CB  1 
ATOM   1092 C  CG  . LYS A 1 155 ? -12.056 12.441  -16.341 1.00 40.79 ? 246 LYS A CG  1 
ATOM   1093 C  CD  . LYS A 1 155 ? -12.743 12.591  -14.994 1.00 43.16 ? 246 LYS A CD  1 
ATOM   1094 C  CE  . LYS A 1 155 ? -13.565 11.365  -14.674 1.00 42.72 ? 246 LYS A CE  1 
ATOM   1095 N  NZ  . LYS A 1 155 ? -14.527 11.605  -13.549 1.00 46.91 ? 246 LYS A NZ  1 
ATOM   1096 N  N   . GLY A 1 156 ? -8.984  9.711   -14.147 1.00 33.41 ? 247 GLY A N   1 
ATOM   1097 C  CA  . GLY A 1 156 ? -8.221  8.471   -14.205 1.00 30.38 ? 247 GLY A CA  1 
ATOM   1098 C  C   . GLY A 1 156 ? -8.879  7.521   -15.190 1.00 35.14 ? 247 GLY A C   1 
ATOM   1099 O  O   . GLY A 1 156 ? -10.073 7.210   -15.053 1.00 34.65 ? 247 GLY A O   1 
HETATM 1100 N  N   . MSE A 1 157 ? -8.140  7.081   -16.210 1.00 31.04 ? 248 MSE A N   1 
HETATM 1101 C  CA  . MSE A 1 157 ? -8.702  6.198   -17.232 1.00 31.62 ? 248 MSE A CA  1 
HETATM 1102 C  C   . MSE A 1 157 ? -7.912  4.889   -17.376 1.00 32.55 ? 248 MSE A C   1 
HETATM 1103 O  O   . MSE A 1 157 ? -6.699  4.852   -17.159 1.00 27.71 ? 248 MSE A O   1 
HETATM 1104 C  CB  . MSE A 1 157 ? -8.767  6.931   -18.571 1.00 31.52 ? 248 MSE A CB  1 
HETATM 1105 C  CG  . MSE A 1 157 ? -9.433  8.303   -18.473 1.00 34.79 ? 248 MSE A CG  1 
HETATM 1106 SE SE  . MSE A 1 157 ? -9.691  9.127   -20.241 1.00 34.74 ? 248 MSE A SE  1 
HETATM 1107 C  CE  . MSE A 1 157 ? -11.185 8.034   -20.846 1.00 35.84 ? 248 MSE A CE  1 
ATOM   1108 N  N   . PHE A 1 158 ? -8.610  3.824   -17.765 1.00 28.98 ? 249 PHE A N   1 
ATOM   1109 C  CA  . PHE A 1 158 ? -8.048  2.494   -17.941 1.00 29.49 ? 249 PHE A CA  1 
ATOM   1110 C  C   . PHE A 1 158 ? -8.335  2.019   -19.354 1.00 30.78 ? 249 PHE A C   1 
ATOM   1111 O  O   . PHE A 1 158 ? -9.414  2.291   -19.890 1.00 31.90 ? 249 PHE A O   1 
ATOM   1112 C  CB  . PHE A 1 158 ? -8.672  1.481   -16.967 1.00 29.53 ? 249 PHE A CB  1 
ATOM   1113 C  CG  . PHE A 1 158 ? -8.437  1.788   -15.505 1.00 28.62 ? 249 PHE A CG  1 
ATOM   1114 C  CD1 . PHE A 1 158 ? -9.033  2.882   -14.901 1.00 34.59 ? 249 PHE A CD1 1 
ATOM   1115 C  CD2 . PHE A 1 158 ? -7.639  0.956   -14.743 1.00 32.87 ? 249 PHE A CD2 1 
ATOM   1116 C  CE1 . PHE A 1 158 ? -8.823  3.149   -13.552 1.00 36.58 ? 249 PHE A CE1 1 
ATOM   1117 C  CE2 . PHE A 1 158 ? -7.419  1.225   -13.390 1.00 33.10 ? 249 PHE A CE2 1 
ATOM   1118 C  CZ  . PHE A 1 158 ? -8.007  2.308   -12.810 1.00 32.15 ? 249 PHE A CZ  1 
ATOM   1119 N  N   . TRP A 1 159 ? -7.402  1.280   -19.945 1.00 27.20 ? 250 TRP A N   1 
ATOM   1120 C  CA  . TRP A 1 159 ? -7.613  0.751   -21.298 1.00 27.16 ? 250 TRP A CA  1 
ATOM   1121 C  C   . TRP A 1 159 ? -8.406  -0.547  -21.184 1.00 30.41 ? 250 TRP A C   1 
ATOM   1122 O  O   . TRP A 1 159 ? -7.896  -1.547  -20.674 1.00 30.71 ? 250 TRP A O   1 
ATOM   1123 C  CB  . TRP A 1 159 ? -6.299  0.516   -22.032 1.00 28.59 ? 250 TRP A CB  1 
ATOM   1124 C  CG  . TRP A 1 159 ? -6.501  0.321   -23.505 1.00 27.95 ? 250 TRP A CG  1 
ATOM   1125 C  CD1 . TRP A 1 159 ? -6.811  1.289   -24.431 1.00 28.88 ? 250 TRP A CD1 1 
ATOM   1126 C  CD2 . TRP A 1 159 ? -6.450  -0.918  -24.223 1.00 28.50 ? 250 TRP A CD2 1 
ATOM   1127 N  NE1 . TRP A 1 159 ? -6.931  0.717   -25.681 1.00 29.66 ? 250 TRP A NE1 1 
ATOM   1128 C  CE2 . TRP A 1 159 ? -6.718  -0.631  -25.580 1.00 30.89 ? 250 TRP A CE2 1 
ATOM   1129 C  CE3 . TRP A 1 159 ? -6.212  -2.238  -23.853 1.00 27.54 ? 250 TRP A CE3 1 
ATOM   1130 C  CZ2 . TRP A 1 159 ? -6.752  -1.629  -26.565 1.00 29.83 ? 250 TRP A CZ2 1 
ATOM   1131 C  CZ3 . TRP A 1 159 ? -6.231  -3.227  -24.834 1.00 33.62 ? 250 TRP A CZ3 1 
ATOM   1132 C  CH2 . TRP A 1 159 ? -6.495  -2.914  -26.174 1.00 30.01 ? 250 TRP A CH2 1 
ATOM   1133 N  N   . TYR A 1 160 ? -9.653  -0.533  -21.655 1.00 29.84 ? 251 TYR A N   1 
ATOM   1134 C  CA  . TYR A 1 160 ? -10.558 -1.680  -21.626 1.00 29.75 ? 251 TYR A CA  1 
ATOM   1135 C  C   . TYR A 1 160 ? -10.490 -2.419  -20.282 1.00 30.50 ? 251 TYR A C   1 
ATOM   1136 O  O   . TYR A 1 160 ? -10.143 -3.604  -20.239 1.00 32.08 ? 251 TYR A O   1 
ATOM   1137 C  CB  . TYR A 1 160 ? -10.274 -2.628  -22.785 1.00 30.02 ? 251 TYR A CB  1 
ATOM   1138 C  CG  . TYR A 1 160 ? -10.783 -2.074  -24.108 1.00 29.31 ? 251 TYR A CG  1 
ATOM   1139 C  CD1 . TYR A 1 160 ? -12.151 -1.905  -24.339 1.00 32.20 ? 251 TYR A CD1 1 
ATOM   1140 C  CD2 . TYR A 1 160 ? -9.897  -1.697  -25.107 1.00 29.90 ? 251 TYR A CD2 1 
ATOM   1141 C  CE1 . TYR A 1 160 ? -12.625 -1.385  -25.566 1.00 33.05 ? 251 TYR A CE1 1 
ATOM   1142 C  CE2 . TYR A 1 160 ? -10.358 -1.173  -26.327 1.00 31.62 ? 251 TYR A CE2 1 
ATOM   1143 C  CZ  . TYR A 1 160 ? -11.717 -1.028  -26.548 1.00 34.25 ? 251 TYR A CZ  1 
ATOM   1144 O  OH  . TYR A 1 160 ? -12.165 -0.523  -27.767 1.00 28.46 ? 251 TYR A OH  1 
ATOM   1145 N  N   . PRO A 1 161 ? -10.816 -1.748  -19.177 1.00 32.33 ? 252 PRO A N   1 
ATOM   1146 C  CA  . PRO A 1 161 ? -10.693 -2.390  -17.858 1.00 35.95 ? 252 PRO A CA  1 
ATOM   1147 C  C   . PRO A 1 161 ? -11.644 -3.570  -17.715 1.00 44.73 ? 252 PRO A C   1 
ATOM   1148 O  O   . PRO A 1 161 ? -12.801 -3.515  -18.141 1.00 44.32 ? 252 PRO A O   1 
ATOM   1149 C  CB  . PRO A 1 161 ? -11.070 -1.270  -16.886 1.00 34.77 ? 252 PRO A CB  1 
ATOM   1150 C  CG  . PRO A 1 161 ? -11.945 -0.358  -17.690 1.00 36.27 ? 252 PRO A CG  1 
ATOM   1151 C  CD  . PRO A 1 161 ? -11.369 -0.393  -19.085 1.00 35.16 ? 252 PRO A CD  1 
ATOM   1152 N  N   . ARG A 1 162 ? -11.154 -4.619  -17.077 1.00 49.24 ? 253 ARG A N   1 
ATOM   1153 C  CA  . ARG A 1 162 ? -12.004 -5.772  -16.713 1.00 50.50 ? 253 ARG A CA  1 
ATOM   1154 C  C   . ARG A 1 162 ? -12.786 -5.435  -15.436 1.00 53.19 ? 253 ARG A C   1 
ATOM   1155 O  O   . ARG A 1 162 ? -12.355 -4.595  -14.678 1.00 46.05 ? 253 ARG A O   1 
ATOM   1156 C  CB  . ARG A 1 162 ? -11.122 -6.937  -16.283 1.00 51.72 ? 253 ARG A CB  1 
ATOM   1157 C  CG  . ARG A 1 162 ? -9.877  -7.153  -17.118 1.00 54.95 ? 253 ARG A CG  1 
ATOM   1158 C  CD  . ARG A 1 162 ? -10.342 -7.386  -18.530 1.00 51.93 ? 253 ARG A CD  1 
ATOM   1159 N  NE  . ARG A 1 162 ? -9.914  -8.695  -18.934 1.00 56.89 ? 253 ARG A NE  1 
ATOM   1160 C  CZ  . ARG A 1 162 ? -8.662  -9.034  -19.155 1.00 57.66 ? 253 ARG A CZ  1 
ATOM   1161 N  NH1 . ARG A 1 162 ? -8.398  -10.271 -19.522 1.00 56.44 ? 253 ARG A NH1 1 
ATOM   1162 N  NH2 . ARG A 1 162 ? -7.688  -8.154  -19.014 1.00 52.57 ? 253 ARG A NH2 1 
ATOM   1163 N  N   . PHE A 1 163 ? -13.939 -6.069  -15.260 1.00 54.63 ? 254 PHE A N   1 
ATOM   1164 C  CA  . PHE A 1 163 ? -14.712 -5.955  -14.028 1.00 59.24 ? 254 PHE A CA  1 
ATOM   1165 C  C   . PHE A 1 163 ? -13.911 -6.552  -12.877 1.00 58.36 ? 254 PHE A C   1 
ATOM   1166 O  O   . PHE A 1 163 ? -13.420 -7.681  -12.964 1.00 59.51 ? 254 PHE A O   1 
ATOM   1167 C  CB  . PHE A 1 163 ? -16.062 -6.664  -14.166 1.00 59.73 ? 254 PHE A CB  1 
ATOM   1168 C  CG  . PHE A 1 163 ? -16.972 -6.492  -12.973 1.00 59.73 ? 254 PHE A CG  1 
ATOM   1169 C  CD1 . PHE A 1 163 ? -16.885 -7.348  -11.881 1.00 61.08 ? 254 PHE A CD1 1 
ATOM   1170 C  CD2 . PHE A 1 163 ? -17.928 -5.489  -12.951 1.00 60.66 ? 254 PHE A CD2 1 
ATOM   1171 C  CE1 . PHE A 1 163 ? -17.722 -7.192  -10.786 1.00 62.08 ? 254 PHE A CE1 1 
ATOM   1172 C  CE2 . PHE A 1 163 ? -18.772 -5.330  -11.858 1.00 62.94 ? 254 PHE A CE2 1 
ATOM   1173 C  CZ  . PHE A 1 163 ? -18.667 -6.181  -10.775 1.00 60.58 ? 254 PHE A CZ  1 
ATOM   1174 N  N   . LEU A 1 164 ? -13.799 -5.769  -11.818 1.00 60.23 ? 255 LEU A N   1 
ATOM   1175 C  CA  . LEU A 1 164 ? -12.981 -6.171  -10.661 1.00 60.16 ? 255 LEU A CA  1 
ATOM   1176 C  C   . LEU A 1 164 ? -13.853 -6.593  -9.485  1.00 59.75 ? 255 LEU A C   1 
ATOM   1177 O  O   . LEU A 1 164 ? -14.561 -5.773  -8.968  1.00 56.25 ? 255 LEU A O   1 
ATOM   1178 C  CB  . LEU A 1 164 ? -12.052 -5.008  -10.336 1.00 59.19 ? 255 LEU A CB  1 
ATOM   1179 C  CG  . LEU A 1 164 ? -10.885 -4.895  -11.318 1.00 63.79 ? 255 LEU A CG  1 
ATOM   1180 C  CD1 . LEU A 1 164 ? -9.736  -4.165  -10.670 1.00 64.51 ? 255 LEU A CD1 1 
ATOM   1181 C  CD2 . LEU A 1 164 ? -10.429 -6.277  -11.768 1.00 61.30 ? 255 LEU A CD2 1 
ATOM   1182 N  N   . GLU A 1 165 ? -13.798 -7.877  -9.170  1.00 60.67 ? 256 GLU A N   1 
ATOM   1183 C  CA  . GLU A 1 165 ? -14.513 -8.366  -7.997  1.00 64.56 ? 256 GLU A CA  1 
ATOM   1184 C  C   . GLU A 1 165 ? -13.799 -7.991  -6.704  1.00 64.18 ? 256 GLU A C   1 
ATOM   1185 O  O   . GLU A 1 165 ? -14.456 -7.777  -5.675  1.00 66.61 ? 256 GLU A O   1 
ATOM   1186 C  CB  . GLU A 1 165 ? -14.682 -9.889  -8.078  1.00 68.88 ? 256 GLU A CB  1 
ATOM   1187 C  CG  . GLU A 1 165 ? -13.449 -10.643 -8.588  1.00 71.96 ? 256 GLU A CG  1 
ATOM   1188 C  CD  . GLU A 1 165 ? -13.621 -12.160 -8.553  1.00 78.62 ? 256 GLU A CD  1 
ATOM   1189 O  OE1 . GLU A 1 165 ? -13.103 -12.791 -7.605  1.00 82.01 ? 256 GLU A OE1 1 
ATOM   1190 O  OE2 . GLU A 1 165 ? -14.271 -12.718 -9.468  1.00 77.31 ? 256 GLU A OE2 1 
ATOM   1191 N  N   . HIS A 1 166 ? -12.467 -7.872  -6.807  1.00 59.72 ? 257 HIS A N   1 
ATOM   1192 C  CA  . HIS A 1 166 ? -11.509 -7.633  -5.686  1.00 61.71 ? 257 HIS A CA  1 
ATOM   1193 C  C   . HIS A 1 166 ? -10.982 -6.198  -5.665  1.00 57.71 ? 257 HIS A C   1 
ATOM   1194 O  O   . HIS A 1 166 ? -10.723 -5.651  -6.722  1.00 58.80 ? 257 HIS A O   1 
ATOM   1195 C  CB  . HIS A 1 166 ? -10.321 -8.599  -5.746  1.00 59.61 ? 257 HIS A CB  1 
ATOM   1196 C  CG  . HIS A 1 166 ? -10.495 -9.591  -6.821  1.00 66.25 ? 257 HIS A CG  1 
ATOM   1197 N  ND1 . HIS A 1 166 ? -10.935 -10.865 -6.566  1.00 65.12 ? 257 HIS A ND1 1 
ATOM   1198 C  CD2 . HIS A 1 166 ? -10.459 -9.446  -8.151  1.00 68.40 ? 257 HIS A CD2 1 
ATOM   1199 C  CE1 . HIS A 1 166 ? -11.096 -11.497 -7.701  1.00 66.50 ? 257 HIS A CE1 1 
ATOM   1200 N  NE2 . HIS A 1 166 ? -10.821 -10.643 -8.684  1.00 67.86 ? 257 HIS A NE2 1 
ATOM   1201 N  N   . HIS A 1 167 ? -10.677 -5.711  -4.472  1.00 52.86 ? 258 HIS A N   1 
ATOM   1202 C  CA  . HIS A 1 167 ? -10.300 -4.314  -4.323  1.00 51.78 ? 258 HIS A CA  1 
ATOM   1203 C  C   . HIS A 1 167 ? -8.855  -4.187  -3.859  1.00 45.58 ? 258 HIS A C   1 
ATOM   1204 O  O   . HIS A 1 167 ? -8.325  -5.064  -3.167  1.00 45.38 ? 258 HIS A O   1 
ATOM   1205 C  CB  . HIS A 1 167 ? -11.249 -3.616  -3.344  1.00 48.46 ? 258 HIS A CB  1 
ATOM   1206 C  CG  . HIS A 1 167 ? -12.666 -3.565  -3.830  1.00 59.93 ? 258 HIS A CG  1 
ATOM   1207 N  ND1 . HIS A 1 167 ? -13.050 -2.818  -4.925  1.00 61.03 ? 258 HIS A ND1 1 
ATOM   1208 C  CD2 . HIS A 1 167 ? -13.784 -4.192  -3.392  1.00 61.62 ? 258 HIS A CD2 1 
ATOM   1209 C  CE1 . HIS A 1 167 ? -14.347 -2.976  -5.130  1.00 62.76 ? 258 HIS A CE1 1 
ATOM   1210 N  NE2 . HIS A 1 167 ? -14.816 -3.803  -4.214  1.00 64.07 ? 258 HIS A NE2 1 
ATOM   1211 N  N   . HIS A 1 168 ? -8.216  -3.085  -4.246  1.00 42.22 ? 259 HIS A N   1 
ATOM   1212 C  CA  . HIS A 1 168 ? -6.803  -2.878  -3.956  1.00 40.47 ? 259 HIS A CA  1 
ATOM   1213 C  C   . HIS A 1 168 ? -6.554  -2.039  -2.699  1.00 41.04 ? 259 HIS A C   1 
ATOM   1214 O  O   . HIS A 1 168 ? -5.391  -1.719  -2.411  1.00 38.57 ? 259 HIS A O   1 
ATOM   1215 C  CB  . HIS A 1 168 ? -6.099  -2.231  -5.160  1.00 37.15 ? 259 HIS A CB  1 
ATOM   1216 C  CG  . HIS A 1 168 ? -5.999  -3.125  -6.359  1.00 43.15 ? 259 HIS A CG  1 
ATOM   1217 N  ND1 . HIS A 1 168 ? -4.836  -3.778  -6.707  1.00 44.53 ? 259 HIS A ND1 1 
ATOM   1218 C  CD2 . HIS A 1 168 ? -6.920  -3.476  -7.291  1.00 48.29 ? 259 HIS A CD2 1 
ATOM   1219 C  CE1 . HIS A 1 168 ? -5.043  -4.490  -7.802  1.00 49.59 ? 259 HIS A CE1 1 
ATOM   1220 N  NE2 . HIS A 1 168 ? -6.300  -4.328  -8.174  1.00 48.71 ? 259 HIS A NE2 1 
ATOM   1221 N  N   . HIS A 1 169 ? -7.595  -1.688  -1.936  1.00 37.29 ? 260 HIS A N   1 
ATOM   1222 C  CA  . HIS A 1 169 ? -7.429  -0.870  -0.731  1.00 33.78 ? 260 HIS A CA  1 
ATOM   1223 C  C   . HIS A 1 169 ? -8.221  -1.471  0.433   1.00 39.75 ? 260 HIS A C   1 
ATOM   1224 O  O   . HIS A 1 169 ? -9.452  -1.566  0.366   1.00 41.39 ? 260 HIS A O   1 
ATOM   1225 C  CB  . HIS A 1 169 ? -7.840  0.581   -1.026  1.00 33.85 ? 260 HIS A CB  1 
ATOM   1226 C  CG  . HIS A 1 169 ? -7.058  1.203   -2.152  1.00 34.70 ? 260 HIS A CG  1 
ATOM   1227 N  ND1 . HIS A 1 169 ? -5.833  1.810   -1.962  1.00 34.26 ? 260 HIS A ND1 1 
ATOM   1228 C  CD2 . HIS A 1 169 ? -7.318  1.293   -3.481  1.00 40.03 ? 260 HIS A CD2 1 
ATOM   1229 C  CE1 . HIS A 1 169 ? -5.373  2.251   -3.124  1.00 36.30 ? 260 HIS A CE1 1 
ATOM   1230 N  NE2 . HIS A 1 169 ? -6.257  1.949   -4.063  1.00 38.31 ? 260 HIS A NE2 1 
ATOM   1231 N  N   . HIS A 1 170 ? -7.507  -1.878  1.495   1.00 37.24 ? 261 HIS A N   1 
ATOM   1232 C  CA  . HIS A 1 170 ? -8.067  -2.497  2.705   1.00 40.79 ? 261 HIS A CA  1 
ATOM   1233 C  C   . HIS A 1 170 ? -7.335  -1.945  3.929   1.00 41.35 ? 261 HIS A C   1 
ATOM   1234 O  O   . HIS A 1 170 ? -6.109  -2.057  4.000   1.00 37.70 ? 261 HIS A O   1 
ATOM   1235 C  CB  . HIS A 1 170 ? -7.913  -4.027  2.670   1.00 40.54 ? 261 HIS A CB  1 
ATOM   1236 C  CG  . HIS A 1 170 ? -8.795  -4.719  1.671   1.00 44.83 ? 261 HIS A CG  1 
ATOM   1237 N  ND1 . HIS A 1 170 ? -8.400  -4.982  0.375   1.00 45.19 ? 261 HIS A ND1 1 
ATOM   1238 C  CD2 . HIS A 1 170 ? -10.045 -5.225  1.790   1.00 42.71 ? 261 HIS A CD2 1 
ATOM   1239 C  CE1 . HIS A 1 170 ? -9.371  -5.610  -0.264  1.00 42.41 ? 261 HIS A CE1 1 
ATOM   1240 N  NE2 . HIS A 1 170 ? -10.383 -5.764  0.571   1.00 42.70 ? 261 HIS A NE2 1 
ATOM   1241 N  N   . HIS A 1 171 ? -8.063  -1.381  4.906   1.00 38.97 ? 262 HIS A N   1 
ATOM   1242 C  CA  . HIS A 1 171 ? -7.404  -0.551  5.932   1.00 41.54 ? 262 HIS A CA  1 
ATOM   1243 C  C   . HIS A 1 171 ? -7.520  -0.992  7.401   1.00 47.44 ? 262 HIS A C   1 
ATOM   1244 O  O   . HIS A 1 171 ? -8.450  -1.695  7.773   1.00 49.11 ? 262 HIS A O   1 
ATOM   1245 C  CB  . HIS A 1 171 ? -7.921  0.878   5.814   1.00 40.96 ? 262 HIS A CB  1 
ATOM   1246 C  CG  . HIS A 1 171 ? -7.679  1.472   4.469   1.00 37.72 ? 262 HIS A CG  1 
ATOM   1247 N  ND1 . HIS A 1 171 ? -8.687  2.004   3.697   1.00 37.77 ? 262 HIS A ND1 1 
ATOM   1248 C  CD2 . HIS A 1 171 ? -6.540  1.591   3.742   1.00 36.83 ? 262 HIS A CD2 1 
ATOM   1249 C  CE1 . HIS A 1 171 ? -8.182  2.427   2.550   1.00 36.13 ? 262 HIS A CE1 1 
ATOM   1250 N  NE2 . HIS A 1 171 ? -6.881  2.193   2.556   1.00 32.77 ? 262 HIS A NE2 1 
HETATM 1251 O  O   . HOH B 2 .   ? -0.387  -9.547  -6.281  1.00 55.22 ? 301 HOH A O   1 
HETATM 1252 O  O   . HOH B 2 .   ? 10.273  -6.165  -2.105  1.00 50.45 ? 302 HOH A O   1 
HETATM 1253 O  O   . HOH B 2 .   ? -2.419  7.731   11.974  1.00 51.24 ? 303 HOH A O   1 
HETATM 1254 O  O   . HOH B 2 .   ? -0.717  -6.294  -7.362  1.00 50.20 ? 304 HOH A O   1 
HETATM 1255 O  O   . HOH B 2 .   ? -1.372  -13.459 6.300   1.00 48.51 ? 305 HOH A O   1 
HETATM 1256 O  O   . HOH B 2 .   ? 9.618   -21.481 -3.307  1.00 45.29 ? 306 HOH A O   1 
HETATM 1257 O  O   . HOH B 2 .   ? -1.235  -11.548 8.467   1.00 50.93 ? 307 HOH A O   1 
HETATM 1258 O  O   . HOH B 2 .   ? 9.062   16.027  -7.734  1.00 48.15 ? 308 HOH A O   1 
HETATM 1259 O  O   . HOH B 2 .   ? 15.019  8.409   -5.722  1.00 51.52 ? 309 HOH A O   1 
HETATM 1260 O  O   . HOH B 2 .   ? -0.346  15.987  -7.591  1.00 39.95 ? 310 HOH A O   1 
HETATM 1261 O  O   . HOH B 2 .   ? -15.336 1.628   -6.959  1.00 49.23 ? 311 HOH A O   1 
HETATM 1262 O  O   . HOH B 2 .   ? -4.475  2.623   -6.472  1.00 35.35 ? 312 HOH A O   1 
HETATM 1263 O  O   . HOH B 2 .   ? -3.198  -18.678 2.357   1.00 52.86 ? 313 HOH A O   1 
HETATM 1264 O  O   . HOH B 2 .   ? 11.450  1.592   -10.108 1.00 28.61 ? 314 HOH A O   1 
HETATM 1265 O  O   . HOH B 2 .   ? 5.604   -22.533 -4.652  1.00 46.39 ? 315 HOH A O   1 
HETATM 1266 O  O   . HOH B 2 .   ? -5.950  -1.797  -18.921 1.00 34.10 ? 316 HOH A O   1 
HETATM 1267 O  O   . HOH B 2 .   ? -0.283  -15.724 -5.667  1.00 41.95 ? 317 HOH A O   1 
HETATM 1268 O  O   . HOH B 2 .   ? -10.973 9.749   -12.002 0.50 36.17 ? 318 HOH A O   1 
HETATM 1269 O  O   . HOH B 2 .   ? -5.018  0.172   -7.555  1.00 37.47 ? 319 HOH A O   1 
HETATM 1270 O  O   . HOH B 2 .   ? -0.807  13.126  7.824   1.00 42.16 ? 320 HOH A O   1 
HETATM 1271 O  O   . HOH B 2 .   ? 13.388  2.002   -3.960  1.00 39.85 ? 321 HOH A O   1 
HETATM 1272 O  O   . HOH B 2 .   ? 9.283   -2.878  3.514   1.00 43.11 ? 322 HOH A O   1 
HETATM 1273 O  O   . HOH B 2 .   ? 10.791  0.606   -0.620  1.00 38.07 ? 323 HOH A O   1 
HETATM 1274 O  O   . HOH B 2 .   ? -6.810  -16.527 -2.765  1.00 54.76 ? 324 HOH A O   1 
HETATM 1275 O  O   . HOH B 2 .   ? 9.615   0.261   -12.021 1.00 27.24 ? 325 HOH A O   1 
HETATM 1276 O  O   . HOH B 2 .   ? 10.681  5.319   5.506   1.00 43.37 ? 326 HOH A O   1 
HETATM 1277 O  O   . HOH B 2 .   ? 13.168  4.120   2.396   1.00 42.93 ? 327 HOH A O   1 
HETATM 1278 O  O   . HOH B 2 .   ? -6.327  -1.023  11.131  1.00 47.26 ? 328 HOH A O   1 
HETATM 1279 O  O   . HOH B 2 .   ? 7.574   -3.781  8.519   1.00 37.70 ? 329 HOH A O   1 
HETATM 1280 O  O   . HOH B 2 .   ? 10.422  -9.106  -2.295  1.00 34.85 ? 330 HOH A O   1 
HETATM 1281 O  O   . HOH B 2 .   ? -11.165 2.066   4.806   1.00 41.45 ? 331 HOH A O   1 
HETATM 1282 O  O   . HOH B 2 .   ? -11.342 1.436   -29.487 1.00 38.45 ? 332 HOH A O   1 
HETATM 1283 O  O   . HOH B 2 .   ? -9.388  -1.160  -5.863  1.00 44.97 ? 333 HOH A O   1 
HETATM 1284 O  O   . HOH B 2 .   ? -1.825  -3.886  -8.383  1.00 39.85 ? 334 HOH A O   1 
HETATM 1285 O  O   . HOH B 2 .   ? -8.703  8.508   6.501   1.00 42.73 ? 335 HOH A O   1 
HETATM 1286 O  O   . HOH B 2 .   ? 1.188   -19.717 -5.964  1.00 47.93 ? 336 HOH A O   1 
HETATM 1287 O  O   . HOH B 2 .   ? 12.284  -0.731  -11.927 1.00 28.40 ? 337 HOH A O   1 
HETATM 1288 O  O   . HOH B 2 .   ? -3.888  5.840   12.735  1.00 46.55 ? 338 HOH A O   1 
HETATM 1289 O  O   . HOH B 2 .   ? -7.717  0.333   -7.311  1.00 40.17 ? 339 HOH A O   1 
HETATM 1290 O  O   . HOH B 2 .   ? 14.243  -4.258  -13.252 1.00 42.12 ? 340 HOH A O   1 
HETATM 1291 O  O   . HOH B 2 .   ? -15.936 6.509   0.113   1.00 43.01 ? 341 HOH A O   1 
HETATM 1292 O  O   . HOH B 2 .   ? 4.187   15.686  -12.276 1.00 44.42 ? 342 HOH A O   1 
HETATM 1293 O  O   . HOH B 2 .   ? 8.648   1.780   -9.593  1.00 27.43 ? 343 HOH A O   1 
HETATM 1294 O  O   . HOH B 2 .   ? -14.161 5.935   2.633   1.00 43.31 ? 344 HOH A O   1 
HETATM 1295 O  O   . HOH B 2 .   ? -10.455 6.158   -12.449 1.00 38.59 ? 345 HOH A O   1 
HETATM 1296 O  O   . HOH B 2 .   ? 5.222   10.474  10.242  1.00 43.62 ? 346 HOH A O   1 
HETATM 1297 O  O   . HOH B 2 .   ? -7.655  21.485  -7.754  1.00 57.27 ? 347 HOH A O   1 
HETATM 1298 O  O   . HOH B 2 .   ? -12.163 -1.700  -0.612  1.00 56.41 ? 348 HOH A O   1 
HETATM 1299 O  O   . HOH B 2 .   ? -6.929  17.684  -0.742  1.00 40.88 ? 349 HOH A O   1 
HETATM 1300 O  O   . HOH B 2 .   ? 11.522  -2.512  -4.153  1.00 45.59 ? 350 HOH A O   1 
HETATM 1301 O  O   . HOH B 2 .   ? 2.944   2.436   -13.094 1.00 27.59 ? 351 HOH A O   1 
HETATM 1302 O  O   . HOH B 2 .   ? 1.315   -18.366 0.691   1.00 41.87 ? 352 HOH A O   1 
HETATM 1303 O  O   . HOH B 2 .   ? 5.708   -18.287 -11.059 1.00 38.35 ? 353 HOH A O   1 
HETATM 1304 O  O   . HOH B 2 .   ? 12.169  -0.380  -8.253  1.00 30.34 ? 354 HOH A O   1 
HETATM 1305 O  O   . HOH B 2 .   ? -15.464 0.187   -3.603  1.00 59.28 ? 355 HOH A O   1 
HETATM 1306 O  O   . HOH B 2 .   ? 16.738  6.188   -7.854  1.00 45.57 ? 356 HOH A O   1 
HETATM 1307 O  O   . HOH B 2 .   ? 13.602  7.025   1.555   1.00 45.05 ? 357 HOH A O   1 
HETATM 1308 O  O   . HOH B 2 .   ? 10.333  -4.717  9.338   1.00 46.77 ? 358 HOH A O   1 
HETATM 1309 O  O   . HOH B 2 .   ? -3.792  -14.081 -3.188  1.00 44.38 ? 359 HOH A O   1 
HETATM 1310 O  O   . HOH B 2 .   ? -9.065  1.481   10.870  1.00 54.20 ? 360 HOH A O   1 
HETATM 1311 O  O   . HOH B 2 .   ? -4.194  -16.736 4.335   1.00 49.87 ? 361 HOH A O   1 
HETATM 1312 O  O   . HOH B 2 .   ? 0.037   13.769  -13.701 1.00 47.24 ? 362 HOH A O   1 
HETATM 1313 O  O   . HOH B 2 .   ? 1.822   -7.426  -6.455  1.00 44.99 ? 363 HOH A O   1 
HETATM 1314 O  O   . HOH B 2 .   ? 7.453   -10.715 4.736   1.00 39.54 ? 364 HOH A O   1 
HETATM 1315 O  O   . HOH B 2 .   ? -13.587 12.654  3.678   1.00 47.24 ? 365 HOH A O   1 
HETATM 1316 O  O   . HOH B 2 .   ? -7.074  2.769   9.206   1.00 34.98 ? 366 HOH A O   1 
HETATM 1317 O  O   . HOH B 2 .   ? -9.831  8.934   10.975  1.00 49.26 ? 367 HOH A O   1 
HETATM 1318 O  O   . HOH B 2 .   ? 8.368   16.363  -2.417  1.00 45.68 ? 368 HOH A O   1 
HETATM 1319 O  O   . HOH B 2 .   ? -13.322 3.758   4.333   1.00 48.83 ? 369 HOH A O   1 
HETATM 1320 O  O   . HOH B 2 .   ? 11.347  1.117   -12.212 0.50 21.58 ? 370 HOH A O   1 
HETATM 1321 O  O   . HOH B 2 .   ? -6.822  -16.917 4.384   1.00 52.41 ? 371 HOH A O   1 
HETATM 1322 O  O   . HOH B 2 .   ? -1.379  -13.648 -4.544  1.00 43.28 ? 372 HOH A O   1 
HETATM 1323 O  O   . HOH B 2 .   ? 14.687  -1.017  -10.550 1.00 36.50 ? 373 HOH A O   1 
HETATM 1324 O  O   . HOH B 2 .   ? -6.934  -9.159  -14.985 1.00 58.49 ? 374 HOH A O   1 
HETATM 1325 O  O   . HOH B 2 .   ? -9.601  6.979   8.818   1.00 47.64 ? 375 HOH A O   1 
HETATM 1326 O  O   . HOH B 2 .   ? -15.389 11.303  -17.797 1.00 51.87 ? 376 HOH A O   1 
HETATM 1327 O  O   . HOH B 2 .   ? -0.370  -19.439 2.627   1.00 56.74 ? 377 HOH A O   1 
HETATM 1328 O  O   . HOH B 2 .   ? 14.021  0.855   -6.379  1.00 40.95 ? 378 HOH A O   1 
HETATM 1329 O  O   . HOH B 2 .   ? -16.587 9.493   -5.918  1.00 50.82 ? 379 HOH A O   1 
HETATM 1330 O  O   . HOH B 2 .   ? -8.797  4.875   10.000  1.00 48.65 ? 380 HOH A O   1 
HETATM 1331 O  O   . HOH B 2 .   ? -8.374  -8.805  -13.707 1.00 62.57 ? 381 HOH A O   1 
# 
